data_1RFY
# 
_entry.id   1RFY 
# 
_audit_conform.dict_name       mmcif_pdbx.dic 
_audit_conform.dict_version    5.386 
_audit_conform.dict_location   http://mmcif.pdb.org/dictionaries/ascii/mmcif_pdbx.dic 
# 
loop_
_database_2.database_id 
_database_2.database_code 
_database_2.pdbx_database_accession 
_database_2.pdbx_DOI 
PDB   1RFY         pdb_00001rfy 10.2210/pdb1rfy/pdb 
RCSB  RCSB020714   ?            ?                   
WWPDB D_1000020714 ?            ?                   
# 
loop_
_pdbx_audit_revision_history.ordinal 
_pdbx_audit_revision_history.data_content_type 
_pdbx_audit_revision_history.major_revision 
_pdbx_audit_revision_history.minor_revision 
_pdbx_audit_revision_history.revision_date 
1 'Structure model' 1 0 2004-11-23 
2 'Structure model' 1 1 2008-04-29 
3 'Structure model' 1 2 2011-07-13 
4 'Structure model' 1 3 2017-10-11 
5 'Structure model' 1 4 2024-02-14 
# 
_pdbx_audit_revision_details.ordinal             1 
_pdbx_audit_revision_details.revision_ordinal    1 
_pdbx_audit_revision_details.data_content_type   'Structure model' 
_pdbx_audit_revision_details.provider            repository 
_pdbx_audit_revision_details.type                'Initial release' 
_pdbx_audit_revision_details.description         ? 
_pdbx_audit_revision_details.details             ? 
# 
loop_
_pdbx_audit_revision_group.ordinal 
_pdbx_audit_revision_group.revision_ordinal 
_pdbx_audit_revision_group.data_content_type 
_pdbx_audit_revision_group.group 
1 2 'Structure model' 'Version format compliance' 
2 3 'Structure model' 'Derived calculations'      
3 3 'Structure model' 'Version format compliance' 
4 4 'Structure model' 'Refinement description'    
5 5 'Structure model' 'Data collection'           
6 5 'Structure model' 'Database references'       
# 
loop_
_pdbx_audit_revision_category.ordinal 
_pdbx_audit_revision_category.revision_ordinal 
_pdbx_audit_revision_category.data_content_type 
_pdbx_audit_revision_category.category 
1 4 'Structure model' software           
2 5 'Structure model' chem_comp_atom     
3 5 'Structure model' chem_comp_bond     
4 5 'Structure model' database_2         
5 5 'Structure model' struct_ref_seq_dif 
# 
loop_
_pdbx_audit_revision_item.ordinal 
_pdbx_audit_revision_item.revision_ordinal 
_pdbx_audit_revision_item.data_content_type 
_pdbx_audit_revision_item.item 
1 5 'Structure model' '_database_2.pdbx_DOI'                
2 5 'Structure model' '_database_2.pdbx_database_accession' 
3 5 'Structure model' '_struct_ref_seq_dif.details'         
# 
_pdbx_database_status.status_code                     REL 
_pdbx_database_status.entry_id                        1RFY 
_pdbx_database_status.recvd_initial_deposition_date   2003-11-10 
_pdbx_database_status.deposit_site                    RCSB 
_pdbx_database_status.process_site                    RCSB 
_pdbx_database_status.status_code_sf                  REL 
_pdbx_database_status.SG_entry                        . 
_pdbx_database_status.pdb_format_compatible           Y 
_pdbx_database_status.status_code_mr                  ? 
_pdbx_database_status.status_code_cs                  ? 
_pdbx_database_status.methods_development_category    ? 
_pdbx_database_status.status_code_nmr_data            ? 
# 
loop_
_audit_author.name 
_audit_author.pdbx_ordinal 
'Chen, G.'       1 
'Malenkos, J.W.' 2 
'Cha, M.R.'      3 
'Fuqua, C.'      4 
'Chen, L.'       5 
# 
_citation.id                        primary 
_citation.title                     'Quorum-sensing antiactivator TraM forms a dimer that dissociates to inhibit TraR' 
_citation.journal_abbrev            Mol.Microbiol. 
_citation.journal_volume            52 
_citation.page_first                1641 
_citation.page_last                 1651 
_citation.year                      2004 
_citation.journal_id_ASTM           MOMIEE 
_citation.country                   UK 
_citation.journal_id_ISSN           0950-382X 
_citation.journal_id_CSD            2007 
_citation.book_publisher            ? 
_citation.pdbx_database_id_PubMed   15186414 
_citation.pdbx_database_id_DOI      10.1111/j.1365-2958.2004.04110.x 
# 
loop_
_citation_author.citation_id 
_citation_author.name 
_citation_author.ordinal 
_citation_author.identifier_ORCID 
primary 'Chen, G.'       1 ? 
primary 'Malenkos, J.W.' 2 ? 
primary 'Cha, M.R.'      3 ? 
primary 'Fuqua, C.'      4 ? 
primary 'Chen, L.'       5 ? 
# 
loop_
_entity.id 
_entity.type 
_entity.src_method 
_entity.pdbx_description 
_entity.formula_weight 
_entity.pdbx_number_of_molecules 
_entity.pdbx_ec 
_entity.pdbx_mutation 
_entity.pdbx_fragment 
_entity.details 
1 polymer man 'Transcriptional repressor traM' 11365.187 2   ? ? ? ? 
2 water   nat water                            18.015    230 ? ? ? ? 
# 
_entity_name_com.entity_id   1 
_entity_name_com.name        'Quorum-sensing antiactivator TraM; traM protein' 
# 
_entity_poly.entity_id                      1 
_entity_poly.type                           'polypeptide(L)' 
_entity_poly.nstd_linkage                   no 
_entity_poly.nstd_monomer                   no 
_entity_poly.pdbx_seq_one_letter_code       
;MELEDANVTKKVELRPLIGLTRGLPPTDLETITIDAIRTHRRLVEKADELFQALPETYKTGQACGGPQHIRYIEASIEMH
AQMSALNTLISILGFIPKVVVN
;
_entity_poly.pdbx_seq_one_letter_code_can   
;MELEDANVTKKVELRPLIGLTRGLPPTDLETITIDAIRTHRRLVEKADELFQALPETYKTGQACGGPQHIRYIEASIEMH
AQMSALNTLISILGFIPKVVVN
;
_entity_poly.pdbx_strand_id                 A,B 
_entity_poly.pdbx_target_identifier         ? 
# 
_pdbx_entity_nonpoly.entity_id   2 
_pdbx_entity_nonpoly.name        water 
_pdbx_entity_nonpoly.comp_id     HOH 
# 
loop_
_entity_poly_seq.entity_id 
_entity_poly_seq.num 
_entity_poly_seq.mon_id 
_entity_poly_seq.hetero 
1 1   MET n 
1 2   GLU n 
1 3   LEU n 
1 4   GLU n 
1 5   ASP n 
1 6   ALA n 
1 7   ASN n 
1 8   VAL n 
1 9   THR n 
1 10  LYS n 
1 11  LYS n 
1 12  VAL n 
1 13  GLU n 
1 14  LEU n 
1 15  ARG n 
1 16  PRO n 
1 17  LEU n 
1 18  ILE n 
1 19  GLY n 
1 20  LEU n 
1 21  THR n 
1 22  ARG n 
1 23  GLY n 
1 24  LEU n 
1 25  PRO n 
1 26  PRO n 
1 27  THR n 
1 28  ASP n 
1 29  LEU n 
1 30  GLU n 
1 31  THR n 
1 32  ILE n 
1 33  THR n 
1 34  ILE n 
1 35  ASP n 
1 36  ALA n 
1 37  ILE n 
1 38  ARG n 
1 39  THR n 
1 40  HIS n 
1 41  ARG n 
1 42  ARG n 
1 43  LEU n 
1 44  VAL n 
1 45  GLU n 
1 46  LYS n 
1 47  ALA n 
1 48  ASP n 
1 49  GLU n 
1 50  LEU n 
1 51  PHE n 
1 52  GLN n 
1 53  ALA n 
1 54  LEU n 
1 55  PRO n 
1 56  GLU n 
1 57  THR n 
1 58  TYR n 
1 59  LYS n 
1 60  THR n 
1 61  GLY n 
1 62  GLN n 
1 63  ALA n 
1 64  CYS n 
1 65  GLY n 
1 66  GLY n 
1 67  PRO n 
1 68  GLN n 
1 69  HIS n 
1 70  ILE n 
1 71  ARG n 
1 72  TYR n 
1 73  ILE n 
1 74  GLU n 
1 75  ALA n 
1 76  SER n 
1 77  ILE n 
1 78  GLU n 
1 79  MET n 
1 80  HIS n 
1 81  ALA n 
1 82  GLN n 
1 83  MET n 
1 84  SER n 
1 85  ALA n 
1 86  LEU n 
1 87  ASN n 
1 88  THR n 
1 89  LEU n 
1 90  ILE n 
1 91  SER n 
1 92  ILE n 
1 93  LEU n 
1 94  GLY n 
1 95  PHE n 
1 96  ILE n 
1 97  PRO n 
1 98  LYS n 
1 99  VAL n 
1 100 VAL n 
1 101 VAL n 
1 102 ASN n 
# 
_entity_src_gen.entity_id                          1 
_entity_src_gen.pdbx_src_id                        1 
_entity_src_gen.pdbx_alt_source_flag               sample 
_entity_src_gen.pdbx_seq_type                      ? 
_entity_src_gen.pdbx_beg_seq_num                   ? 
_entity_src_gen.pdbx_end_seq_num                   ? 
_entity_src_gen.gene_src_common_name               ? 
_entity_src_gen.gene_src_genus                     Agrobacterium 
_entity_src_gen.pdbx_gene_src_gene                 traM 
_entity_src_gen.gene_src_species                   ? 
_entity_src_gen.gene_src_strain                    ? 
_entity_src_gen.gene_src_tissue                    ? 
_entity_src_gen.gene_src_tissue_fraction           ? 
_entity_src_gen.gene_src_details                   ? 
_entity_src_gen.pdbx_gene_src_fragment             ? 
_entity_src_gen.pdbx_gene_src_scientific_name      'Agrobacterium tumefaciens' 
_entity_src_gen.pdbx_gene_src_ncbi_taxonomy_id     358 
_entity_src_gen.pdbx_gene_src_variant              ? 
_entity_src_gen.pdbx_gene_src_cell_line            ? 
_entity_src_gen.pdbx_gene_src_atcc                 ? 
_entity_src_gen.pdbx_gene_src_organ                ? 
_entity_src_gen.pdbx_gene_src_organelle            ? 
_entity_src_gen.pdbx_gene_src_cell                 ? 
_entity_src_gen.pdbx_gene_src_cellular_location    ? 
_entity_src_gen.host_org_common_name               ? 
_entity_src_gen.pdbx_host_org_scientific_name      'Escherichia coli' 
_entity_src_gen.pdbx_host_org_ncbi_taxonomy_id     562 
_entity_src_gen.host_org_genus                     Escherichia 
_entity_src_gen.pdbx_host_org_gene                 ? 
_entity_src_gen.pdbx_host_org_organ                ? 
_entity_src_gen.host_org_species                   ? 
_entity_src_gen.pdbx_host_org_tissue               ? 
_entity_src_gen.pdbx_host_org_tissue_fraction      ? 
_entity_src_gen.pdbx_host_org_strain               'BL21DE3 K12' 
_entity_src_gen.pdbx_host_org_variant              ? 
_entity_src_gen.pdbx_host_org_cell_line            ? 
_entity_src_gen.pdbx_host_org_atcc                 ? 
_entity_src_gen.pdbx_host_org_culture_collection   ? 
_entity_src_gen.pdbx_host_org_cell                 ? 
_entity_src_gen.pdbx_host_org_organelle            ? 
_entity_src_gen.pdbx_host_org_cellular_location    ? 
_entity_src_gen.pdbx_host_org_vector_type          plasmid 
_entity_src_gen.pdbx_host_org_vector               ? 
_entity_src_gen.host_org_details                   ? 
_entity_src_gen.expression_system_id               ? 
_entity_src_gen.plasmid_name                       pET15b 
_entity_src_gen.plasmid_details                    ? 
_entity_src_gen.pdbx_description                   ? 
# 
loop_
_chem_comp.id 
_chem_comp.type 
_chem_comp.mon_nstd_flag 
_chem_comp.name 
_chem_comp.pdbx_synonyms 
_chem_comp.formula 
_chem_comp.formula_weight 
ALA 'L-peptide linking' y ALANINE         ? 'C3 H7 N O2'     89.093  
ARG 'L-peptide linking' y ARGININE        ? 'C6 H15 N4 O2 1' 175.209 
ASN 'L-peptide linking' y ASPARAGINE      ? 'C4 H8 N2 O3'    132.118 
ASP 'L-peptide linking' y 'ASPARTIC ACID' ? 'C4 H7 N O4'     133.103 
CYS 'L-peptide linking' y CYSTEINE        ? 'C3 H7 N O2 S'   121.158 
GLN 'L-peptide linking' y GLUTAMINE       ? 'C5 H10 N2 O3'   146.144 
GLU 'L-peptide linking' y 'GLUTAMIC ACID' ? 'C5 H9 N O4'     147.129 
GLY 'peptide linking'   y GLYCINE         ? 'C2 H5 N O2'     75.067  
HIS 'L-peptide linking' y HISTIDINE       ? 'C6 H10 N3 O2 1' 156.162 
HOH non-polymer         . WATER           ? 'H2 O'           18.015  
ILE 'L-peptide linking' y ISOLEUCINE      ? 'C6 H13 N O2'    131.173 
LEU 'L-peptide linking' y LEUCINE         ? 'C6 H13 N O2'    131.173 
LYS 'L-peptide linking' y LYSINE          ? 'C6 H15 N2 O2 1' 147.195 
MET 'L-peptide linking' y METHIONINE      ? 'C5 H11 N O2 S'  149.211 
PHE 'L-peptide linking' y PHENYLALANINE   ? 'C9 H11 N O2'    165.189 
PRO 'L-peptide linking' y PROLINE         ? 'C5 H9 N O2'     115.130 
SER 'L-peptide linking' y SERINE          ? 'C3 H7 N O3'     105.093 
THR 'L-peptide linking' y THREONINE       ? 'C4 H9 N O3'     119.119 
TYR 'L-peptide linking' y TYROSINE        ? 'C9 H11 N O3'    181.189 
VAL 'L-peptide linking' y VALINE          ? 'C5 H11 N O2'    117.146 
# 
loop_
_pdbx_poly_seq_scheme.asym_id 
_pdbx_poly_seq_scheme.entity_id 
_pdbx_poly_seq_scheme.seq_id 
_pdbx_poly_seq_scheme.mon_id 
_pdbx_poly_seq_scheme.ndb_seq_num 
_pdbx_poly_seq_scheme.pdb_seq_num 
_pdbx_poly_seq_scheme.auth_seq_num 
_pdbx_poly_seq_scheme.pdb_mon_id 
_pdbx_poly_seq_scheme.auth_mon_id 
_pdbx_poly_seq_scheme.pdb_strand_id 
_pdbx_poly_seq_scheme.pdb_ins_code 
_pdbx_poly_seq_scheme.hetero 
A 1 1   MET 1   1   ?  ?   ?   A . n 
A 1 2   GLU 2   2   ?  ?   ?   A . n 
A 1 3   LEU 3   3   ?  ?   ?   A . n 
A 1 4   GLU 4   4   ?  ?   ?   A . n 
A 1 5   ASP 5   5   ?  ?   ?   A . n 
A 1 6   ALA 6   6   ?  ?   ?   A . n 
A 1 7   ASN 7   7   ?  ?   ?   A . n 
A 1 8   VAL 8   8   ?  ?   ?   A . n 
A 1 9   THR 9   9   ?  ?   ?   A . n 
A 1 10  LYS 10  10  10 LYS LYS A . n 
A 1 11  LYS 11  11  11 LYS LYS A . n 
A 1 12  VAL 12  12  12 VAL VAL A . n 
A 1 13  GLU 13  13  13 GLU GLU A . n 
A 1 14  LEU 14  14  14 LEU LEU A . n 
A 1 15  ARG 15  15  15 ARG ARG A . n 
A 1 16  PRO 16  16  16 PRO PRO A . n 
A 1 17  LEU 17  17  17 LEU LEU A . n 
A 1 18  ILE 18  18  18 ILE ILE A . n 
A 1 19  GLY 19  19  19 GLY GLY A . n 
A 1 20  LEU 20  20  20 LEU LEU A . n 
A 1 21  THR 21  21  21 THR THR A . n 
A 1 22  ARG 22  22  22 ARG ARG A . n 
A 1 23  GLY 23  23  23 GLY GLY A . n 
A 1 24  LEU 24  24  24 LEU LEU A . n 
A 1 25  PRO 25  25  25 PRO PRO A . n 
A 1 26  PRO 26  26  26 PRO PRO A . n 
A 1 27  THR 27  27  27 THR THR A . n 
A 1 28  ASP 28  28  28 ASP ASP A . n 
A 1 29  LEU 29  29  29 LEU LEU A . n 
A 1 30  GLU 30  30  30 GLU GLU A . n 
A 1 31  THR 31  31  31 THR THR A . n 
A 1 32  ILE 32  32  32 ILE ILE A . n 
A 1 33  THR 33  33  33 THR THR A . n 
A 1 34  ILE 34  34  34 ILE ILE A . n 
A 1 35  ASP 35  35  35 ASP ASP A . n 
A 1 36  ALA 36  36  36 ALA ALA A . n 
A 1 37  ILE 37  37  37 ILE ILE A . n 
A 1 38  ARG 38  38  38 ARG ARG A . n 
A 1 39  THR 39  39  39 THR THR A . n 
A 1 40  HIS 40  40  40 HIS HIS A . n 
A 1 41  ARG 41  41  41 ARG ARG A . n 
A 1 42  ARG 42  42  42 ARG ARG A . n 
A 1 43  LEU 43  43  43 LEU LEU A . n 
A 1 44  VAL 44  44  44 VAL VAL A . n 
A 1 45  GLU 45  45  45 GLU GLU A . n 
A 1 46  LYS 46  46  46 LYS LYS A . n 
A 1 47  ALA 47  47  47 ALA ALA A . n 
A 1 48  ASP 48  48  48 ASP ASP A . n 
A 1 49  GLU 49  49  49 GLU GLU A . n 
A 1 50  LEU 50  50  50 LEU LEU A . n 
A 1 51  PHE 51  51  51 PHE PHE A . n 
A 1 52  GLN 52  52  52 GLN GLN A . n 
A 1 53  ALA 53  53  53 ALA ALA A . n 
A 1 54  LEU 54  54  54 LEU LEU A . n 
A 1 55  PRO 55  55  55 PRO PRO A . n 
A 1 56  GLU 56  56  56 GLU GLU A . n 
A 1 57  THR 57  57  57 THR THR A . n 
A 1 58  TYR 58  58  58 TYR TYR A . n 
A 1 59  LYS 59  59  59 LYS LYS A . n 
A 1 60  THR 60  60  60 THR THR A . n 
A 1 61  GLY 61  61  61 GLY GLY A . n 
A 1 62  GLN 62  62  62 GLN GLN A . n 
A 1 63  ALA 63  63  63 ALA ALA A . n 
A 1 64  CYS 64  64  64 CYS CYS A . n 
A 1 65  GLY 65  65  65 GLY GLY A . n 
A 1 66  GLY 66  66  66 GLY GLY A . n 
A 1 67  PRO 67  67  67 PRO PRO A . n 
A 1 68  GLN 68  68  68 GLN GLN A . n 
A 1 69  HIS 69  69  69 HIS HIS A . n 
A 1 70  ILE 70  70  70 ILE ILE A . n 
A 1 71  ARG 71  71  71 ARG ARG A . n 
A 1 72  TYR 72  72  72 TYR TYR A . n 
A 1 73  ILE 73  73  73 ILE ILE A . n 
A 1 74  GLU 74  74  74 GLU GLU A . n 
A 1 75  ALA 75  75  75 ALA ALA A . n 
A 1 76  SER 76  76  76 SER SER A . n 
A 1 77  ILE 77  77  77 ILE ILE A . n 
A 1 78  GLU 78  78  78 GLU GLU A . n 
A 1 79  MET 79  79  79 MET MET A . n 
A 1 80  HIS 80  80  80 HIS HIS A . n 
A 1 81  ALA 81  81  81 ALA ALA A . n 
A 1 82  GLN 82  82  82 GLN GLN A . n 
A 1 83  MET 83  83  83 MET MET A . n 
A 1 84  SER 84  84  84 SER SER A . n 
A 1 85  ALA 85  85  85 ALA ALA A . n 
A 1 86  LEU 86  86  86 LEU LEU A . n 
A 1 87  ASN 87  87  87 ASN ASN A . n 
A 1 88  THR 88  88  88 THR THR A . n 
A 1 89  LEU 89  89  89 LEU LEU A . n 
A 1 90  ILE 90  90  90 ILE ILE A . n 
A 1 91  SER 91  91  91 SER SER A . n 
A 1 92  ILE 92  92  92 ILE ILE A . n 
A 1 93  LEU 93  93  93 LEU LEU A . n 
A 1 94  GLY 94  94  94 GLY GLY A . n 
A 1 95  PHE 95  95  95 PHE PHE A . n 
A 1 96  ILE 96  96  96 ILE ILE A . n 
A 1 97  PRO 97  97  97 PRO PRO A . n 
A 1 98  LYS 98  98  98 LYS LYS A . n 
A 1 99  VAL 99  99  ?  ?   ?   A . n 
A 1 100 VAL 100 100 ?  ?   ?   A . n 
A 1 101 VAL 101 101 ?  ?   ?   A . n 
A 1 102 ASN 102 102 ?  ?   ?   A . n 
B 1 1   MET 1   1   ?  ?   ?   B . n 
B 1 2   GLU 2   2   ?  ?   ?   B . n 
B 1 3   LEU 3   3   ?  ?   ?   B . n 
B 1 4   GLU 4   4   ?  ?   ?   B . n 
B 1 5   ASP 5   5   ?  ?   ?   B . n 
B 1 6   ALA 6   6   ?  ?   ?   B . n 
B 1 7   ASN 7   7   ?  ?   ?   B . n 
B 1 8   VAL 8   8   ?  ?   ?   B . n 
B 1 9   THR 9   9   ?  ?   ?   B . n 
B 1 10  LYS 10  10  ?  ?   ?   B . n 
B 1 11  LYS 11  11  ?  ?   ?   B . n 
B 1 12  VAL 12  12  12 VAL VAL B . n 
B 1 13  GLU 13  13  13 GLU GLU B . n 
B 1 14  LEU 14  14  14 LEU LEU B . n 
B 1 15  ARG 15  15  15 ARG ARG B . n 
B 1 16  PRO 16  16  16 PRO PRO B . n 
B 1 17  LEU 17  17  17 LEU LEU B . n 
B 1 18  ILE 18  18  18 ILE ILE B . n 
B 1 19  GLY 19  19  19 GLY GLY B . n 
B 1 20  LEU 20  20  20 LEU LEU B . n 
B 1 21  THR 21  21  21 THR THR B . n 
B 1 22  ARG 22  22  22 ARG ARG B . n 
B 1 23  GLY 23  23  23 GLY GLY B . n 
B 1 24  LEU 24  24  24 LEU LEU B . n 
B 1 25  PRO 25  25  25 PRO PRO B . n 
B 1 26  PRO 26  26  26 PRO PRO B . n 
B 1 27  THR 27  27  27 THR THR B . n 
B 1 28  ASP 28  28  28 ASP ASP B . n 
B 1 29  LEU 29  29  29 LEU LEU B . n 
B 1 30  GLU 30  30  30 GLU GLU B . n 
B 1 31  THR 31  31  31 THR THR B . n 
B 1 32  ILE 32  32  32 ILE ILE B . n 
B 1 33  THR 33  33  33 THR THR B . n 
B 1 34  ILE 34  34  34 ILE ILE B . n 
B 1 35  ASP 35  35  35 ASP ASP B . n 
B 1 36  ALA 36  36  36 ALA ALA B . n 
B 1 37  ILE 37  37  37 ILE ILE B . n 
B 1 38  ARG 38  38  38 ARG ARG B . n 
B 1 39  THR 39  39  39 THR THR B . n 
B 1 40  HIS 40  40  40 HIS HIS B . n 
B 1 41  ARG 41  41  41 ARG ARG B . n 
B 1 42  ARG 42  42  42 ARG ARG B . n 
B 1 43  LEU 43  43  43 LEU LEU B . n 
B 1 44  VAL 44  44  44 VAL VAL B . n 
B 1 45  GLU 45  45  45 GLU GLU B . n 
B 1 46  LYS 46  46  46 LYS LYS B . n 
B 1 47  ALA 47  47  47 ALA ALA B . n 
B 1 48  ASP 48  48  48 ASP ASP B . n 
B 1 49  GLU 49  49  49 GLU GLU B . n 
B 1 50  LEU 50  50  50 LEU LEU B . n 
B 1 51  PHE 51  51  51 PHE PHE B . n 
B 1 52  GLN 52  52  52 GLN GLN B . n 
B 1 53  ALA 53  53  53 ALA ALA B . n 
B 1 54  LEU 54  54  54 LEU LEU B . n 
B 1 55  PRO 55  55  55 PRO PRO B . n 
B 1 56  GLU 56  56  56 GLU GLU B . n 
B 1 57  THR 57  57  57 THR THR B . n 
B 1 58  TYR 58  58  58 TYR TYR B . n 
B 1 59  LYS 59  59  59 LYS LYS B . n 
B 1 60  THR 60  60  60 THR THR B . n 
B 1 61  GLY 61  61  61 GLY GLY B . n 
B 1 62  GLN 62  62  62 GLN GLN B . n 
B 1 63  ALA 63  63  63 ALA ALA B . n 
B 1 64  CYS 64  64  64 CYS CYS B . n 
B 1 65  GLY 65  65  65 GLY GLY B . n 
B 1 66  GLY 66  66  66 GLY GLY B . n 
B 1 67  PRO 67  67  67 PRO PRO B . n 
B 1 68  GLN 68  68  68 GLN GLN B . n 
B 1 69  HIS 69  69  69 HIS HIS B . n 
B 1 70  ILE 70  70  70 ILE ILE B . n 
B 1 71  ARG 71  71  71 ARG ARG B . n 
B 1 72  TYR 72  72  72 TYR TYR B . n 
B 1 73  ILE 73  73  73 ILE ILE B . n 
B 1 74  GLU 74  74  74 GLU GLU B . n 
B 1 75  ALA 75  75  75 ALA ALA B . n 
B 1 76  SER 76  76  76 SER SER B . n 
B 1 77  ILE 77  77  77 ILE ILE B . n 
B 1 78  GLU 78  78  78 GLU GLU B . n 
B 1 79  MET 79  79  79 MET MET B . n 
B 1 80  HIS 80  80  80 HIS HIS B . n 
B 1 81  ALA 81  81  81 ALA ALA B . n 
B 1 82  GLN 82  82  82 GLN GLN B . n 
B 1 83  MET 83  83  83 MET MET B . n 
B 1 84  SER 84  84  84 SER SER B . n 
B 1 85  ALA 85  85  85 ALA ALA B . n 
B 1 86  LEU 86  86  86 LEU LEU B . n 
B 1 87  ASN 87  87  87 ASN ASN B . n 
B 1 88  THR 88  88  88 THR THR B . n 
B 1 89  LEU 89  89  89 LEU LEU B . n 
B 1 90  ILE 90  90  90 ILE ILE B . n 
B 1 91  SER 91  91  91 SER SER B . n 
B 1 92  ILE 92  92  92 ILE ILE B . n 
B 1 93  LEU 93  93  93 LEU LEU B . n 
B 1 94  GLY 94  94  94 GLY GLY B . n 
B 1 95  PHE 95  95  95 PHE PHE B . n 
B 1 96  ILE 96  96  96 ILE ILE B . n 
B 1 97  PRO 97  97  97 PRO PRO B . n 
B 1 98  LYS 98  98  98 LYS LYS B . n 
B 1 99  VAL 99  99  99 VAL VAL B . n 
B 1 100 VAL 100 100 ?  ?   ?   B . n 
B 1 101 VAL 101 101 ?  ?   ?   B . n 
B 1 102 ASN 102 102 ?  ?   ?   B . n 
# 
loop_
_pdbx_nonpoly_scheme.asym_id 
_pdbx_nonpoly_scheme.entity_id 
_pdbx_nonpoly_scheme.mon_id 
_pdbx_nonpoly_scheme.ndb_seq_num 
_pdbx_nonpoly_scheme.pdb_seq_num 
_pdbx_nonpoly_scheme.auth_seq_num 
_pdbx_nonpoly_scheme.pdb_mon_id 
_pdbx_nonpoly_scheme.auth_mon_id 
_pdbx_nonpoly_scheme.pdb_strand_id 
_pdbx_nonpoly_scheme.pdb_ins_code 
C 2 HOH 1   103 4   HOH HOH A . 
C 2 HOH 2   104 6   HOH HOH A . 
C 2 HOH 3   105 7   HOH HOH A . 
C 2 HOH 4   106 8   HOH HOH A . 
C 2 HOH 5   107 9   HOH HOH A . 
C 2 HOH 6   108 13  HOH HOH A . 
C 2 HOH 7   109 14  HOH HOH A . 
C 2 HOH 8   110 15  HOH HOH A . 
C 2 HOH 9   111 18  HOH HOH A . 
C 2 HOH 10  112 20  HOH HOH A . 
C 2 HOH 11  113 22  HOH HOH A . 
C 2 HOH 12  114 24  HOH HOH A . 
C 2 HOH 13  115 26  HOH HOH A . 
C 2 HOH 14  116 29  HOH HOH A . 
C 2 HOH 15  117 31  HOH HOH A . 
C 2 HOH 16  118 32  HOH HOH A . 
C 2 HOH 17  119 37  HOH HOH A . 
C 2 HOH 18  120 38  HOH HOH A . 
C 2 HOH 19  121 42  HOH HOH A . 
C 2 HOH 20  122 43  HOH HOH A . 
C 2 HOH 21  123 45  HOH HOH A . 
C 2 HOH 22  124 46  HOH HOH A . 
C 2 HOH 23  125 48  HOH HOH A . 
C 2 HOH 24  126 49  HOH HOH A . 
C 2 HOH 25  127 51  HOH HOH A . 
C 2 HOH 26  128 53  HOH HOH A . 
C 2 HOH 27  129 54  HOH HOH A . 
C 2 HOH 28  130 55  HOH HOH A . 
C 2 HOH 29  131 56  HOH HOH A . 
C 2 HOH 30  132 57  HOH HOH A . 
C 2 HOH 31  133 60  HOH HOH A . 
C 2 HOH 32  134 61  HOH HOH A . 
C 2 HOH 33  135 68  HOH HOH A . 
C 2 HOH 34  136 69  HOH HOH A . 
C 2 HOH 35  137 71  HOH HOH A . 
C 2 HOH 36  138 75  HOH HOH A . 
C 2 HOH 37  139 76  HOH HOH A . 
C 2 HOH 38  140 77  HOH HOH A . 
C 2 HOH 39  141 80  HOH HOH A . 
C 2 HOH 40  142 83  HOH HOH A . 
C 2 HOH 41  143 84  HOH HOH A . 
C 2 HOH 42  144 86  HOH HOH A . 
C 2 HOH 43  145 87  HOH HOH A . 
C 2 HOH 44  146 91  HOH HOH A . 
C 2 HOH 45  147 92  HOH HOH A . 
C 2 HOH 46  148 95  HOH HOH A . 
C 2 HOH 47  149 97  HOH HOH A . 
C 2 HOH 48  150 100 HOH HOH A . 
C 2 HOH 49  151 102 HOH HOH A . 
C 2 HOH 50  152 105 HOH HOH A . 
C 2 HOH 51  153 106 HOH HOH A . 
C 2 HOH 52  154 109 HOH HOH A . 
C 2 HOH 53  155 111 HOH HOH A . 
C 2 HOH 54  156 112 HOH HOH A . 
C 2 HOH 55  157 113 HOH HOH A . 
C 2 HOH 56  158 115 HOH HOH A . 
C 2 HOH 57  159 116 HOH HOH A . 
C 2 HOH 58  160 125 HOH HOH A . 
C 2 HOH 59  161 131 HOH HOH A . 
C 2 HOH 60  162 134 HOH HOH A . 
C 2 HOH 61  163 135 HOH HOH A . 
C 2 HOH 62  164 137 HOH HOH A . 
C 2 HOH 63  165 139 HOH HOH A . 
C 2 HOH 64  166 142 HOH HOH A . 
C 2 HOH 65  167 143 HOH HOH A . 
C 2 HOH 66  168 146 HOH HOH A . 
C 2 HOH 67  169 159 HOH HOH A . 
C 2 HOH 68  170 167 HOH HOH A . 
C 2 HOH 69  171 168 HOH HOH A . 
C 2 HOH 70  172 169 HOH HOH A . 
C 2 HOH 71  173 172 HOH HOH A . 
C 2 HOH 72  174 174 HOH HOH A . 
C 2 HOH 73  175 175 HOH HOH A . 
C 2 HOH 74  176 176 HOH HOH A . 
C 2 HOH 75  177 178 HOH HOH A . 
C 2 HOH 76  178 180 HOH HOH A . 
C 2 HOH 77  179 182 HOH HOH A . 
C 2 HOH 78  180 184 HOH HOH A . 
C 2 HOH 79  181 186 HOH HOH A . 
C 2 HOH 80  182 187 HOH HOH A . 
C 2 HOH 81  183 190 HOH HOH A . 
C 2 HOH 82  184 191 HOH HOH A . 
C 2 HOH 83  185 192 HOH HOH A . 
C 2 HOH 84  186 195 HOH HOH A . 
C 2 HOH 85  187 196 HOH HOH A . 
C 2 HOH 86  188 199 HOH HOH A . 
C 2 HOH 87  189 201 HOH HOH A . 
C 2 HOH 88  190 204 HOH HOH A . 
C 2 HOH 89  191 205 HOH HOH A . 
C 2 HOH 90  192 207 HOH HOH A . 
C 2 HOH 91  193 208 HOH HOH A . 
C 2 HOH 92  194 210 HOH HOH A . 
C 2 HOH 93  195 213 HOH HOH A . 
C 2 HOH 94  196 215 HOH HOH A . 
C 2 HOH 95  197 217 HOH HOH A . 
C 2 HOH 96  198 218 HOH HOH A . 
C 2 HOH 97  199 219 HOH HOH A . 
C 2 HOH 98  200 222 HOH HOH A . 
C 2 HOH 99  201 225 HOH HOH A . 
C 2 HOH 100 202 229 HOH HOH A . 
C 2 HOH 101 203 237 HOH HOH A . 
C 2 HOH 102 204 241 HOH HOH A . 
C 2 HOH 103 205 250 HOH HOH A . 
C 2 HOH 104 206 257 HOH HOH A . 
C 2 HOH 105 207 259 HOH HOH A . 
C 2 HOH 106 208 260 HOH HOH A . 
C 2 HOH 107 209 270 HOH HOH A . 
C 2 HOH 108 210 272 HOH HOH A . 
C 2 HOH 109 211 273 HOH HOH A . 
C 2 HOH 110 212 281 HOH HOH A . 
C 2 HOH 111 213 297 HOH HOH A . 
C 2 HOH 112 214 303 HOH HOH A . 
C 2 HOH 113 215 307 HOH HOH A . 
C 2 HOH 114 216 309 HOH HOH A . 
C 2 HOH 115 217 317 HOH HOH A . 
C 2 HOH 116 218 320 HOH HOH A . 
C 2 HOH 117 219 331 HOH HOH A . 
C 2 HOH 118 220 334 HOH HOH A . 
C 2 HOH 119 221 343 HOH HOH A . 
C 2 HOH 120 222 360 HOH HOH A . 
C 2 HOH 121 223 362 HOH HOH A . 
C 2 HOH 122 224 389 HOH HOH A . 
C 2 HOH 123 225 392 HOH HOH A . 
D 2 HOH 1   103 1   HOH HOH B . 
D 2 HOH 2   104 2   HOH HOH B . 
D 2 HOH 3   105 3   HOH HOH B . 
D 2 HOH 4   106 5   HOH HOH B . 
D 2 HOH 5   107 10  HOH HOH B . 
D 2 HOH 6   108 11  HOH HOH B . 
D 2 HOH 7   109 12  HOH HOH B . 
D 2 HOH 8   110 16  HOH HOH B . 
D 2 HOH 9   111 17  HOH HOH B . 
D 2 HOH 10  112 19  HOH HOH B . 
D 2 HOH 11  113 21  HOH HOH B . 
D 2 HOH 12  114 23  HOH HOH B . 
D 2 HOH 13  115 25  HOH HOH B . 
D 2 HOH 14  116 27  HOH HOH B . 
D 2 HOH 15  117 28  HOH HOH B . 
D 2 HOH 16  118 30  HOH HOH B . 
D 2 HOH 17  119 33  HOH HOH B . 
D 2 HOH 18  120 34  HOH HOH B . 
D 2 HOH 19  121 35  HOH HOH B . 
D 2 HOH 20  122 36  HOH HOH B . 
D 2 HOH 21  123 39  HOH HOH B . 
D 2 HOH 22  124 40  HOH HOH B . 
D 2 HOH 23  125 41  HOH HOH B . 
D 2 HOH 24  126 44  HOH HOH B . 
D 2 HOH 25  127 47  HOH HOH B . 
D 2 HOH 26  128 50  HOH HOH B . 
D 2 HOH 27  129 52  HOH HOH B . 
D 2 HOH 28  130 58  HOH HOH B . 
D 2 HOH 29  131 59  HOH HOH B . 
D 2 HOH 30  132 62  HOH HOH B . 
D 2 HOH 31  133 63  HOH HOH B . 
D 2 HOH 32  134 65  HOH HOH B . 
D 2 HOH 33  135 66  HOH HOH B . 
D 2 HOH 34  136 67  HOH HOH B . 
D 2 HOH 35  137 73  HOH HOH B . 
D 2 HOH 36  138 74  HOH HOH B . 
D 2 HOH 37  139 78  HOH HOH B . 
D 2 HOH 38  140 79  HOH HOH B . 
D 2 HOH 39  141 82  HOH HOH B . 
D 2 HOH 40  142 85  HOH HOH B . 
D 2 HOH 41  143 88  HOH HOH B . 
D 2 HOH 42  144 89  HOH HOH B . 
D 2 HOH 43  145 90  HOH HOH B . 
D 2 HOH 44  146 94  HOH HOH B . 
D 2 HOH 45  147 96  HOH HOH B . 
D 2 HOH 46  148 98  HOH HOH B . 
D 2 HOH 47  149 99  HOH HOH B . 
D 2 HOH 48  150 101 HOH HOH B . 
D 2 HOH 49  151 103 HOH HOH B . 
D 2 HOH 50  152 104 HOH HOH B . 
D 2 HOH 51  153 108 HOH HOH B . 
D 2 HOH 52  154 118 HOH HOH B . 
D 2 HOH 53  155 119 HOH HOH B . 
D 2 HOH 54  156 122 HOH HOH B . 
D 2 HOH 55  157 124 HOH HOH B . 
D 2 HOH 56  158 130 HOH HOH B . 
D 2 HOH 57  159 132 HOH HOH B . 
D 2 HOH 58  160 136 HOH HOH B . 
D 2 HOH 59  161 144 HOH HOH B . 
D 2 HOH 60  162 148 HOH HOH B . 
D 2 HOH 61  163 149 HOH HOH B . 
D 2 HOH 62  164 157 HOH HOH B . 
D 2 HOH 63  165 160 HOH HOH B . 
D 2 HOH 64  166 161 HOH HOH B . 
D 2 HOH 65  167 173 HOH HOH B . 
D 2 HOH 66  168 177 HOH HOH B . 
D 2 HOH 67  169 179 HOH HOH B . 
D 2 HOH 68  170 181 HOH HOH B . 
D 2 HOH 69  171 185 HOH HOH B . 
D 2 HOH 70  172 188 HOH HOH B . 
D 2 HOH 71  173 189 HOH HOH B . 
D 2 HOH 72  174 194 HOH HOH B . 
D 2 HOH 73  175 197 HOH HOH B . 
D 2 HOH 74  176 198 HOH HOH B . 
D 2 HOH 75  177 202 HOH HOH B . 
D 2 HOH 76  178 203 HOH HOH B . 
D 2 HOH 77  179 209 HOH HOH B . 
D 2 HOH 78  180 211 HOH HOH B . 
D 2 HOH 79  181 214 HOH HOH B . 
D 2 HOH 80  182 216 HOH HOH B . 
D 2 HOH 81  183 220 HOH HOH B . 
D 2 HOH 82  184 224 HOH HOH B . 
D 2 HOH 83  185 230 HOH HOH B . 
D 2 HOH 84  186 231 HOH HOH B . 
D 2 HOH 85  187 232 HOH HOH B . 
D 2 HOH 86  188 243 HOH HOH B . 
D 2 HOH 87  189 246 HOH HOH B . 
D 2 HOH 88  190 248 HOH HOH B . 
D 2 HOH 89  191 251 HOH HOH B . 
D 2 HOH 90  192 253 HOH HOH B . 
D 2 HOH 91  193 266 HOH HOH B . 
D 2 HOH 92  194 268 HOH HOH B . 
D 2 HOH 93  195 276 HOH HOH B . 
D 2 HOH 94  196 280 HOH HOH B . 
D 2 HOH 95  197 301 HOH HOH B . 
D 2 HOH 96  198 302 HOH HOH B . 
D 2 HOH 97  199 306 HOH HOH B . 
D 2 HOH 98  200 324 HOH HOH B . 
D 2 HOH 99  201 327 HOH HOH B . 
D 2 HOH 100 202 329 HOH HOH B . 
D 2 HOH 101 203 354 HOH HOH B . 
D 2 HOH 102 204 356 HOH HOH B . 
D 2 HOH 103 205 366 HOH HOH B . 
D 2 HOH 104 206 369 HOH HOH B . 
D 2 HOH 105 207 383 HOH HOH B . 
D 2 HOH 106 208 385 HOH HOH B . 
D 2 HOH 107 209 388 HOH HOH B . 
# 
loop_
_pdbx_unobs_or_zero_occ_atoms.id 
_pdbx_unobs_or_zero_occ_atoms.PDB_model_num 
_pdbx_unobs_or_zero_occ_atoms.polymer_flag 
_pdbx_unobs_or_zero_occ_atoms.occupancy_flag 
_pdbx_unobs_or_zero_occ_atoms.auth_asym_id 
_pdbx_unobs_or_zero_occ_atoms.auth_comp_id 
_pdbx_unobs_or_zero_occ_atoms.auth_seq_id 
_pdbx_unobs_or_zero_occ_atoms.PDB_ins_code 
_pdbx_unobs_or_zero_occ_atoms.auth_atom_id 
_pdbx_unobs_or_zero_occ_atoms.label_alt_id 
_pdbx_unobs_or_zero_occ_atoms.label_asym_id 
_pdbx_unobs_or_zero_occ_atoms.label_comp_id 
_pdbx_unobs_or_zero_occ_atoms.label_seq_id 
_pdbx_unobs_or_zero_occ_atoms.label_atom_id 
1  1 Y 1 A LYS 11 ? CG  ? A LYS 11 CG  
2  1 Y 1 A LYS 11 ? CD  ? A LYS 11 CD  
3  1 Y 1 A LYS 11 ? CE  ? A LYS 11 CE  
4  1 Y 1 A LYS 11 ? NZ  ? A LYS 11 NZ  
5  1 Y 1 A GLU 45 ? CG  ? A GLU 45 CG  
6  1 Y 1 A GLU 45 ? CD  ? A GLU 45 CD  
7  1 Y 1 A GLU 45 ? OE1 ? A GLU 45 OE1 
8  1 Y 1 A GLU 45 ? OE2 ? A GLU 45 OE2 
9  1 Y 1 A LYS 98 ? CG  ? A LYS 98 CG  
10 1 Y 1 A LYS 98 ? CD  ? A LYS 98 CD  
11 1 Y 1 A LYS 98 ? CE  ? A LYS 98 CE  
12 1 Y 1 A LYS 98 ? NZ  ? A LYS 98 NZ  
13 1 Y 1 B ARG 15 ? CG  ? B ARG 15 CG  
14 1 Y 1 B ARG 15 ? CD  ? B ARG 15 CD  
15 1 Y 1 B ARG 15 ? NE  ? B ARG 15 NE  
16 1 Y 1 B ARG 15 ? CZ  ? B ARG 15 CZ  
17 1 Y 1 B ARG 15 ? NH1 ? B ARG 15 NH1 
18 1 Y 1 B ARG 15 ? NH2 ? B ARG 15 NH2 
19 1 Y 1 B ARG 42 ? CG  ? B ARG 42 CG  
20 1 Y 1 B ARG 42 ? CD  ? B ARG 42 CD  
21 1 Y 1 B ARG 42 ? NE  ? B ARG 42 NE  
22 1 Y 1 B ARG 42 ? CZ  ? B ARG 42 CZ  
23 1 Y 1 B ARG 42 ? NH1 ? B ARG 42 NH1 
24 1 Y 1 B ARG 42 ? NH2 ? B ARG 42 NH2 
25 1 Y 1 B LYS 46 ? CG  ? B LYS 46 CG  
26 1 Y 1 B LYS 46 ? CD  ? B LYS 46 CD  
27 1 Y 1 B LYS 46 ? CE  ? B LYS 46 CE  
28 1 Y 1 B LYS 46 ? NZ  ? B LYS 46 NZ  
29 1 Y 1 B LYS 98 ? CG  ? B LYS 98 CG  
30 1 Y 1 B LYS 98 ? CD  ? B LYS 98 CD  
31 1 Y 1 B LYS 98 ? CE  ? B LYS 98 CE  
32 1 Y 1 B LYS 98 ? NZ  ? B LYS 98 NZ  
33 1 Y 1 B VAL 99 ? CG1 ? B VAL 99 CG1 
34 1 Y 1 B VAL 99 ? CG2 ? B VAL 99 CG2 
# 
loop_
_software.name 
_software.classification 
_software.version 
_software.citation_id 
_software.pdbx_ordinal 
DENZO     'data reduction' .   ? 1 
SCALEPACK 'data scaling'   .   ? 2 
SnB       phasing          .   ? 3 
SOLVE     phasing          .   ? 4 
CNS       refinement       1.1 ? 5 
# 
_cell.entry_id           1RFY 
_cell.length_a           78.230 
_cell.length_b           85.750 
_cell.length_c           67.020 
_cell.angle_alpha        90.00 
_cell.angle_beta         90.00 
_cell.angle_gamma        90.00 
_cell.Z_PDB              16 
_cell.pdbx_unique_axis   ? 
# 
_symmetry.entry_id                         1RFY 
_symmetry.space_group_name_H-M             'C 2 2 2' 
_symmetry.cell_setting                     orthorhombic 
_symmetry.pdbx_full_space_group_name_H-M   ? 
_symmetry.Int_Tables_number                21 
_symmetry.space_group_name_Hall            ? 
# 
_exptl.entry_id          1RFY 
_exptl.method            'X-RAY DIFFRACTION' 
_exptl.crystals_number   1 
# 
_exptl_crystal.id                    1 
_exptl_crystal.density_percent_sol   51.2 
_exptl_crystal.density_Matthews      2.54 
_exptl_crystal.density_meas          ? 
_exptl_crystal.description           ? 
_exptl_crystal.F_000                 ? 
_exptl_crystal.preparation           ? 
# 
_exptl_crystal_grow.crystal_id      1 
_exptl_crystal_grow.method          'VAPOR DIFFUSION, HANGING DROP' 
_exptl_crystal_grow.temp            298 
_exptl_crystal_grow.pH              5.6 
_exptl_crystal_grow.pdbx_details    
'amonium acetate, sodium citrate, PEG 2000, pH 5.6, VAPOR DIFFUSION, HANGING DROP, temperature 298K' 
_exptl_crystal_grow.temp_details    ? 
_exptl_crystal_grow.pdbx_pH_range   . 
# 
_diffrn.id                     1 
_diffrn.ambient_temp           100 
_diffrn.ambient_temp_details   ? 
_diffrn.crystal_id             1 
# 
_diffrn_detector.diffrn_id              1 
_diffrn_detector.detector               CCD 
_diffrn_detector.type                   'ADSC QUANTUM 4' 
_diffrn_detector.pdbx_collection_date   2003-01-17 
_diffrn_detector.details                ? 
# 
_diffrn_radiation.diffrn_id                        1 
_diffrn_radiation.wavelength_id                    1 
_diffrn_radiation.pdbx_monochromatic_or_laue_m_l   M 
_diffrn_radiation.monochromator                    'Si (111)' 
_diffrn_radiation.pdbx_diffrn_protocol             'SINGLE WAVELENGTH' 
_diffrn_radiation.pdbx_scattering_type             x-ray 
# 
_diffrn_radiation_wavelength.id           1 
_diffrn_radiation_wavelength.wavelength   0.9636 
_diffrn_radiation_wavelength.wt           1.0 
# 
_diffrn_source.diffrn_id                   1 
_diffrn_source.source                      SYNCHROTRON 
_diffrn_source.type                        'CHESS BEAMLINE F2' 
_diffrn_source.pdbx_synchrotron_site       CHESS 
_diffrn_source.pdbx_synchrotron_beamline   F2 
_diffrn_source.pdbx_wavelength             ? 
_diffrn_source.pdbx_wavelength_list        0.9636 
# 
_reflns.entry_id                     1RFY 
_reflns.observed_criterion_sigma_I   1.0 
_reflns.observed_criterion_sigma_F   ? 
_reflns.d_resolution_low             60 
_reflns.d_resolution_high            1.60 
_reflns.number_obs                   29690 
_reflns.number_all                   30102 
_reflns.percent_possible_obs         98.5 
_reflns.pdbx_Rmerge_I_obs            0.061 
_reflns.pdbx_Rsym_value              ? 
_reflns.pdbx_netI_over_sigmaI        37.4 
_reflns.B_iso_Wilson_estimate        21.3 
_reflns.pdbx_redundancy              9.9 
_reflns.R_free_details               ? 
_reflns.limit_h_max                  ? 
_reflns.limit_h_min                  ? 
_reflns.limit_k_max                  ? 
_reflns.limit_k_min                  ? 
_reflns.limit_l_max                  ? 
_reflns.limit_l_min                  ? 
_reflns.observed_criterion_F_max     ? 
_reflns.observed_criterion_F_min     ? 
_reflns.pdbx_chi_squared             ? 
_reflns.pdbx_scaling_rejects         ? 
_reflns.pdbx_ordinal                 1 
_reflns.pdbx_diffrn_id               1 
# 
_reflns_shell.d_res_high             1.60 
_reflns_shell.d_res_low              1.63 
_reflns_shell.percent_possible_all   84.8 
_reflns_shell.Rmerge_I_obs           0.403 
_reflns_shell.pdbx_Rsym_value        ? 
_reflns_shell.meanI_over_sigI_obs    4.1 
_reflns_shell.pdbx_redundancy        ? 
_reflns_shell.percent_possible_obs   ? 
_reflns_shell.number_unique_all      1234 
_reflns_shell.number_measured_all    ? 
_reflns_shell.number_measured_obs    ? 
_reflns_shell.number_unique_obs      ? 
_reflns_shell.pdbx_chi_squared       ? 
_reflns_shell.pdbx_ordinal           1 
_reflns_shell.pdbx_diffrn_id         1 
# 
_refine.entry_id                                 1RFY 
_refine.ls_number_reflns_obs                     29073 
_refine.ls_number_reflns_all                     30102 
_refine.pdbx_ls_sigma_I                          ? 
_refine.pdbx_ls_sigma_F                          0.0 
_refine.pdbx_data_cutoff_high_absF               293645.01 
_refine.pdbx_data_cutoff_low_absF                0.000000 
_refine.pdbx_data_cutoff_high_rms_absF           ? 
_refine.ls_d_res_low                             60 
_refine.ls_d_res_high                            1.60 
_refine.ls_percent_reflns_obs                    96.5 
_refine.ls_R_factor_obs                          0.2021 
_refine.ls_R_factor_all                          ? 
_refine.ls_R_factor_R_work                       0.202 
_refine.ls_R_factor_R_free                       0.222 
_refine.ls_R_factor_R_free_error                 0.004 
_refine.ls_R_factor_R_free_error_details         ? 
_refine.ls_percent_reflns_R_free                 10.0 
_refine.ls_number_reflns_R_free                  2895 
_refine.ls_number_parameters                     ? 
_refine.ls_number_restraints                     ? 
_refine.occupancy_min                            ? 
_refine.occupancy_max                            ? 
_refine.correlation_coeff_Fo_to_Fc               ? 
_refine.correlation_coeff_Fo_to_Fc_free          ? 
_refine.B_iso_mean                               20.6 
_refine.aniso_B[1][1]                            -2.07 
_refine.aniso_B[2][2]                            2.15 
_refine.aniso_B[3][3]                            -0.08 
_refine.aniso_B[1][2]                            0.00 
_refine.aniso_B[1][3]                            0.00 
_refine.aniso_B[2][3]                            0.00 
_refine.solvent_model_details                    'FLAT MODEL' 
_refine.solvent_model_param_ksol                 0.392037 
_refine.solvent_model_param_bsol                 52.2428 
_refine.pdbx_solvent_vdw_probe_radii             ? 
_refine.pdbx_solvent_ion_probe_radii             ? 
_refine.pdbx_solvent_shrinkage_radii             ? 
_refine.pdbx_ls_cross_valid_method               THROUGHOUT 
_refine.details                                  ? 
_refine.pdbx_starting_model                      ? 
_refine.pdbx_method_to_determine_struct          SAD 
_refine.pdbx_isotropic_thermal_model             RESTRAINED 
_refine.pdbx_stereochemistry_target_values       'Engh & Huber' 
_refine.pdbx_stereochem_target_val_spec_case     ? 
_refine.pdbx_R_Free_selection_details            RANDOM 
_refine.pdbx_overall_ESU_R                       ? 
_refine.pdbx_overall_ESU_R_Free                  ? 
_refine.overall_SU_ML                            ? 
_refine.overall_SU_B                             ? 
_refine.ls_redundancy_reflns_obs                 ? 
_refine.B_iso_min                                ? 
_refine.B_iso_max                                ? 
_refine.overall_SU_R_Cruickshank_DPI             ? 
_refine.overall_SU_R_free                        ? 
_refine.ls_wR_factor_R_free                      ? 
_refine.ls_wR_factor_R_work                      ? 
_refine.overall_FOM_free_R_set                   ? 
_refine.overall_FOM_work_R_set                   ? 
_refine.pdbx_refine_id                           'X-RAY DIFFRACTION' 
_refine.pdbx_diffrn_id                           1 
_refine.pdbx_TLS_residual_ADP_flag               ? 
_refine.pdbx_overall_phase_error                 ? 
_refine.pdbx_overall_SU_R_free_Cruickshank_DPI   ? 
_refine.pdbx_overall_SU_R_Blow_DPI               ? 
_refine.pdbx_overall_SU_R_free_Blow_DPI          ? 
# 
_refine_analyze.entry_id                        1RFY 
_refine_analyze.Luzzati_coordinate_error_obs    0.18 
_refine_analyze.Luzzati_sigma_a_obs             0.08 
_refine_analyze.Luzzati_d_res_low_obs           5.00 
_refine_analyze.Luzzati_coordinate_error_free   0.21 
_refine_analyze.Luzzati_sigma_a_free            0.10 
_refine_analyze.Luzzati_d_res_low_free          ? 
_refine_analyze.number_disordered_residues      ? 
_refine_analyze.occupancy_sum_hydrogen          ? 
_refine_analyze.occupancy_sum_non_hydrogen      ? 
_refine_analyze.pdbx_Luzzati_d_res_high_obs     ? 
_refine_analyze.pdbx_refine_id                  'X-RAY DIFFRACTION' 
# 
_refine_hist.pdbx_refine_id                   'X-RAY DIFFRACTION' 
_refine_hist.cycle_id                         LAST 
_refine_hist.pdbx_number_atoms_protein        1349 
_refine_hist.pdbx_number_atoms_nucleic_acid   0 
_refine_hist.pdbx_number_atoms_ligand         0 
_refine_hist.number_atoms_solvent             230 
_refine_hist.number_atoms_total               1579 
_refine_hist.d_res_high                       1.60 
_refine_hist.d_res_low                        60 
# 
loop_
_refine_ls_restr.type 
_refine_ls_restr.dev_ideal 
_refine_ls_restr.dev_ideal_target 
_refine_ls_restr.weight 
_refine_ls_restr.number 
_refine_ls_restr.pdbx_refine_id 
_refine_ls_restr.pdbx_restraint_function 
c_bond_d           0.004 ?    ? ? 'X-RAY DIFFRACTION' ? 
c_angle_deg        1.0   ?    ? ? 'X-RAY DIFFRACTION' ? 
c_dihedral_angle_d 17.9  ?    ? ? 'X-RAY DIFFRACTION' ? 
c_improper_angle_d 0.82  ?    ? ? 'X-RAY DIFFRACTION' ? 
c_mcbond_it        1.08  1.50 ? ? 'X-RAY DIFFRACTION' ? 
c_mcangle_it       1.63  2.00 ? ? 'X-RAY DIFFRACTION' ? 
c_scbond_it        2.31  2.00 ? ? 'X-RAY DIFFRACTION' ? 
c_scangle_it       3.25  2.50 ? ? 'X-RAY DIFFRACTION' ? 
# 
_refine_ls_shell.pdbx_total_number_of_bins_used   6 
_refine_ls_shell.d_res_high                       1.60 
_refine_ls_shell.d_res_low                        1.70 
_refine_ls_shell.number_reflns_R_work             3893 
_refine_ls_shell.R_factor_R_work                  0.218 
_refine_ls_shell.percent_reflns_obs               87.9 
_refine_ls_shell.R_factor_R_free                  0.238 
_refine_ls_shell.R_factor_R_free_error            0.011 
_refine_ls_shell.percent_reflns_R_free            10.4 
_refine_ls_shell.number_reflns_R_free             451 
_refine_ls_shell.number_reflns_obs                3893 
_refine_ls_shell.redundancy_reflns_obs            ? 
_refine_ls_shell.number_reflns_all                ? 
_refine_ls_shell.pdbx_refine_id                   'X-RAY DIFFRACTION' 
_refine_ls_shell.R_factor_all                     ? 
# 
loop_
_pdbx_xplor_file.serial_no 
_pdbx_xplor_file.param_file 
_pdbx_xplor_file.topol_file 
_pdbx_xplor_file.pdbx_refine_id 
1 PROTEIN_REP.PARAM PROTEIN.TOP 'X-RAY DIFFRACTION' 
2 WATER_REP.PARAM   WATER.TOP   'X-RAY DIFFRACTION' 
# 
_struct.entry_id                  1RFY 
_struct.title                     'Crystal Structure of Quorum-Sensing Antiactivator TraM' 
_struct.pdbx_model_details        ? 
_struct.pdbx_CASP_flag            ? 
_struct.pdbx_model_type_details   ? 
# 
_struct_keywords.entry_id        1RFY 
_struct_keywords.pdbx_keywords   TRANSCRIPTION 
_struct_keywords.text            'inter- and intra-molcular two-helix coiled coil; homodimer, TRANSCRIPTION' 
# 
loop_
_struct_asym.id 
_struct_asym.pdbx_blank_PDB_chainid_flag 
_struct_asym.pdbx_modified 
_struct_asym.entity_id 
_struct_asym.details 
A N N 1 ? 
B N N 1 ? 
C N N 2 ? 
D N N 2 ? 
# 
_struct_ref.id                         1 
_struct_ref.entity_id                  1 
_struct_ref.db_name                    UNP 
_struct_ref.db_code                    TRAM_9RHIZ 
_struct_ref.pdbx_db_accession          Q57471 
_struct_ref.pdbx_align_begin           1 
_struct_ref.pdbx_seq_one_letter_code   
;MELEDANVTKKVELRPLIGLTRGLPPTDLETITIDAIRTHRRLVEKADELFQALPETYKTGQACGGPQHIRYIEASIEMH
AQMSALNTLYSILGFIPKVVVN
;
_struct_ref.pdbx_db_isoform            ? 
# 
loop_
_struct_ref_seq.align_id 
_struct_ref_seq.ref_id 
_struct_ref_seq.pdbx_PDB_id_code 
_struct_ref_seq.pdbx_strand_id 
_struct_ref_seq.seq_align_beg 
_struct_ref_seq.pdbx_seq_align_beg_ins_code 
_struct_ref_seq.seq_align_end 
_struct_ref_seq.pdbx_seq_align_end_ins_code 
_struct_ref_seq.pdbx_db_accession 
_struct_ref_seq.db_align_beg 
_struct_ref_seq.pdbx_db_align_beg_ins_code 
_struct_ref_seq.db_align_end 
_struct_ref_seq.pdbx_db_align_end_ins_code 
_struct_ref_seq.pdbx_auth_seq_align_beg 
_struct_ref_seq.pdbx_auth_seq_align_end 
1 1 1RFY A 1 ? 102 ? Q57471 1 ? 102 ? 1 102 
2 1 1RFY B 1 ? 102 ? Q57471 1 ? 102 ? 1 102 
# 
loop_
_struct_ref_seq_dif.align_id 
_struct_ref_seq_dif.pdbx_pdb_id_code 
_struct_ref_seq_dif.mon_id 
_struct_ref_seq_dif.pdbx_pdb_strand_id 
_struct_ref_seq_dif.seq_num 
_struct_ref_seq_dif.pdbx_pdb_ins_code 
_struct_ref_seq_dif.pdbx_seq_db_name 
_struct_ref_seq_dif.pdbx_seq_db_accession_code 
_struct_ref_seq_dif.db_mon_id 
_struct_ref_seq_dif.pdbx_seq_db_seq_num 
_struct_ref_seq_dif.details 
_struct_ref_seq_dif.pdbx_auth_seq_num 
_struct_ref_seq_dif.pdbx_ordinal 
1 1RFY ILE A 90 ? UNP Q57471 TYR 90 conflict 90 1 
2 1RFY ILE B 90 ? UNP Q57471 TYR 90 conflict 90 2 
# 
loop_
_pdbx_struct_assembly.id 
_pdbx_struct_assembly.details 
_pdbx_struct_assembly.method_details 
_pdbx_struct_assembly.oligomeric_details 
_pdbx_struct_assembly.oligomeric_count 
1 author_and_software_defined_assembly PISA,PQS dimeric 2 
2 author_and_software_defined_assembly PISA,PQS dimeric 2 
# 
loop_
_pdbx_struct_assembly_prop.biol_id 
_pdbx_struct_assembly_prop.type 
_pdbx_struct_assembly_prop.value 
_pdbx_struct_assembly_prop.details 
1 'ABSA (A^2)' 2120 ? 
1 MORE         -24  ? 
1 'SSA (A^2)'  9630 ? 
2 'ABSA (A^2)' 2150 ? 
2 MORE         -25  ? 
2 'SSA (A^2)'  9570 ? 
# 
loop_
_pdbx_struct_assembly_gen.assembly_id 
_pdbx_struct_assembly_gen.oper_expression 
_pdbx_struct_assembly_gen.asym_id_list 
1 1,2 A,C 
2 1,3 B,D 
# 
loop_
_pdbx_struct_oper_list.id 
_pdbx_struct_oper_list.type 
_pdbx_struct_oper_list.name 
_pdbx_struct_oper_list.symmetry_operation 
_pdbx_struct_oper_list.matrix[1][1] 
_pdbx_struct_oper_list.matrix[1][2] 
_pdbx_struct_oper_list.matrix[1][3] 
_pdbx_struct_oper_list.vector[1] 
_pdbx_struct_oper_list.matrix[2][1] 
_pdbx_struct_oper_list.matrix[2][2] 
_pdbx_struct_oper_list.matrix[2][3] 
_pdbx_struct_oper_list.vector[2] 
_pdbx_struct_oper_list.matrix[3][1] 
_pdbx_struct_oper_list.matrix[3][2] 
_pdbx_struct_oper_list.matrix[3][3] 
_pdbx_struct_oper_list.vector[3] 
1 'identity operation'         1_555 x,y,z           1.0000000000  0.0000000000 0.0000000000  0.0000000000   0.0000000000 1.0000000000  0.0000000000  0.0000000000   0.0000000000  0.0000000000  1.0000000000  0.0000000000  
2 'crystal symmetry operation' 6_655 -x+3/2,-y+1/2,z -0.8532222480 0.2668968661 -0.4480824237 -22.1450847199 0.2668968661 -0.5146816452 -0.8147814842 7.2395364104   -0.4480824237 -0.8147814842 0.3679038932  -2.9418609254 
3 'crystal symmetry operation' 4_566 x,-y+1,-z+1     -0.9797427260 0.1690645435 0.1073376491  10.9298075969  0.1690645435 0.4109904381  0.8958258982  -18.5165483866 0.1073376491  0.8958258982  -0.4312477121 27.1021744704 
# 
loop_
_struct_biol.id 
_struct_biol.details 
_struct_biol.pdbx_parent_biol_id 
1 
;the second protomer of the biological assembly is generated by the two-fold axis: 2-x, 1-y, z 

the second protomer of the biological assembly is generated by the two-fold axis: 1.5-x, 0.5-y, z
;
? 
2 ? ? 
# 
loop_
_struct_conf.conf_type_id 
_struct_conf.id 
_struct_conf.pdbx_PDB_helix_id 
_struct_conf.beg_label_comp_id 
_struct_conf.beg_label_asym_id 
_struct_conf.beg_label_seq_id 
_struct_conf.pdbx_beg_PDB_ins_code 
_struct_conf.end_label_comp_id 
_struct_conf.end_label_asym_id 
_struct_conf.end_label_seq_id 
_struct_conf.pdbx_end_PDB_ins_code 
_struct_conf.beg_auth_comp_id 
_struct_conf.beg_auth_asym_id 
_struct_conf.beg_auth_seq_id 
_struct_conf.end_auth_comp_id 
_struct_conf.end_auth_asym_id 
_struct_conf.end_auth_seq_id 
_struct_conf.pdbx_PDB_helix_class 
_struct_conf.details 
_struct_conf.pdbx_PDB_helix_length 
HELX_P HELX_P1 1 ARG A 15 ? ARG A 22 ? ARG A 15 ARG A 22 1 ? 8  
HELX_P HELX_P2 2 PRO A 25 ? ALA A 53 ? PRO A 25 ALA A 53 1 ? 29 
HELX_P HELX_P3 3 PRO A 55 ? THR A 60 ? PRO A 55 THR A 60 1 ? 6  
HELX_P HELX_P4 4 GLY A 66 ? GLY A 94 ? GLY A 66 GLY A 94 1 ? 29 
HELX_P HELX_P5 5 ARG B 15 ? ARG B 22 ? ARG B 15 ARG B 22 1 ? 8  
HELX_P HELX_P6 6 PRO B 25 ? ALA B 53 ? PRO B 25 ALA B 53 1 ? 29 
HELX_P HELX_P7 7 PRO B 55 ? THR B 60 ? PRO B 55 THR B 60 1 ? 6  
HELX_P HELX_P8 8 GLY B 66 ? GLY B 94 ? GLY B 66 GLY B 94 1 ? 29 
# 
_struct_conf_type.id          HELX_P 
_struct_conf_type.criteria    ? 
_struct_conf_type.reference   ? 
# 
_pdbx_validate_symm_contact.id                1 
_pdbx_validate_symm_contact.PDB_model_num     1 
_pdbx_validate_symm_contact.auth_atom_id_1    NH2 
_pdbx_validate_symm_contact.auth_asym_id_1    B 
_pdbx_validate_symm_contact.auth_comp_id_1    ARG 
_pdbx_validate_symm_contact.auth_seq_id_1     22 
_pdbx_validate_symm_contact.PDB_ins_code_1    ? 
_pdbx_validate_symm_contact.label_alt_id_1    ? 
_pdbx_validate_symm_contact.site_symmetry_1   1_555 
_pdbx_validate_symm_contact.auth_atom_id_2    NH2 
_pdbx_validate_symm_contact.auth_asym_id_2    B 
_pdbx_validate_symm_contact.auth_comp_id_2    ARG 
_pdbx_validate_symm_contact.auth_seq_id_2     22 
_pdbx_validate_symm_contact.PDB_ins_code_2    ? 
_pdbx_validate_symm_contact.label_alt_id_2    ? 
_pdbx_validate_symm_contact.site_symmetry_2   6_665 
_pdbx_validate_symm_contact.dist              2.16 
# 
_pdbx_validate_torsion.id              1 
_pdbx_validate_torsion.PDB_model_num   1 
_pdbx_validate_torsion.auth_comp_id    LEU 
_pdbx_validate_torsion.auth_asym_id    B 
_pdbx_validate_torsion.auth_seq_id     14 
_pdbx_validate_torsion.PDB_ins_code    ? 
_pdbx_validate_torsion.label_alt_id    ? 
_pdbx_validate_torsion.phi             -112.73 
_pdbx_validate_torsion.psi             79.04 
# 
loop_
_pdbx_unobs_or_zero_occ_residues.id 
_pdbx_unobs_or_zero_occ_residues.PDB_model_num 
_pdbx_unobs_or_zero_occ_residues.polymer_flag 
_pdbx_unobs_or_zero_occ_residues.occupancy_flag 
_pdbx_unobs_or_zero_occ_residues.auth_asym_id 
_pdbx_unobs_or_zero_occ_residues.auth_comp_id 
_pdbx_unobs_or_zero_occ_residues.auth_seq_id 
_pdbx_unobs_or_zero_occ_residues.PDB_ins_code 
_pdbx_unobs_or_zero_occ_residues.label_asym_id 
_pdbx_unobs_or_zero_occ_residues.label_comp_id 
_pdbx_unobs_or_zero_occ_residues.label_seq_id 
1  1 Y 1 A MET 1   ? A MET 1   
2  1 Y 1 A GLU 2   ? A GLU 2   
3  1 Y 1 A LEU 3   ? A LEU 3   
4  1 Y 1 A GLU 4   ? A GLU 4   
5  1 Y 1 A ASP 5   ? A ASP 5   
6  1 Y 1 A ALA 6   ? A ALA 6   
7  1 Y 1 A ASN 7   ? A ASN 7   
8  1 Y 1 A VAL 8   ? A VAL 8   
9  1 Y 1 A THR 9   ? A THR 9   
10 1 Y 1 A VAL 99  ? A VAL 99  
11 1 Y 1 A VAL 100 ? A VAL 100 
12 1 Y 1 A VAL 101 ? A VAL 101 
13 1 Y 1 A ASN 102 ? A ASN 102 
14 1 Y 1 B MET 1   ? B MET 1   
15 1 Y 1 B GLU 2   ? B GLU 2   
16 1 Y 1 B LEU 3   ? B LEU 3   
17 1 Y 1 B GLU 4   ? B GLU 4   
18 1 Y 1 B ASP 5   ? B ASP 5   
19 1 Y 1 B ALA 6   ? B ALA 6   
20 1 Y 1 B ASN 7   ? B ASN 7   
21 1 Y 1 B VAL 8   ? B VAL 8   
22 1 Y 1 B THR 9   ? B THR 9   
23 1 Y 1 B LYS 10  ? B LYS 10  
24 1 Y 1 B LYS 11  ? B LYS 11  
25 1 Y 1 B VAL 100 ? B VAL 100 
26 1 Y 1 B VAL 101 ? B VAL 101 
27 1 Y 1 B ASN 102 ? B ASN 102 
# 
loop_
_chem_comp_atom.comp_id 
_chem_comp_atom.atom_id 
_chem_comp_atom.type_symbol 
_chem_comp_atom.pdbx_aromatic_flag 
_chem_comp_atom.pdbx_stereo_config 
_chem_comp_atom.pdbx_ordinal 
ALA N    N N N 1   
ALA CA   C N S 2   
ALA C    C N N 3   
ALA O    O N N 4   
ALA CB   C N N 5   
ALA OXT  O N N 6   
ALA H    H N N 7   
ALA H2   H N N 8   
ALA HA   H N N 9   
ALA HB1  H N N 10  
ALA HB2  H N N 11  
ALA HB3  H N N 12  
ALA HXT  H N N 13  
ARG N    N N N 14  
ARG CA   C N S 15  
ARG C    C N N 16  
ARG O    O N N 17  
ARG CB   C N N 18  
ARG CG   C N N 19  
ARG CD   C N N 20  
ARG NE   N N N 21  
ARG CZ   C N N 22  
ARG NH1  N N N 23  
ARG NH2  N N N 24  
ARG OXT  O N N 25  
ARG H    H N N 26  
ARG H2   H N N 27  
ARG HA   H N N 28  
ARG HB2  H N N 29  
ARG HB3  H N N 30  
ARG HG2  H N N 31  
ARG HG3  H N N 32  
ARG HD2  H N N 33  
ARG HD3  H N N 34  
ARG HE   H N N 35  
ARG HH11 H N N 36  
ARG HH12 H N N 37  
ARG HH21 H N N 38  
ARG HH22 H N N 39  
ARG HXT  H N N 40  
ASN N    N N N 41  
ASN CA   C N S 42  
ASN C    C N N 43  
ASN O    O N N 44  
ASN CB   C N N 45  
ASN CG   C N N 46  
ASN OD1  O N N 47  
ASN ND2  N N N 48  
ASN OXT  O N N 49  
ASN H    H N N 50  
ASN H2   H N N 51  
ASN HA   H N N 52  
ASN HB2  H N N 53  
ASN HB3  H N N 54  
ASN HD21 H N N 55  
ASN HD22 H N N 56  
ASN HXT  H N N 57  
ASP N    N N N 58  
ASP CA   C N S 59  
ASP C    C N N 60  
ASP O    O N N 61  
ASP CB   C N N 62  
ASP CG   C N N 63  
ASP OD1  O N N 64  
ASP OD2  O N N 65  
ASP OXT  O N N 66  
ASP H    H N N 67  
ASP H2   H N N 68  
ASP HA   H N N 69  
ASP HB2  H N N 70  
ASP HB3  H N N 71  
ASP HD2  H N N 72  
ASP HXT  H N N 73  
CYS N    N N N 74  
CYS CA   C N R 75  
CYS C    C N N 76  
CYS O    O N N 77  
CYS CB   C N N 78  
CYS SG   S N N 79  
CYS OXT  O N N 80  
CYS H    H N N 81  
CYS H2   H N N 82  
CYS HA   H N N 83  
CYS HB2  H N N 84  
CYS HB3  H N N 85  
CYS HG   H N N 86  
CYS HXT  H N N 87  
GLN N    N N N 88  
GLN CA   C N S 89  
GLN C    C N N 90  
GLN O    O N N 91  
GLN CB   C N N 92  
GLN CG   C N N 93  
GLN CD   C N N 94  
GLN OE1  O N N 95  
GLN NE2  N N N 96  
GLN OXT  O N N 97  
GLN H    H N N 98  
GLN H2   H N N 99  
GLN HA   H N N 100 
GLN HB2  H N N 101 
GLN HB3  H N N 102 
GLN HG2  H N N 103 
GLN HG3  H N N 104 
GLN HE21 H N N 105 
GLN HE22 H N N 106 
GLN HXT  H N N 107 
GLU N    N N N 108 
GLU CA   C N S 109 
GLU C    C N N 110 
GLU O    O N N 111 
GLU CB   C N N 112 
GLU CG   C N N 113 
GLU CD   C N N 114 
GLU OE1  O N N 115 
GLU OE2  O N N 116 
GLU OXT  O N N 117 
GLU H    H N N 118 
GLU H2   H N N 119 
GLU HA   H N N 120 
GLU HB2  H N N 121 
GLU HB3  H N N 122 
GLU HG2  H N N 123 
GLU HG3  H N N 124 
GLU HE2  H N N 125 
GLU HXT  H N N 126 
GLY N    N N N 127 
GLY CA   C N N 128 
GLY C    C N N 129 
GLY O    O N N 130 
GLY OXT  O N N 131 
GLY H    H N N 132 
GLY H2   H N N 133 
GLY HA2  H N N 134 
GLY HA3  H N N 135 
GLY HXT  H N N 136 
HIS N    N N N 137 
HIS CA   C N S 138 
HIS C    C N N 139 
HIS O    O N N 140 
HIS CB   C N N 141 
HIS CG   C Y N 142 
HIS ND1  N Y N 143 
HIS CD2  C Y N 144 
HIS CE1  C Y N 145 
HIS NE2  N Y N 146 
HIS OXT  O N N 147 
HIS H    H N N 148 
HIS H2   H N N 149 
HIS HA   H N N 150 
HIS HB2  H N N 151 
HIS HB3  H N N 152 
HIS HD1  H N N 153 
HIS HD2  H N N 154 
HIS HE1  H N N 155 
HIS HE2  H N N 156 
HIS HXT  H N N 157 
HOH O    O N N 158 
HOH H1   H N N 159 
HOH H2   H N N 160 
ILE N    N N N 161 
ILE CA   C N S 162 
ILE C    C N N 163 
ILE O    O N N 164 
ILE CB   C N S 165 
ILE CG1  C N N 166 
ILE CG2  C N N 167 
ILE CD1  C N N 168 
ILE OXT  O N N 169 
ILE H    H N N 170 
ILE H2   H N N 171 
ILE HA   H N N 172 
ILE HB   H N N 173 
ILE HG12 H N N 174 
ILE HG13 H N N 175 
ILE HG21 H N N 176 
ILE HG22 H N N 177 
ILE HG23 H N N 178 
ILE HD11 H N N 179 
ILE HD12 H N N 180 
ILE HD13 H N N 181 
ILE HXT  H N N 182 
LEU N    N N N 183 
LEU CA   C N S 184 
LEU C    C N N 185 
LEU O    O N N 186 
LEU CB   C N N 187 
LEU CG   C N N 188 
LEU CD1  C N N 189 
LEU CD2  C N N 190 
LEU OXT  O N N 191 
LEU H    H N N 192 
LEU H2   H N N 193 
LEU HA   H N N 194 
LEU HB2  H N N 195 
LEU HB3  H N N 196 
LEU HG   H N N 197 
LEU HD11 H N N 198 
LEU HD12 H N N 199 
LEU HD13 H N N 200 
LEU HD21 H N N 201 
LEU HD22 H N N 202 
LEU HD23 H N N 203 
LEU HXT  H N N 204 
LYS N    N N N 205 
LYS CA   C N S 206 
LYS C    C N N 207 
LYS O    O N N 208 
LYS CB   C N N 209 
LYS CG   C N N 210 
LYS CD   C N N 211 
LYS CE   C N N 212 
LYS NZ   N N N 213 
LYS OXT  O N N 214 
LYS H    H N N 215 
LYS H2   H N N 216 
LYS HA   H N N 217 
LYS HB2  H N N 218 
LYS HB3  H N N 219 
LYS HG2  H N N 220 
LYS HG3  H N N 221 
LYS HD2  H N N 222 
LYS HD3  H N N 223 
LYS HE2  H N N 224 
LYS HE3  H N N 225 
LYS HZ1  H N N 226 
LYS HZ2  H N N 227 
LYS HZ3  H N N 228 
LYS HXT  H N N 229 
MET N    N N N 230 
MET CA   C N S 231 
MET C    C N N 232 
MET O    O N N 233 
MET CB   C N N 234 
MET CG   C N N 235 
MET SD   S N N 236 
MET CE   C N N 237 
MET OXT  O N N 238 
MET H    H N N 239 
MET H2   H N N 240 
MET HA   H N N 241 
MET HB2  H N N 242 
MET HB3  H N N 243 
MET HG2  H N N 244 
MET HG3  H N N 245 
MET HE1  H N N 246 
MET HE2  H N N 247 
MET HE3  H N N 248 
MET HXT  H N N 249 
PHE N    N N N 250 
PHE CA   C N S 251 
PHE C    C N N 252 
PHE O    O N N 253 
PHE CB   C N N 254 
PHE CG   C Y N 255 
PHE CD1  C Y N 256 
PHE CD2  C Y N 257 
PHE CE1  C Y N 258 
PHE CE2  C Y N 259 
PHE CZ   C Y N 260 
PHE OXT  O N N 261 
PHE H    H N N 262 
PHE H2   H N N 263 
PHE HA   H N N 264 
PHE HB2  H N N 265 
PHE HB3  H N N 266 
PHE HD1  H N N 267 
PHE HD2  H N N 268 
PHE HE1  H N N 269 
PHE HE2  H N N 270 
PHE HZ   H N N 271 
PHE HXT  H N N 272 
PRO N    N N N 273 
PRO CA   C N S 274 
PRO C    C N N 275 
PRO O    O N N 276 
PRO CB   C N N 277 
PRO CG   C N N 278 
PRO CD   C N N 279 
PRO OXT  O N N 280 
PRO H    H N N 281 
PRO HA   H N N 282 
PRO HB2  H N N 283 
PRO HB3  H N N 284 
PRO HG2  H N N 285 
PRO HG3  H N N 286 
PRO HD2  H N N 287 
PRO HD3  H N N 288 
PRO HXT  H N N 289 
SER N    N N N 290 
SER CA   C N S 291 
SER C    C N N 292 
SER O    O N N 293 
SER CB   C N N 294 
SER OG   O N N 295 
SER OXT  O N N 296 
SER H    H N N 297 
SER H2   H N N 298 
SER HA   H N N 299 
SER HB2  H N N 300 
SER HB3  H N N 301 
SER HG   H N N 302 
SER HXT  H N N 303 
THR N    N N N 304 
THR CA   C N S 305 
THR C    C N N 306 
THR O    O N N 307 
THR CB   C N R 308 
THR OG1  O N N 309 
THR CG2  C N N 310 
THR OXT  O N N 311 
THR H    H N N 312 
THR H2   H N N 313 
THR HA   H N N 314 
THR HB   H N N 315 
THR HG1  H N N 316 
THR HG21 H N N 317 
THR HG22 H N N 318 
THR HG23 H N N 319 
THR HXT  H N N 320 
TYR N    N N N 321 
TYR CA   C N S 322 
TYR C    C N N 323 
TYR O    O N N 324 
TYR CB   C N N 325 
TYR CG   C Y N 326 
TYR CD1  C Y N 327 
TYR CD2  C Y N 328 
TYR CE1  C Y N 329 
TYR CE2  C Y N 330 
TYR CZ   C Y N 331 
TYR OH   O N N 332 
TYR OXT  O N N 333 
TYR H    H N N 334 
TYR H2   H N N 335 
TYR HA   H N N 336 
TYR HB2  H N N 337 
TYR HB3  H N N 338 
TYR HD1  H N N 339 
TYR HD2  H N N 340 
TYR HE1  H N N 341 
TYR HE2  H N N 342 
TYR HH   H N N 343 
TYR HXT  H N N 344 
VAL N    N N N 345 
VAL CA   C N S 346 
VAL C    C N N 347 
VAL O    O N N 348 
VAL CB   C N N 349 
VAL CG1  C N N 350 
VAL CG2  C N N 351 
VAL OXT  O N N 352 
VAL H    H N N 353 
VAL H2   H N N 354 
VAL HA   H N N 355 
VAL HB   H N N 356 
VAL HG11 H N N 357 
VAL HG12 H N N 358 
VAL HG13 H N N 359 
VAL HG21 H N N 360 
VAL HG22 H N N 361 
VAL HG23 H N N 362 
VAL HXT  H N N 363 
# 
loop_
_chem_comp_bond.comp_id 
_chem_comp_bond.atom_id_1 
_chem_comp_bond.atom_id_2 
_chem_comp_bond.value_order 
_chem_comp_bond.pdbx_aromatic_flag 
_chem_comp_bond.pdbx_stereo_config 
_chem_comp_bond.pdbx_ordinal 
ALA N   CA   sing N N 1   
ALA N   H    sing N N 2   
ALA N   H2   sing N N 3   
ALA CA  C    sing N N 4   
ALA CA  CB   sing N N 5   
ALA CA  HA   sing N N 6   
ALA C   O    doub N N 7   
ALA C   OXT  sing N N 8   
ALA CB  HB1  sing N N 9   
ALA CB  HB2  sing N N 10  
ALA CB  HB3  sing N N 11  
ALA OXT HXT  sing N N 12  
ARG N   CA   sing N N 13  
ARG N   H    sing N N 14  
ARG N   H2   sing N N 15  
ARG CA  C    sing N N 16  
ARG CA  CB   sing N N 17  
ARG CA  HA   sing N N 18  
ARG C   O    doub N N 19  
ARG C   OXT  sing N N 20  
ARG CB  CG   sing N N 21  
ARG CB  HB2  sing N N 22  
ARG CB  HB3  sing N N 23  
ARG CG  CD   sing N N 24  
ARG CG  HG2  sing N N 25  
ARG CG  HG3  sing N N 26  
ARG CD  NE   sing N N 27  
ARG CD  HD2  sing N N 28  
ARG CD  HD3  sing N N 29  
ARG NE  CZ   sing N N 30  
ARG NE  HE   sing N N 31  
ARG CZ  NH1  sing N N 32  
ARG CZ  NH2  doub N N 33  
ARG NH1 HH11 sing N N 34  
ARG NH1 HH12 sing N N 35  
ARG NH2 HH21 sing N N 36  
ARG NH2 HH22 sing N N 37  
ARG OXT HXT  sing N N 38  
ASN N   CA   sing N N 39  
ASN N   H    sing N N 40  
ASN N   H2   sing N N 41  
ASN CA  C    sing N N 42  
ASN CA  CB   sing N N 43  
ASN CA  HA   sing N N 44  
ASN C   O    doub N N 45  
ASN C   OXT  sing N N 46  
ASN CB  CG   sing N N 47  
ASN CB  HB2  sing N N 48  
ASN CB  HB3  sing N N 49  
ASN CG  OD1  doub N N 50  
ASN CG  ND2  sing N N 51  
ASN ND2 HD21 sing N N 52  
ASN ND2 HD22 sing N N 53  
ASN OXT HXT  sing N N 54  
ASP N   CA   sing N N 55  
ASP N   H    sing N N 56  
ASP N   H2   sing N N 57  
ASP CA  C    sing N N 58  
ASP CA  CB   sing N N 59  
ASP CA  HA   sing N N 60  
ASP C   O    doub N N 61  
ASP C   OXT  sing N N 62  
ASP CB  CG   sing N N 63  
ASP CB  HB2  sing N N 64  
ASP CB  HB3  sing N N 65  
ASP CG  OD1  doub N N 66  
ASP CG  OD2  sing N N 67  
ASP OD2 HD2  sing N N 68  
ASP OXT HXT  sing N N 69  
CYS N   CA   sing N N 70  
CYS N   H    sing N N 71  
CYS N   H2   sing N N 72  
CYS CA  C    sing N N 73  
CYS CA  CB   sing N N 74  
CYS CA  HA   sing N N 75  
CYS C   O    doub N N 76  
CYS C   OXT  sing N N 77  
CYS CB  SG   sing N N 78  
CYS CB  HB2  sing N N 79  
CYS CB  HB3  sing N N 80  
CYS SG  HG   sing N N 81  
CYS OXT HXT  sing N N 82  
GLN N   CA   sing N N 83  
GLN N   H    sing N N 84  
GLN N   H2   sing N N 85  
GLN CA  C    sing N N 86  
GLN CA  CB   sing N N 87  
GLN CA  HA   sing N N 88  
GLN C   O    doub N N 89  
GLN C   OXT  sing N N 90  
GLN CB  CG   sing N N 91  
GLN CB  HB2  sing N N 92  
GLN CB  HB3  sing N N 93  
GLN CG  CD   sing N N 94  
GLN CG  HG2  sing N N 95  
GLN CG  HG3  sing N N 96  
GLN CD  OE1  doub N N 97  
GLN CD  NE2  sing N N 98  
GLN NE2 HE21 sing N N 99  
GLN NE2 HE22 sing N N 100 
GLN OXT HXT  sing N N 101 
GLU N   CA   sing N N 102 
GLU N   H    sing N N 103 
GLU N   H2   sing N N 104 
GLU CA  C    sing N N 105 
GLU CA  CB   sing N N 106 
GLU CA  HA   sing N N 107 
GLU C   O    doub N N 108 
GLU C   OXT  sing N N 109 
GLU CB  CG   sing N N 110 
GLU CB  HB2  sing N N 111 
GLU CB  HB3  sing N N 112 
GLU CG  CD   sing N N 113 
GLU CG  HG2  sing N N 114 
GLU CG  HG3  sing N N 115 
GLU CD  OE1  doub N N 116 
GLU CD  OE2  sing N N 117 
GLU OE2 HE2  sing N N 118 
GLU OXT HXT  sing N N 119 
GLY N   CA   sing N N 120 
GLY N   H    sing N N 121 
GLY N   H2   sing N N 122 
GLY CA  C    sing N N 123 
GLY CA  HA2  sing N N 124 
GLY CA  HA3  sing N N 125 
GLY C   O    doub N N 126 
GLY C   OXT  sing N N 127 
GLY OXT HXT  sing N N 128 
HIS N   CA   sing N N 129 
HIS N   H    sing N N 130 
HIS N   H2   sing N N 131 
HIS CA  C    sing N N 132 
HIS CA  CB   sing N N 133 
HIS CA  HA   sing N N 134 
HIS C   O    doub N N 135 
HIS C   OXT  sing N N 136 
HIS CB  CG   sing N N 137 
HIS CB  HB2  sing N N 138 
HIS CB  HB3  sing N N 139 
HIS CG  ND1  sing Y N 140 
HIS CG  CD2  doub Y N 141 
HIS ND1 CE1  doub Y N 142 
HIS ND1 HD1  sing N N 143 
HIS CD2 NE2  sing Y N 144 
HIS CD2 HD2  sing N N 145 
HIS CE1 NE2  sing Y N 146 
HIS CE1 HE1  sing N N 147 
HIS NE2 HE2  sing N N 148 
HIS OXT HXT  sing N N 149 
HOH O   H1   sing N N 150 
HOH O   H2   sing N N 151 
ILE N   CA   sing N N 152 
ILE N   H    sing N N 153 
ILE N   H2   sing N N 154 
ILE CA  C    sing N N 155 
ILE CA  CB   sing N N 156 
ILE CA  HA   sing N N 157 
ILE C   O    doub N N 158 
ILE C   OXT  sing N N 159 
ILE CB  CG1  sing N N 160 
ILE CB  CG2  sing N N 161 
ILE CB  HB   sing N N 162 
ILE CG1 CD1  sing N N 163 
ILE CG1 HG12 sing N N 164 
ILE CG1 HG13 sing N N 165 
ILE CG2 HG21 sing N N 166 
ILE CG2 HG22 sing N N 167 
ILE CG2 HG23 sing N N 168 
ILE CD1 HD11 sing N N 169 
ILE CD1 HD12 sing N N 170 
ILE CD1 HD13 sing N N 171 
ILE OXT HXT  sing N N 172 
LEU N   CA   sing N N 173 
LEU N   H    sing N N 174 
LEU N   H2   sing N N 175 
LEU CA  C    sing N N 176 
LEU CA  CB   sing N N 177 
LEU CA  HA   sing N N 178 
LEU C   O    doub N N 179 
LEU C   OXT  sing N N 180 
LEU CB  CG   sing N N 181 
LEU CB  HB2  sing N N 182 
LEU CB  HB3  sing N N 183 
LEU CG  CD1  sing N N 184 
LEU CG  CD2  sing N N 185 
LEU CG  HG   sing N N 186 
LEU CD1 HD11 sing N N 187 
LEU CD1 HD12 sing N N 188 
LEU CD1 HD13 sing N N 189 
LEU CD2 HD21 sing N N 190 
LEU CD2 HD22 sing N N 191 
LEU CD2 HD23 sing N N 192 
LEU OXT HXT  sing N N 193 
LYS N   CA   sing N N 194 
LYS N   H    sing N N 195 
LYS N   H2   sing N N 196 
LYS CA  C    sing N N 197 
LYS CA  CB   sing N N 198 
LYS CA  HA   sing N N 199 
LYS C   O    doub N N 200 
LYS C   OXT  sing N N 201 
LYS CB  CG   sing N N 202 
LYS CB  HB2  sing N N 203 
LYS CB  HB3  sing N N 204 
LYS CG  CD   sing N N 205 
LYS CG  HG2  sing N N 206 
LYS CG  HG3  sing N N 207 
LYS CD  CE   sing N N 208 
LYS CD  HD2  sing N N 209 
LYS CD  HD3  sing N N 210 
LYS CE  NZ   sing N N 211 
LYS CE  HE2  sing N N 212 
LYS CE  HE3  sing N N 213 
LYS NZ  HZ1  sing N N 214 
LYS NZ  HZ2  sing N N 215 
LYS NZ  HZ3  sing N N 216 
LYS OXT HXT  sing N N 217 
MET N   CA   sing N N 218 
MET N   H    sing N N 219 
MET N   H2   sing N N 220 
MET CA  C    sing N N 221 
MET CA  CB   sing N N 222 
MET CA  HA   sing N N 223 
MET C   O    doub N N 224 
MET C   OXT  sing N N 225 
MET CB  CG   sing N N 226 
MET CB  HB2  sing N N 227 
MET CB  HB3  sing N N 228 
MET CG  SD   sing N N 229 
MET CG  HG2  sing N N 230 
MET CG  HG3  sing N N 231 
MET SD  CE   sing N N 232 
MET CE  HE1  sing N N 233 
MET CE  HE2  sing N N 234 
MET CE  HE3  sing N N 235 
MET OXT HXT  sing N N 236 
PHE N   CA   sing N N 237 
PHE N   H    sing N N 238 
PHE N   H2   sing N N 239 
PHE CA  C    sing N N 240 
PHE CA  CB   sing N N 241 
PHE CA  HA   sing N N 242 
PHE C   O    doub N N 243 
PHE C   OXT  sing N N 244 
PHE CB  CG   sing N N 245 
PHE CB  HB2  sing N N 246 
PHE CB  HB3  sing N N 247 
PHE CG  CD1  doub Y N 248 
PHE CG  CD2  sing Y N 249 
PHE CD1 CE1  sing Y N 250 
PHE CD1 HD1  sing N N 251 
PHE CD2 CE2  doub Y N 252 
PHE CD2 HD2  sing N N 253 
PHE CE1 CZ   doub Y N 254 
PHE CE1 HE1  sing N N 255 
PHE CE2 CZ   sing Y N 256 
PHE CE2 HE2  sing N N 257 
PHE CZ  HZ   sing N N 258 
PHE OXT HXT  sing N N 259 
PRO N   CA   sing N N 260 
PRO N   CD   sing N N 261 
PRO N   H    sing N N 262 
PRO CA  C    sing N N 263 
PRO CA  CB   sing N N 264 
PRO CA  HA   sing N N 265 
PRO C   O    doub N N 266 
PRO C   OXT  sing N N 267 
PRO CB  CG   sing N N 268 
PRO CB  HB2  sing N N 269 
PRO CB  HB3  sing N N 270 
PRO CG  CD   sing N N 271 
PRO CG  HG2  sing N N 272 
PRO CG  HG3  sing N N 273 
PRO CD  HD2  sing N N 274 
PRO CD  HD3  sing N N 275 
PRO OXT HXT  sing N N 276 
SER N   CA   sing N N 277 
SER N   H    sing N N 278 
SER N   H2   sing N N 279 
SER CA  C    sing N N 280 
SER CA  CB   sing N N 281 
SER CA  HA   sing N N 282 
SER C   O    doub N N 283 
SER C   OXT  sing N N 284 
SER CB  OG   sing N N 285 
SER CB  HB2  sing N N 286 
SER CB  HB3  sing N N 287 
SER OG  HG   sing N N 288 
SER OXT HXT  sing N N 289 
THR N   CA   sing N N 290 
THR N   H    sing N N 291 
THR N   H2   sing N N 292 
THR CA  C    sing N N 293 
THR CA  CB   sing N N 294 
THR CA  HA   sing N N 295 
THR C   O    doub N N 296 
THR C   OXT  sing N N 297 
THR CB  OG1  sing N N 298 
THR CB  CG2  sing N N 299 
THR CB  HB   sing N N 300 
THR OG1 HG1  sing N N 301 
THR CG2 HG21 sing N N 302 
THR CG2 HG22 sing N N 303 
THR CG2 HG23 sing N N 304 
THR OXT HXT  sing N N 305 
TYR N   CA   sing N N 306 
TYR N   H    sing N N 307 
TYR N   H2   sing N N 308 
TYR CA  C    sing N N 309 
TYR CA  CB   sing N N 310 
TYR CA  HA   sing N N 311 
TYR C   O    doub N N 312 
TYR C   OXT  sing N N 313 
TYR CB  CG   sing N N 314 
TYR CB  HB2  sing N N 315 
TYR CB  HB3  sing N N 316 
TYR CG  CD1  doub Y N 317 
TYR CG  CD2  sing Y N 318 
TYR CD1 CE1  sing Y N 319 
TYR CD1 HD1  sing N N 320 
TYR CD2 CE2  doub Y N 321 
TYR CD2 HD2  sing N N 322 
TYR CE1 CZ   doub Y N 323 
TYR CE1 HE1  sing N N 324 
TYR CE2 CZ   sing Y N 325 
TYR CE2 HE2  sing N N 326 
TYR CZ  OH   sing N N 327 
TYR OH  HH   sing N N 328 
TYR OXT HXT  sing N N 329 
VAL N   CA   sing N N 330 
VAL N   H    sing N N 331 
VAL N   H2   sing N N 332 
VAL CA  C    sing N N 333 
VAL CA  CB   sing N N 334 
VAL CA  HA   sing N N 335 
VAL C   O    doub N N 336 
VAL C   OXT  sing N N 337 
VAL CB  CG1  sing N N 338 
VAL CB  CG2  sing N N 339 
VAL CB  HB   sing N N 340 
VAL CG1 HG11 sing N N 341 
VAL CG1 HG12 sing N N 342 
VAL CG1 HG13 sing N N 343 
VAL CG2 HG21 sing N N 344 
VAL CG2 HG22 sing N N 345 
VAL CG2 HG23 sing N N 346 
VAL OXT HXT  sing N N 347 
# 
_atom_sites.entry_id                    1RFY 
_atom_sites.fract_transf_matrix[1][1]   -0.00128650 
_atom_sites.fract_transf_matrix[1][2]   -0.01073692 
_atom_sites.fract_transf_matrix[1][3]   -0.00681678 
_atom_sites.fract_transf_matrix[2][1]   0.01116439 
_atom_sites.fract_transf_matrix[2][2]   -0.00265539 
_atom_sites.fract_transf_matrix[2][3]   0.00207544 
_atom_sites.fract_transf_matrix[3][1]   -0.00404216 
_atom_sites.fract_transf_matrix[3][2]   -0.00735015 
_atom_sites.fract_transf_matrix[3][3]   0.01233987 
_atom_sites.fract_transf_vector[1]      0.764604 
_atom_sites.fract_transf_vector[2]      0.386287 
_atom_sites.fract_transf_vector[3]      0.286824 
# 
loop_
_atom_type.symbol 
C 
N 
O 
S 
# 
loop_
_atom_site.group_PDB 
_atom_site.id 
_atom_site.type_symbol 
_atom_site.label_atom_id 
_atom_site.label_alt_id 
_atom_site.label_comp_id 
_atom_site.label_asym_id 
_atom_site.label_entity_id 
_atom_site.label_seq_id 
_atom_site.pdbx_PDB_ins_code 
_atom_site.Cartn_x 
_atom_site.Cartn_y 
_atom_site.Cartn_z 
_atom_site.occupancy 
_atom_site.B_iso_or_equiv 
_atom_site.pdbx_formal_charge 
_atom_site.auth_seq_id 
_atom_site.auth_comp_id 
_atom_site.auth_asym_id 
_atom_site.auth_atom_id 
_atom_site.pdbx_PDB_model_num 
ATOM   1    N N   . LYS A 1 10 ? 1.816   0.999   4.482   1.00 34.47 ? 10  LYS A N   1 
ATOM   2    C CA  . LYS A 1 10 ? 0.540   1.419   3.836   1.00 32.96 ? 10  LYS A CA  1 
ATOM   3    C C   . LYS A 1 10 ? -0.483  0.292   3.871   1.00 31.04 ? 10  LYS A C   1 
ATOM   4    O O   . LYS A 1 10 ? -0.128  -0.877  4.029   1.00 31.72 ? 10  LYS A O   1 
ATOM   5    C CB  . LYS A 1 10 ? 0.795   1.833   2.385   1.00 34.20 ? 10  LYS A CB  1 
ATOM   6    C CG  . LYS A 1 10 ? 1.684   3.059   2.235   1.00 36.71 ? 10  LYS A CG  1 
ATOM   7    C CD  . LYS A 1 10 ? 1.054   4.284   2.876   1.00 37.17 ? 10  LYS A CD  1 
ATOM   8    C CE  . LYS A 1 10 ? 1.872   5.535   2.595   1.00 38.05 ? 10  LYS A CE  1 
ATOM   9    N NZ  . LYS A 1 10 ? 3.266   5.416   3.102   1.00 39.97 ? 10  LYS A NZ  1 
ATOM   10   N N   . LYS A 1 11 ? -1.753  0.649   3.714   1.00 28.07 ? 11  LYS A N   1 
ATOM   11   C CA  . LYS A 1 11 ? -2.824  -0.337  3.738   1.00 25.66 ? 11  LYS A CA  1 
ATOM   12   C C   . LYS A 1 11 ? -3.512  -0.453  2.386   1.00 22.71 ? 11  LYS A C   1 
ATOM   13   O O   . LYS A 1 11 ? -3.419  0.442   1.547   1.00 22.42 ? 11  LYS A O   1 
ATOM   14   C CB  . LYS A 1 11 ? -3.847  0.028   4.813   1.00 27.28 ? 11  LYS A CB  1 
ATOM   15   N N   . VAL A 1 12 ? -4.193  -1.574  2.176   1.00 20.50 ? 12  VAL A N   1 
ATOM   16   C CA  . VAL A 1 12 ? -4.923  -1.795  0.936   1.00 19.28 ? 12  VAL A CA  1 
ATOM   17   C C   . VAL A 1 12 ? -6.224  -1.008  1.024   1.00 19.42 ? 12  VAL A C   1 
ATOM   18   O O   . VAL A 1 12 ? -7.134  -1.369  1.773   1.00 20.73 ? 12  VAL A O   1 
ATOM   19   C CB  . VAL A 1 12 ? -5.236  -3.293  0.730   1.00 18.85 ? 12  VAL A CB  1 
ATOM   20   C CG1 . VAL A 1 12 ? -6.189  -3.477  -0.447  1.00 17.86 ? 12  VAL A CG1 1 
ATOM   21   C CG2 . VAL A 1 12 ? -3.943  -4.057  0.479   1.00 20.55 ? 12  VAL A CG2 1 
ATOM   22   N N   . GLU A 1 13 ? -6.302  0.076   0.260   1.00 18.00 ? 13  GLU A N   1 
ATOM   23   C CA  . GLU A 1 13 ? -7.482  0.933   0.251   1.00 18.40 ? 13  GLU A CA  1 
ATOM   24   C C   . GLU A 1 13 ? -8.372  0.670   -0.961  1.00 19.09 ? 13  GLU A C   1 
ATOM   25   O O   . GLU A 1 13 ? -9.559  0.994   -0.952  1.00 21.90 ? 13  GLU A O   1 
ATOM   26   C CB  . GLU A 1 13 ? -7.048  2.400   0.264   1.00 18.77 ? 13  GLU A CB  1 
ATOM   27   C CG  . GLU A 1 13 ? -6.328  2.824   1.537   1.00 23.74 ? 13  GLU A CG  1 
ATOM   28   C CD  . GLU A 1 13 ? -5.725  4.210   1.431   1.00 26.31 ? 13  GLU A CD  1 
ATOM   29   O OE1 . GLU A 1 13 ? -6.362  5.092   0.821   1.00 29.16 ? 13  GLU A OE1 1 
ATOM   30   O OE2 . GLU A 1 13 ? -4.618  4.422   1.965   1.00 31.18 ? 13  GLU A OE2 1 
ATOM   31   N N   . LEU A 1 14 ? -7.793  0.076   -2.000  1.00 15.97 ? 14  LEU A N   1 
ATOM   32   C CA  . LEU A 1 14 ? -8.517  -0.225  -3.232  1.00 16.65 ? 14  LEU A CA  1 
ATOM   33   C C   . LEU A 1 14 ? -8.236  -1.688  -3.563  1.00 15.47 ? 14  LEU A C   1 
ATOM   34   O O   . LEU A 1 14 ? -7.371  -2.000  -4.384  1.00 14.36 ? 14  LEU A O   1 
ATOM   35   C CB  . LEU A 1 14 ? -8.005  0.695   -4.342  1.00 18.41 ? 14  LEU A CB  1 
ATOM   36   C CG  . LEU A 1 14 ? -8.892  0.986   -5.550  1.00 19.23 ? 14  LEU A CG  1 
ATOM   37   C CD1 . LEU A 1 14 ? -10.247 1.511   -5.086  1.00 21.04 ? 14  LEU A CD1 1 
ATOM   38   C CD2 . LEU A 1 14 ? -8.196  2.012   -6.433  1.00 20.03 ? 14  LEU A CD2 1 
ATOM   39   N N   . ARG A 1 15 ? -8.987  -2.580  -2.924  1.00 15.44 ? 15  ARG A N   1 
ATOM   40   C CA  . ARG A 1 15 ? -8.788  -4.017  -3.078  1.00 13.86 ? 15  ARG A CA  1 
ATOM   41   C C   . ARG A 1 15 ? -8.684  -4.598  -4.486  1.00 14.87 ? 15  ARG A C   1 
ATOM   42   O O   . ARG A 1 15 ? -7.901  -5.517  -4.711  1.00 13.39 ? 15  ARG A O   1 
ATOM   43   C CB  . ARG A 1 15 ? -9.852  -4.783  -2.282  1.00 16.00 ? 15  ARG A CB  1 
ATOM   44   C CG  . ARG A 1 15 ? -9.580  -6.278  -2.205  1.00 16.27 ? 15  ARG A CG  1 
ATOM   45   C CD  . ARG A 1 15 ? -10.620 -7.000  -1.365  1.00 17.85 ? 15  ARG A CD  1 
ATOM   46   N NE  . ARG A 1 15 ? -10.462 -6.781  0.074   1.00 19.63 ? 15  ARG A NE  1 
ATOM   47   C CZ  . ARG A 1 15 ? -9.568  -7.408  0.833   1.00 20.94 ? 15  ARG A CZ  1 
ATOM   48   N NH1 . ARG A 1 15 ? -8.740  -8.294  0.297   1.00 19.58 ? 15  ARG A NH1 1 
ATOM   49   N NH2 . ARG A 1 15 ? -9.518  -7.168  2.140   1.00 20.45 ? 15  ARG A NH2 1 
ATOM   50   N N   . PRO A 1 16 ? -9.453  -4.078  -5.458  1.00 14.44 ? 16  PRO A N   1 
ATOM   51   C CA  . PRO A 1 16 ? -9.342  -4.650  -6.804  1.00 14.07 ? 16  PRO A CA  1 
ATOM   52   C C   . PRO A 1 16 ? -7.932  -4.623  -7.388  1.00 13.17 ? 16  PRO A C   1 
ATOM   53   O O   . PRO A 1 16 ? -7.633  -5.365  -8.325  1.00 13.91 ? 16  PRO A O   1 
ATOM   54   C CB  . PRO A 1 16 ? -10.317 -3.805  -7.619  1.00 14.92 ? 16  PRO A CB  1 
ATOM   55   C CG  . PRO A 1 16 ? -11.377 -3.474  -6.610  1.00 16.59 ? 16  PRO A CG  1 
ATOM   56   C CD  . PRO A 1 16 ? -10.551 -3.096  -5.397  1.00 15.78 ? 16  PRO A CD  1 
ATOM   57   N N   . LEU A 1 17 ? -7.064  -3.779  -6.839  1.00 11.87 ? 17  LEU A N   1 
ATOM   58   C CA  . LEU A 1 17 ? -5.702  -3.695  -7.349  1.00 12.28 ? 17  LEU A CA  1 
ATOM   59   C C   . LEU A 1 17 ? -4.890  -4.952  -7.063  1.00 11.30 ? 17  LEU A C   1 
ATOM   60   O O   . LEU A 1 17 ? -3.926  -5.231  -7.763  1.00 12.05 ? 17  LEU A O   1 
ATOM   61   C CB  . LEU A 1 17 ? -4.966  -2.484  -6.773  1.00 12.77 ? 17  LEU A CB  1 
ATOM   62   C CG  . LEU A 1 17 ? -5.561  -1.082  -6.946  1.00 20.26 ? 17  LEU A CG  1 
ATOM   63   C CD1 . LEU A 1 17 ? -4.418  -0.082  -6.983  1.00 14.67 ? 17  LEU A CD1 1 
ATOM   64   C CD2 . LEU A 1 17 ? -6.406  -0.982  -8.204  1.00 17.93 ? 17  LEU A CD2 1 
ATOM   65   N N   . ILE A 1 18 ? -5.267  -5.707  -6.036  1.00 12.07 ? 18  ILE A N   1 
ATOM   66   C CA  . ILE A 1 18 ? -4.523  -6.928  -5.725  1.00 11.58 ? 18  ILE A CA  1 
ATOM   67   C C   . ILE A 1 18 ? -4.724  -7.934  -6.860  1.00 13.27 ? 18  ILE A C   1 
ATOM   68   O O   . ILE A 1 18 ? -3.762  -8.518  -7.365  1.00 12.61 ? 18  ILE A O   1 
ATOM   69   C CB  . ILE A 1 18 ? -4.983  -7.542  -4.381  1.00 13.03 ? 18  ILE A CB  1 
ATOM   70   C CG1 . ILE A 1 18 ? -4.717  -6.549  -3.244  1.00 14.69 ? 18  ILE A CG1 1 
ATOM   71   C CG2 . ILE A 1 18 ? -4.217  -8.833  -4.105  1.00 13.98 ? 18  ILE A CG2 1 
ATOM   72   C CD1 . ILE A 1 18 ? -5.178  -7.035  -1.874  1.00 15.09 ? 18  ILE A CD1 1 
ATOM   73   N N   . GLY A 1 19 ? -5.975  -8.124  -7.266  1.00 13.47 ? 19  GLY A N   1 
ATOM   74   C CA  . GLY A 1 19 ? -6.254  -9.047  -8.351  1.00 14.10 ? 19  GLY A CA  1 
ATOM   75   C C   . GLY A 1 19 ? -5.600  -8.585  -9.644  1.00 14.42 ? 19  GLY A C   1 
ATOM   76   O O   . GLY A 1 19 ? -5.049  -9.387  -10.393 1.00 14.63 ? 19  GLY A O   1 
ATOM   77   N N   . LEU A 1 20 ? -5.648  -7.282  -9.907  1.00 13.50 ? 20  LEU A N   1 
ATOM   78   C CA  . LEU A 1 20 ? -5.055  -6.740  -11.126 1.00 13.83 ? 20  LEU A CA  1 
ATOM   79   C C   . LEU A 1 20 ? -3.551  -6.957  -11.231 1.00 13.53 ? 20  LEU A C   1 
ATOM   80   O O   . LEU A 1 20 ? -3.034  -7.217  -12.321 1.00 14.83 ? 20  LEU A O   1 
ATOM   81   C CB  . LEU A 1 20 ? -5.327  -5.236  -11.231 1.00 15.55 ? 20  LEU A CB  1 
ATOM   82   C CG  . LEU A 1 20 ? -6.727  -4.793  -11.646 1.00 17.30 ? 20  LEU A CG  1 
ATOM   83   C CD1 . LEU A 1 20 ? -6.856  -3.290  -11.455 1.00 17.89 ? 20  LEU A CD1 1 
ATOM   84   C CD2 . LEU A 1 20 ? -6.981  -5.181  -13.098 1.00 17.43 ? 20  LEU A CD2 1 
ATOM   85   N N   . THR A 1 21 ? -2.855  -6.847  -10.103 1.00 13.03 ? 21  THR A N   1 
ATOM   86   C CA  . THR A 1 21 ? -1.403  -6.988  -10.089 1.00 13.13 ? 21  THR A CA  1 
ATOM   87   C C   . THR A 1 21 ? -0.873  -8.348  -9.640  1.00 12.63 ? 21  THR A C   1 
ATOM   88   O O   . THR A 1 21 ? 0.337   -8.528  -9.492  1.00 14.37 ? 21  THR A O   1 
ATOM   89   C CB  . THR A 1 21 ? -0.755  -5.887  -9.215  1.00 12.92 ? 21  THR A CB  1 
ATOM   90   O OG1 . THR A 1 21 ? -1.280  -5.953  -7.883  1.00 12.80 ? 21  THR A OG1 1 
ATOM   91   C CG2 . THR A 1 21 ? -1.046  -4.503  -9.802  1.00 13.11 ? 21  THR A CG2 1 
ATOM   92   N N   . ARG A 1 22 ? -1.776  -9.301  -9.434  1.00 13.30 ? 22  ARG A N   1 
ATOM   93   C CA  . ARG A 1 22 ? -1.401  -10.645 -9.010  1.00 15.93 ? 22  ARG A CA  1 
ATOM   94   C C   . ARG A 1 22 ? -0.350  -11.244 -9.945  1.00 14.76 ? 22  ARG A C   1 
ATOM   95   O O   . ARG A 1 22 ? -0.518  -11.233 -11.163 1.00 16.92 ? 22  ARG A O   1 
ATOM   96   C CB  . ARG A 1 22 ? -2.639  -11.546 -9.003  1.00 18.51 ? 22  ARG A CB  1 
ATOM   97   C CG  . ARG A 1 22 ? -2.415  -12.936 -8.428  1.00 25.60 ? 22  ARG A CG  1 
ATOM   98   C CD  . ARG A 1 22 ? -3.649  -13.812 -8.614  1.00 28.82 ? 22  ARG A CD  1 
ATOM   99   N NE  . ARG A 1 22 ? -3.590  -15.019 -7.796  1.00 35.17 ? 22  ARG A NE  1 
ATOM   100  C CZ  . ARG A 1 22 ? -3.697  -15.027 -6.471  1.00 36.35 ? 22  ARG A CZ  1 
ATOM   101  N NH1 . ARG A 1 22 ? -3.874  -13.889 -5.812  1.00 40.20 ? 22  ARG A NH1 1 
ATOM   102  N NH2 . ARG A 1 22 ? -3.627  -16.170 -5.802  1.00 39.10 ? 22  ARG A NH2 1 
ATOM   103  N N   . GLY A 1 23 ? 0.736   -11.752 -9.368  1.00 13.59 ? 23  GLY A N   1 
ATOM   104  C CA  . GLY A 1 23 ? 1.788   -12.379 -10.157 1.00 15.19 ? 23  GLY A CA  1 
ATOM   105  C C   . GLY A 1 23 ? 2.605   -11.491 -11.076 1.00 16.78 ? 23  GLY A C   1 
ATOM   106  O O   . GLY A 1 23 ? 3.465   -11.979 -11.812 1.00 16.81 ? 23  GLY A O   1 
ATOM   107  N N   . LEU A 1 24 ? 2.360   -10.188 -11.040 1.00 15.06 ? 24  LEU A N   1 
ATOM   108  C CA  . LEU A 1 24 ? 3.101   -9.275  -11.896 1.00 15.86 ? 24  LEU A CA  1 
ATOM   109  C C   . LEU A 1 24 ? 4.586   -9.327  -11.535 1.00 17.04 ? 24  LEU A C   1 
ATOM   110  O O   . LEU A 1 24 ? 4.942   -9.385  -10.358 1.00 17.08 ? 24  LEU A O   1 
ATOM   111  C CB  . LEU A 1 24 ? 2.557   -7.854  -11.716 1.00 16.57 ? 24  LEU A CB  1 
ATOM   112  C CG  . LEU A 1 24 ? 2.860   -6.814  -12.796 1.00 18.81 ? 24  LEU A CG  1 
ATOM   113  C CD1 . LEU A 1 24 ? 2.306   -7.263  -14.138 1.00 15.64 ? 24  LEU A CD1 1 
ATOM   114  C CD2 . LEU A 1 24 ? 2.238   -5.489  -12.390 1.00 17.05 ? 24  LEU A CD2 1 
ATOM   115  N N   . PRO A 1 25 ? 5.475   -9.338  -12.542 1.00 17.44 ? 25  PRO A N   1 
ATOM   116  C CA  . PRO A 1 25 ? 6.911   -9.380  -12.245 1.00 16.75 ? 25  PRO A CA  1 
ATOM   117  C C   . PRO A 1 25 ? 7.293   -8.193  -11.361 1.00 16.61 ? 25  PRO A C   1 
ATOM   118  O O   . PRO A 1 25 ? 6.752   -7.101  -11.514 1.00 16.48 ? 25  PRO A O   1 
ATOM   119  C CB  . PRO A 1 25 ? 7.549   -9.293  -13.628 1.00 18.31 ? 25  PRO A CB  1 
ATOM   120  C CG  . PRO A 1 25 ? 6.563   -10.005 -14.489 1.00 17.79 ? 25  PRO A CG  1 
ATOM   121  C CD  . PRO A 1 25 ? 5.235   -9.472  -13.991 1.00 16.82 ? 25  PRO A CD  1 
ATOM   122  N N   . PRO A 1 26 ? 8.222   -8.395  -10.415 1.00 16.11 ? 26  PRO A N   1 
ATOM   123  C CA  . PRO A 1 26 ? 8.658   -7.322  -9.515  1.00 16.19 ? 26  PRO A CA  1 
ATOM   124  C C   . PRO A 1 26 ? 8.953   -5.989  -10.205 1.00 15.56 ? 26  PRO A C   1 
ATOM   125  O O   . PRO A 1 26 ? 8.467   -4.942  -9.781  1.00 15.80 ? 26  PRO A O   1 
ATOM   126  C CB  . PRO A 1 26 ? 9.896   -7.918  -8.855  1.00 16.81 ? 26  PRO A CB  1 
ATOM   127  C CG  . PRO A 1 26 ? 9.519   -9.362  -8.734  1.00 15.86 ? 26  PRO A CG  1 
ATOM   128  C CD  . PRO A 1 26 ? 8.895   -9.664  -10.084 1.00 17.11 ? 26  PRO A CD  1 
ATOM   129  N N   . THR A 1 27 ? 9.747   -6.032  -11.269 1.00 15.30 ? 27  THR A N   1 
ATOM   130  C CA  . THR A 1 27 ? 10.106  -4.821  -11.990 1.00 15.69 ? 27  THR A CA  1 
ATOM   131  C C   . THR A 1 27 ? 8.893   -4.106  -12.565 1.00 14.87 ? 27  THR A C   1 
ATOM   132  O O   . THR A 1 27 ? 8.849   -2.877  -12.584 1.00 15.84 ? 27  THR A O   1 
ATOM   133  C CB  . THR A 1 27 ? 11.089  -5.129  -13.127 1.00 17.65 ? 27  THR A CB  1 
ATOM   134  O OG1 . THR A 1 27 ? 12.257  -5.751  -12.577 1.00 21.00 ? 27  THR A OG1 1 
ATOM   135  C CG2 . THR A 1 27 ? 11.498  -3.846  -13.835 1.00 20.52 ? 27  THR A CG2 1 
ATOM   136  N N   . ASP A 1 28 ? 7.912   -4.874  -13.029 1.00 14.61 ? 28  ASP A N   1 
ATOM   137  C CA  . ASP A 1 28 ? 6.705   -4.285  -13.593 1.00 13.36 ? 28  ASP A CA  1 
ATOM   138  C C   . ASP A 1 28 ? 5.865   -3.584  -12.525 1.00 14.64 ? 28  ASP A C   1 
ATOM   139  O O   . ASP A 1 28 ? 5.360   -2.483  -12.757 1.00 14.66 ? 28  ASP A O   1 
ATOM   140  C CB  . ASP A 1 28 ? 5.864   -5.344  -14.312 1.00 14.77 ? 28  ASP A CB  1 
ATOM   141  C CG  . ASP A 1 28 ? 6.485   -5.794  -15.628 1.00 14.90 ? 28  ASP A CG  1 
ATOM   142  O OD1 . ASP A 1 28 ? 7.414   -5.112  -16.116 1.00 18.03 ? 28  ASP A OD1 1 
ATOM   143  O OD2 . ASP A 1 28 ? 6.033   -6.823  -16.176 1.00 15.86 ? 28  ASP A OD2 1 
ATOM   144  N N   . LEU A 1 29 ? 5.710   -4.207  -11.360 1.00 13.72 ? 29  LEU A N   1 
ATOM   145  C CA  . LEU A 1 29 ? 4.932   -3.579  -10.298 1.00 14.23 ? 29  LEU A CA  1 
ATOM   146  C C   . LEU A 1 29 ? 5.671   -2.337  -9.809  1.00 14.56 ? 29  LEU A C   1 
ATOM   147  O O   . LEU A 1 29 ? 5.053   -1.325  -9.476  1.00 14.05 ? 29  LEU A O   1 
ATOM   148  C CB  . LEU A 1 29 ? 4.705   -4.548  -9.136  1.00 13.62 ? 29  LEU A CB  1 
ATOM   149  C CG  . LEU A 1 29 ? 3.861   -3.996  -7.979  1.00 14.03 ? 29  LEU A CG  1 
ATOM   150  C CD1 . LEU A 1 29 ? 2.540   -3.438  -8.501  1.00 14.76 ? 29  LEU A CD1 1 
ATOM   151  C CD2 . LEU A 1 29 ? 3.608   -5.106  -6.970  1.00 15.63 ? 29  LEU A CD2 1 
ATOM   152  N N   . GLU A 1 30 ? 6.996   -2.419  -9.766  1.00 15.38 ? 30  GLU A N   1 
ATOM   153  C CA  . GLU A 1 30 ? 7.817   -1.288  -9.344  1.00 15.38 ? 30  GLU A CA  1 
ATOM   154  C C   . GLU A 1 30 ? 7.611   -0.114  -10.302 1.00 15.63 ? 30  GLU A C   1 
ATOM   155  O O   . GLU A 1 30 ? 7.440   1.027   -9.875  1.00 15.48 ? 30  GLU A O   1 
ATOM   156  C CB  . GLU A 1 30 ? 9.295   -1.692  -9.323  1.00 17.26 ? 30  GLU A CB  1 
ATOM   157  C CG  . GLU A 1 30 ? 9.659   -2.616  -8.170  1.00 21.32 ? 30  GLU A CG  1 
ATOM   158  C CD  . GLU A 1 30 ? 11.034  -3.243  -8.328  1.00 25.64 ? 30  GLU A CD  1 
ATOM   159  O OE1 . GLU A 1 30 ? 11.815  -2.775  -9.185  1.00 27.12 ? 30  GLU A OE1 1 
ATOM   160  O OE2 . GLU A 1 30 ? 11.337  -4.204  -7.586  1.00 28.59 ? 30  GLU A OE2 1 
ATOM   161  N N   . THR A 1 31 ? 7.626   -0.407  -11.599 1.00 15.26 ? 31  THR A N   1 
ATOM   162  C CA  . THR A 1 31 ? 7.434   0.612   -12.626 1.00 16.03 ? 31  THR A CA  1 
ATOM   163  C C   . THR A 1 31 ? 6.080   1.306   -12.477 1.00 17.06 ? 31  THR A C   1 
ATOM   164  O O   . THR A 1 31 ? 5.995   2.533   -12.541 1.00 16.27 ? 31  THR A O   1 
ATOM   165  C CB  . THR A 1 31 ? 7.524   -0.003  -14.035 1.00 18.75 ? 31  THR A CB  1 
ATOM   166  O OG1 . THR A 1 31 ? 8.858   -0.471  -14.264 1.00 19.06 ? 31  THR A OG1 1 
ATOM   167  C CG2 . THR A 1 31 ? 7.163   1.029   -15.094 1.00 21.03 ? 31  THR A CG2 1 
ATOM   168  N N   . ILE A 1 32 ? 5.027   0.518   -12.281 1.00 14.58 ? 32  ILE A N   1 
ATOM   169  C CA  . ILE A 1 32 ? 3.686   1.074   -12.120 1.00 14.72 ? 32  ILE A CA  1 
ATOM   170  C C   . ILE A 1 32 ? 3.616   1.956   -10.876 1.00 14.52 ? 32  ILE A C   1 
ATOM   171  O O   . ILE A 1 32 ? 3.039   3.044   -10.908 1.00 14.14 ? 32  ILE A O   1 
ATOM   172  C CB  . ILE A 1 32 ? 2.626   -0.050  -12.000 1.00 13.31 ? 32  ILE A CB  1 
ATOM   173  C CG1 . ILE A 1 32 ? 2.491   -0.780  -13.340 1.00 15.74 ? 32  ILE A CG1 1 
ATOM   174  C CG2 . ILE A 1 32 ? 1.277   0.528   -11.566 1.00 15.84 ? 32  ILE A CG2 1 
ATOM   175  C CD1 . ILE A 1 32 ? 1.544   -1.968  -13.300 1.00 14.42 ? 32  ILE A CD1 1 
ATOM   176  N N   . THR A 1 33 ? 4.209   1.489   -9.785  1.00 13.29 ? 33  THR A N   1 
ATOM   177  C CA  . THR A 1 33 ? 4.183   2.239   -8.537  1.00 13.45 ? 33  THR A CA  1 
ATOM   178  C C   . THR A 1 33 ? 4.995   3.527   -8.629  1.00 13.52 ? 33  THR A C   1 
ATOM   179  O O   . THR A 1 33 ? 4.592   4.564   -8.106  1.00 13.06 ? 33  THR A O   1 
ATOM   180  C CB  . THR A 1 33 ? 4.691   1.375   -7.377  1.00 13.00 ? 33  THR A CB  1 
ATOM   181  O OG1 . THR A 1 33 ? 3.925   0.163   -7.332  1.00 14.42 ? 33  THR A OG1 1 
ATOM   182  C CG2 . THR A 1 33 ? 4.523   2.113   -6.045  1.00 12.95 ? 33  THR A CG2 1 
ATOM   183  N N   . ILE A 1 34 ? 6.140   3.465   -9.298  1.00 14.67 ? 34  ILE A N   1 
ATOM   184  C CA  . ILE A 1 34 ? 6.974   4.648   -9.460  1.00 15.33 ? 34  ILE A CA  1 
ATOM   185  C C   . ILE A 1 34 ? 6.205   5.718   -10.230 1.00 16.51 ? 34  ILE A C   1 
ATOM   186  O O   . ILE A 1 34 ? 6.217   6.891   -9.856  1.00 16.75 ? 34  ILE A O   1 
ATOM   187  C CB  . ILE A 1 34 ? 8.283   4.307   -10.208 1.00 17.37 ? 34  ILE A CB  1 
ATOM   188  C CG1 . ILE A 1 34 ? 9.214   3.538   -9.269  1.00 17.79 ? 34  ILE A CG1 1 
ATOM   189  C CG2 . ILE A 1 34 ? 8.950   5.583   -10.721 1.00 17.44 ? 34  ILE A CG2 1 
ATOM   190  C CD1 . ILE A 1 34 ? 10.481  3.029   -9.939  1.00 19.85 ? 34  ILE A CD1 1 
ATOM   191  N N   . ASP A 1 35 ? 5.524   5.318   -11.296 1.00 16.66 ? 35  ASP A N   1 
ATOM   192  C CA  . ASP A 1 35 ? 4.760   6.282   -12.068 1.00 17.03 ? 35  ASP A CA  1 
ATOM   193  C C   . ASP A 1 35 ? 3.595   6.822   -11.248 1.00 16.36 ? 35  ASP A C   1 
ATOM   194  O O   . ASP A 1 35 ? 3.218   7.979   -11.402 1.00 16.04 ? 35  ASP A O   1 
ATOM   195  C CB  . ASP A 1 35 ? 4.255   5.663   -13.372 1.00 19.90 ? 35  ASP A CB  1 
ATOM   196  C CG  . ASP A 1 35 ? 5.346   5.549   -14.418 1.00 24.53 ? 35  ASP A CG  1 
ATOM   197  O OD1 . ASP A 1 35 ? 6.171   6.483   -14.515 1.00 29.51 ? 35  ASP A OD1 1 
ATOM   198  O OD2 . ASP A 1 35 ? 5.376   4.539   -15.151 1.00 26.85 ? 35  ASP A OD2 1 
ATOM   199  N N   . ALA A 1 36 ? 3.034   5.988   -10.374 1.00 14.97 ? 36  ALA A N   1 
ATOM   200  C CA  . ALA A 1 36 ? 1.925   6.418   -9.527  1.00 13.48 ? 36  ALA A CA  1 
ATOM   201  C C   . ALA A 1 36 ? 2.419   7.447   -8.508  1.00 13.96 ? 36  ALA A C   1 
ATOM   202  O O   . ALA A 1 36 ? 1.668   8.330   -8.085  1.00 14.29 ? 36  ALA A O   1 
ATOM   203  C CB  . ALA A 1 36 ? 1.299   5.217   -8.809  1.00 12.13 ? 36  ALA A CB  1 
ATOM   204  N N   . ILE A 1 37 ? 3.681   7.329   -8.105  1.00 14.39 ? 37  ILE A N   1 
ATOM   205  C CA  . ILE A 1 37 ? 4.247   8.280   -7.159  1.00 15.14 ? 37  ILE A CA  1 
ATOM   206  C C   . ILE A 1 37 ? 4.387   9.622   -7.866  1.00 15.97 ? 37  ILE A C   1 
ATOM   207  O O   . ILE A 1 37 ? 4.076   10.666  -7.295  1.00 15.71 ? 37  ILE A O   1 
ATOM   208  C CB  . ILE A 1 37 ? 5.624   7.800   -6.635  1.00 14.84 ? 37  ILE A CB  1 
ATOM   209  C CG1 . ILE A 1 37 ? 5.421   6.602   -5.705  1.00 15.55 ? 37  ILE A CG1 1 
ATOM   210  C CG2 . ILE A 1 37 ? 6.340   8.933   -5.896  1.00 17.08 ? 37  ILE A CG2 1 
ATOM   211  C CD1 . ILE A 1 37 ? 6.709   5.960   -5.208  1.00 16.12 ? 37  ILE A CD1 1 
ATOM   212  N N   . ARG A 1 38 ? 4.838   9.590   -9.117  1.00 16.51 ? 38  ARG A N   1 
ATOM   213  C CA  . ARG A 1 38 ? 4.992   10.816  -9.893  1.00 17.75 ? 38  ARG A CA  1 
ATOM   214  C C   . ARG A 1 38 ? 3.632   11.463  -10.125 1.00 17.09 ? 38  ARG A C   1 
ATOM   215  O O   . ARG A 1 38 ? 3.491   12.682  -10.039 1.00 18.01 ? 38  ARG A O   1 
ATOM   216  C CB  . ARG A 1 38 ? 5.672   10.512  -11.229 1.00 20.84 ? 38  ARG A CB  1 
ATOM   217  C CG  . ARG A 1 38 ? 7.135   10.134  -11.070 1.00 26.27 ? 38  ARG A CG  1 
ATOM   218  C CD  . ARG A 1 38 ? 7.719   9.549   -12.342 1.00 30.13 ? 38  ARG A CD  1 
ATOM   219  N NE  . ARG A 1 38 ? 9.132   9.218   -12.174 1.00 34.26 ? 38  ARG A NE  1 
ATOM   220  C CZ  . ARG A 1 38 ? 9.823   8.445   -13.006 1.00 36.07 ? 38  ARG A CZ  1 
ATOM   221  N NH1 . ARG A 1 38 ? 9.233   7.915   -14.070 1.00 37.96 ? 38  ARG A NH1 1 
ATOM   222  N NH2 . ARG A 1 38 ? 11.106  8.201   -12.773 1.00 36.80 ? 38  ARG A NH2 1 
ATOM   223  N N   . THR A 1 39 ? 2.630   10.639  -10.408 1.00 15.51 ? 39  THR A N   1 
ATOM   224  C CA  . THR A 1 39 ? 1.285   11.145  -10.641 1.00 15.27 ? 39  THR A CA  1 
ATOM   225  C C   . THR A 1 39 ? 0.746   11.804  -9.376  1.00 14.90 ? 39  THR A C   1 
ATOM   226  O O   . THR A 1 39 ? 0.138   12.875  -9.433  1.00 14.61 ? 39  THR A O   1 
ATOM   227  C CB  . THR A 1 39 ? 0.342   10.009  -11.085 1.00 14.68 ? 39  THR A CB  1 
ATOM   228  O OG1 . THR A 1 39 ? 0.731   9.560   -12.388 1.00 17.75 ? 39  THR A OG1 1 
ATOM   229  C CG2 . THR A 1 39 ? -1.100  10.485  -11.135 1.00 15.15 ? 39  THR A CG2 1 
ATOM   230  N N   . HIS A 1 40 ? 0.978   11.158  -8.239  1.00 14.11 ? 40  HIS A N   1 
ATOM   231  C CA  . HIS A 1 40 ? 0.526   11.672  -6.954  1.00 13.97 ? 40  HIS A CA  1 
ATOM   232  C C   . HIS A 1 40 ? 1.105   13.056  -6.694  1.00 14.34 ? 40  HIS A C   1 
ATOM   233  O O   . HIS A 1 40 ? 0.385   13.969  -6.293  1.00 15.06 ? 40  HIS A O   1 
ATOM   234  C CB  . HIS A 1 40 ? 0.945   10.718  -5.836  1.00 14.35 ? 40  HIS A CB  1 
ATOM   235  C CG  . HIS A 1 40 ? 0.687   11.250  -4.462  1.00 14.33 ? 40  HIS A CG  1 
ATOM   236  N ND1 . HIS A 1 40 ? -0.570  11.610  -4.026  1.00 15.22 ? 40  HIS A ND1 1 
ATOM   237  C CD2 . HIS A 1 40 ? 1.527   11.487  -3.426  1.00 16.31 ? 40  HIS A CD2 1 
ATOM   238  C CE1 . HIS A 1 40 ? -0.494  12.043  -2.780  1.00 15.54 ? 40  HIS A CE1 1 
ATOM   239  N NE2 . HIS A 1 40 ? 0.769   11.980  -2.393  1.00 15.59 ? 40  HIS A NE2 1 
ATOM   240  N N   . ARG A 1 41 ? 2.407   13.200  -6.923  1.00 16.51 ? 41  ARG A N   1 
ATOM   241  C CA  . ARG A 1 41 ? 3.079   14.479  -6.722  1.00 18.01 ? 41  ARG A CA  1 
ATOM   242  C C   . ARG A 1 41 ? 2.434   15.575  -7.568  1.00 18.16 ? 41  ARG A C   1 
ATOM   243  O O   . ARG A 1 41 ? 2.232   16.695  -7.094  1.00 18.19 ? 41  ARG A O   1 
ATOM   244  C CB  . ARG A 1 41 ? 4.565   14.346  -7.064  1.00 20.68 ? 41  ARG A CB  1 
ATOM   245  C CG  . ARG A 1 41 ? 5.316   13.434  -6.109  1.00 24.71 ? 41  ARG A CG  1 
ATOM   246  C CD  . ARG A 1 41 ? 6.746   13.190  -6.560  1.00 29.63 ? 41  ARG A CD  1 
ATOM   247  N NE  . ARG A 1 41 ? 7.466   12.336  -5.618  1.00 33.55 ? 41  ARG A NE  1 
ATOM   248  C CZ  . ARG A 1 41 ? 8.715   11.916  -5.793  1.00 34.70 ? 41  ARG A CZ  1 
ATOM   249  N NH1 . ARG A 1 41 ? 9.390   12.269  -6.879  1.00 36.58 ? 41  ARG A NH1 1 
ATOM   250  N NH2 . ARG A 1 41 ? 9.288   11.144  -4.881  1.00 35.91 ? 41  ARG A NH2 1 
ATOM   251  N N   . ARG A 1 42 ? 2.102   15.248  -8.813  1.00 18.06 ? 42  ARG A N   1 
ATOM   252  C CA  . ARG A 1 42 ? 1.474   16.205  -9.715  1.00 16.74 ? 42  ARG A CA  1 
ATOM   253  C C   . ARG A 1 42 ? 0.080   16.590  -9.223  1.00 16.43 ? 42  ARG A C   1 
ATOM   254  O O   . ARG A 1 42 ? -0.287  17.765  -9.220  1.00 16.34 ? 42  ARG A O   1 
ATOM   255  C CB  . ARG A 1 42 ? 1.372   15.621  -11.129 1.00 17.73 ? 42  ARG A CB  1 
ATOM   256  C CG  . ARG A 1 42 ? 0.618   16.509  -12.113 1.00 22.12 ? 42  ARG A CG  1 
ATOM   257  C CD  . ARG A 1 42 ? 0.630   15.933  -13.525 1.00 25.25 ? 42  ARG A CD  1 
ATOM   258  N NE  . ARG A 1 42 ? -0.082  14.659  -13.624 1.00 27.84 ? 42  ARG A NE  1 
ATOM   259  C CZ  . ARG A 1 42 ? -1.405  14.533  -13.593 1.00 28.13 ? 42  ARG A CZ  1 
ATOM   260  N NH1 . ARG A 1 42 ? -2.176  15.605  -13.464 1.00 27.90 ? 42  ARG A NH1 1 
ATOM   261  N NH2 . ARG A 1 42 ? -1.961  13.334  -13.699 1.00 28.75 ? 42  ARG A NH2 1 
ATOM   262  N N   . LEU A 1 43 ? -0.696  15.595  -8.805  1.00 15.52 ? 43  LEU A N   1 
ATOM   263  C CA  . LEU A 1 43 ? -2.049  15.853  -8.325  1.00 14.06 ? 43  LEU A CA  1 
ATOM   264  C C   . LEU A 1 43 ? -2.059  16.655  -7.024  1.00 14.98 ? 43  LEU A C   1 
ATOM   265  O O   . LEU A 1 43 ? -2.934  17.497  -6.815  1.00 13.10 ? 43  LEU A O   1 
ATOM   266  C CB  . LEU A 1 43 ? -2.798  14.530  -8.148  1.00 12.42 ? 43  LEU A CB  1 
ATOM   267  C CG  . LEU A 1 43 ? -3.021  13.763  -9.454  1.00 13.25 ? 43  LEU A CG  1 
ATOM   268  C CD1 . LEU A 1 43 ? -3.651  12.412  -9.148  1.00 12.95 ? 43  LEU A CD1 1 
ATOM   269  C CD2 . LEU A 1 43 ? -3.910  14.569  -10.393 1.00 15.18 ? 43  LEU A CD2 1 
ATOM   270  N N   . VAL A 1 44 ? -1.094  16.393  -6.150  1.00 14.58 ? 44  VAL A N   1 
ATOM   271  C CA  . VAL A 1 44 ? -1.002  17.126  -4.888  1.00 15.18 ? 44  VAL A CA  1 
ATOM   272  C C   . VAL A 1 44 ? -0.653  18.586  -5.179  1.00 16.35 ? 44  VAL A C   1 
ATOM   273  O O   . VAL A 1 44 ? -1.234  19.504  -4.596  1.00 16.66 ? 44  VAL A O   1 
ATOM   274  C CB  . VAL A 1 44 ? 0.081   16.517  -3.967  1.00 15.28 ? 44  VAL A CB  1 
ATOM   275  C CG1 . VAL A 1 44 ? 0.389   17.463  -2.810  1.00 17.22 ? 44  VAL A CG1 1 
ATOM   276  C CG2 . VAL A 1 44 ? -0.407  15.189  -3.414  1.00 16.23 ? 44  VAL A CG2 1 
ATOM   277  N N   . GLU A 1 45 ? 0.290   18.793  -6.093  1.00 16.34 ? 45  GLU A N   1 
ATOM   278  C CA  . GLU A 1 45 ? 0.715   20.145  -6.459  1.00 17.76 ? 45  GLU A CA  1 
ATOM   279  C C   . GLU A 1 45 ? -0.443  20.944  -7.050  1.00 18.77 ? 45  GLU A C   1 
ATOM   280  O O   . GLU A 1 45 ? -0.619  22.124  -6.742  1.00 18.19 ? 45  GLU A O   1 
ATOM   281  C CB  . GLU A 1 45 ? 1.873   20.078  -7.457  1.00 19.32 ? 45  GLU A CB  1 
ATOM   282  N N   . LYS A 1 46 ? -1.233  20.297  -7.900  1.00 16.58 ? 46  LYS A N   1 
ATOM   283  C CA  . LYS A 1 46 ? -2.371  20.955  -8.530  1.00 17.78 ? 46  LYS A CA  1 
ATOM   284  C C   . LYS A 1 46 ? -3.429  21.326  -7.494  1.00 17.84 ? 46  LYS A C   1 
ATOM   285  O O   . LYS A 1 46 ? -3.912  22.459  -7.464  1.00 18.54 ? 46  LYS A O   1 
ATOM   286  C CB  . LYS A 1 46 ? -2.986  20.043  -9.594  1.00 18.30 ? 46  LYS A CB  1 
ATOM   287  C CG  . LYS A 1 46 ? -4.195  20.635  -10.298 1.00 21.88 ? 46  LYS A CG  1 
ATOM   288  C CD  . LYS A 1 46 ? -3.822  21.901  -11.056 1.00 27.04 ? 46  LYS A CD  1 
ATOM   289  C CE  . LYS A 1 46 ? -5.021  22.490  -11.782 1.00 29.92 ? 46  LYS A CE  1 
ATOM   290  N NZ  . LYS A 1 46 ? -4.664  23.739  -12.517 1.00 32.64 ? 46  LYS A NZ  1 
ATOM   291  N N   . ALA A 1 47 ? -3.787  20.374  -6.638  1.00 15.87 ? 47  ALA A N   1 
ATOM   292  C CA  . ALA A 1 47 ? -4.793  20.631  -5.617  1.00 15.93 ? 47  ALA A CA  1 
ATOM   293  C C   . ALA A 1 47 ? -4.325  21.734  -4.670  1.00 16.28 ? 47  ALA A C   1 
ATOM   294  O O   . ALA A 1 47 ? -5.111  22.600  -4.280  1.00 17.01 ? 47  ALA A O   1 
ATOM   295  C CB  . ALA A 1 47 ? -5.092  19.354  -4.839  1.00 16.90 ? 47  ALA A CB  1 
ATOM   296  N N   . ASP A 1 48 ? -3.041  21.710  -4.320  1.00 17.25 ? 48  ASP A N   1 
ATOM   297  C CA  . ASP A 1 48 ? -2.478  22.709  -3.418  1.00 19.53 ? 48  ASP A CA  1 
ATOM   298  C C   . ASP A 1 48 ? -2.533  24.098  -4.043  1.00 19.10 ? 48  ASP A C   1 
ATOM   299  O O   . ASP A 1 48 ? -2.898  25.071  -3.378  1.00 18.15 ? 48  ASP A O   1 
ATOM   300  C CB  . ASP A 1 48 ? -1.034  22.346  -3.068  1.00 22.54 ? 48  ASP A CB  1 
ATOM   301  C CG  . ASP A 1 48 ? -0.404  23.324  -2.090  1.00 29.63 ? 48  ASP A CG  1 
ATOM   302  O OD1 . ASP A 1 48 ? -0.068  24.456  -2.504  1.00 33.03 ? 48  ASP A OD1 1 
ATOM   303  O OD2 . ASP A 1 48 ? -0.248  22.961  -0.905  1.00 34.41 ? 48  ASP A OD2 1 
ATOM   304  N N   . GLU A 1 49 ? -2.175  24.189  -5.319  1.00 18.28 ? 49  GLU A N   1 
ATOM   305  C CA  . GLU A 1 49 ? -2.198  25.473  -6.020  1.00 19.70 ? 49  GLU A CA  1 
ATOM   306  C C   . GLU A 1 49 ? -3.586  26.097  -6.004  1.00 18.74 ? 49  GLU A C   1 
ATOM   307  O O   . GLU A 1 49 ? -3.728  27.304  -5.797  1.00 17.78 ? 49  GLU A O   1 
ATOM   308  C CB  . GLU A 1 49 ? -1.738  25.306  -7.469  1.00 22.40 ? 49  GLU A CB  1 
ATOM   309  C CG  . GLU A 1 49 ? -0.237  25.208  -7.638  1.00 30.29 ? 49  GLU A CG  1 
ATOM   310  C CD  . GLU A 1 49 ? 0.169   24.981  -9.081  1.00 33.93 ? 49  GLU A CD  1 
ATOM   311  O OE1 . GLU A 1 49 ? -0.354  25.692  -9.966  1.00 38.34 ? 49  GLU A OE1 1 
ATOM   312  O OE2 . GLU A 1 49 ? 1.016   24.098  -9.330  1.00 38.76 ? 49  GLU A OE2 1 
ATOM   313  N N   . LEU A 1 50 ? -4.608  25.274  -6.221  1.00 16.45 ? 50  LEU A N   1 
ATOM   314  C CA  . LEU A 1 50 ? -5.977  25.768  -6.231  1.00 14.76 ? 50  LEU A CA  1 
ATOM   315  C C   . LEU A 1 50 ? -6.449  26.114  -4.821  1.00 14.18 ? 50  LEU A C   1 
ATOM   316  O O   . LEU A 1 50 ? -7.187  27.079  -4.629  1.00 14.76 ? 50  LEU A O   1 
ATOM   317  C CB  . LEU A 1 50 ? -6.912  24.740  -6.884  1.00 14.36 ? 50  LEU A CB  1 
ATOM   318  C CG  . LEU A 1 50 ? -6.583  24.406  -8.345  1.00 14.20 ? 50  LEU A CG  1 
ATOM   319  C CD1 . LEU A 1 50 ? -7.643  23.475  -8.907  1.00 13.94 ? 50  LEU A CD1 1 
ATOM   320  C CD2 . LEU A 1 50 ? -6.517  25.686  -9.172  1.00 15.19 ? 50  LEU A CD2 1 
ATOM   321  N N   . PHE A 1 51 ? -6.017  25.344  -3.828  1.00 14.83 ? 51  PHE A N   1 
ATOM   322  C CA  . PHE A 1 51 ? -6.417  25.635  -2.456  1.00 14.43 ? 51  PHE A CA  1 
ATOM   323  C C   . PHE A 1 51 ? -5.864  26.989  -2.015  1.00 16.06 ? 51  PHE A C   1 
ATOM   324  O O   . PHE A 1 51 ? -6.571  27.784  -1.399  1.00 14.76 ? 51  PHE A O   1 
ATOM   325  C CB  . PHE A 1 51 ? -5.910  24.557  -1.496  1.00 15.44 ? 51  PHE A CB  1 
ATOM   326  C CG  . PHE A 1 51 ? -6.286  24.808  -0.061  1.00 17.08 ? 51  PHE A CG  1 
ATOM   327  C CD1 . PHE A 1 51 ? -7.570  24.528  0.394   1.00 19.78 ? 51  PHE A CD1 1 
ATOM   328  C CD2 . PHE A 1 51 ? -5.369  25.369  0.825   1.00 19.60 ? 51  PHE A CD2 1 
ATOM   329  C CE1 . PHE A 1 51 ? -7.938  24.806  1.714   1.00 20.76 ? 51  PHE A CE1 1 
ATOM   330  C CE2 . PHE A 1 51 ? -5.727  25.651  2.146   1.00 19.25 ? 51  PHE A CE2 1 
ATOM   331  C CZ  . PHE A 1 51 ? -7.013  25.368  2.587   1.00 20.56 ? 51  PHE A CZ  1 
ATOM   332  N N   . GLN A 1 52 ? -4.599  27.245  -2.337  1.00 16.82 ? 52  GLN A N   1 
ATOM   333  C CA  . GLN A 1 52 ? -3.958  28.499  -1.948  1.00 18.06 ? 52  GLN A CA  1 
ATOM   334  C C   . GLN A 1 52 ? -4.665  29.737  -2.486  1.00 17.03 ? 52  GLN A C   1 
ATOM   335  O O   . GLN A 1 52 ? -4.713  30.767  -1.812  1.00 16.97 ? 52  GLN A O   1 
ATOM   336  C CB  . GLN A 1 52 ? -2.494  28.513  -2.402  1.00 19.48 ? 52  GLN A CB  1 
ATOM   337  C CG  . GLN A 1 52 ? -1.609  27.498  -1.693  1.00 25.80 ? 52  GLN A CG  1 
ATOM   338  C CD  . GLN A 1 52 ? -1.693  27.601  -0.179  1.00 28.43 ? 52  GLN A CD  1 
ATOM   339  O OE1 . GLN A 1 52 ? -1.581  28.688  0.389   1.00 29.86 ? 52  GLN A OE1 1 
ATOM   340  N NE2 . GLN A 1 52 ? -1.885  26.463  0.481   1.00 31.38 ? 52  GLN A NE2 1 
ATOM   341  N N   . ALA A 1 53 ? -5.224  29.630  -3.688  1.00 15.42 ? 53  ALA A N   1 
ATOM   342  C CA  . ALA A 1 53 ? -5.913  30.749  -4.321  1.00 14.77 ? 53  ALA A CA  1 
ATOM   343  C C   . ALA A 1 53 ? -7.352  30.964  -3.849  1.00 13.82 ? 53  ALA A C   1 
ATOM   344  O O   . ALA A 1 53 ? -7.995  31.942  -4.232  1.00 14.53 ? 53  ALA A O   1 
ATOM   345  C CB  . ALA A 1 53 ? -5.883  30.582  -5.841  1.00 13.11 ? 53  ALA A CB  1 
ATOM   346  N N   . LEU A 1 54 ? -7.866  30.054  -3.027  1.00 14.64 ? 54  LEU A N   1 
ATOM   347  C CA  . LEU A 1 54 ? -9.228  30.189  -2.515  1.00 13.34 ? 54  LEU A CA  1 
ATOM   348  C C   . LEU A 1 54 ? -9.307  31.324  -1.501  1.00 14.37 ? 54  LEU A C   1 
ATOM   349  O O   . LEU A 1 54 ? -8.355  31.574  -0.765  1.00 15.43 ? 54  LEU A O   1 
ATOM   350  C CB  . LEU A 1 54 ? -9.674  28.903  -1.809  1.00 13.77 ? 54  LEU A CB  1 
ATOM   351  C CG  . LEU A 1 54 ? -9.931  27.623  -2.600  1.00 15.55 ? 54  LEU A CG  1 
ATOM   352  C CD1 . LEU A 1 54 ? -10.208 26.485  -1.616  1.00 14.58 ? 54  LEU A CD1 1 
ATOM   353  C CD2 . LEU A 1 54 ? -11.111 27.819  -3.530  1.00 15.96 ? 54  LEU A CD2 1 
ATOM   354  N N   . PRO A 1 55 ? -10.447 32.030  -1.457  1.00 15.88 ? 55  PRO A N   1 
ATOM   355  C CA  . PRO A 1 55 ? -10.592 33.120  -0.489  1.00 15.93 ? 55  PRO A CA  1 
ATOM   356  C C   . PRO A 1 55 ? -10.499 32.497  0.900   1.00 17.56 ? 55  PRO A C   1 
ATOM   357  O O   . PRO A 1 55 ? -10.763 31.305  1.066   1.00 16.04 ? 55  PRO A O   1 
ATOM   358  C CB  . PRO A 1 55 ? -11.997 33.647  -0.769  1.00 17.75 ? 55  PRO A CB  1 
ATOM   359  C CG  . PRO A 1 55 ? -12.189 33.352  -2.222  1.00 16.26 ? 55  PRO A CG  1 
ATOM   360  C CD  . PRO A 1 55 ? -11.615 31.963  -2.351  1.00 15.98 ? 55  PRO A CD  1 
ATOM   361  N N   . GLU A 1 56 ? -10.128 33.295  1.893   1.00 18.02 ? 56  GLU A N   1 
ATOM   362  C CA  . GLU A 1 56 ? -10.015 32.796  3.257   1.00 19.86 ? 56  GLU A CA  1 
ATOM   363  C C   . GLU A 1 56 ? -11.310 32.131  3.733   1.00 18.77 ? 56  GLU A C   1 
ATOM   364  O O   . GLU A 1 56 ? -11.268 31.109  4.417   1.00 18.65 ? 56  GLU A O   1 
ATOM   365  C CB  . GLU A 1 56 ? -9.640  33.944  4.198   1.00 22.07 ? 56  GLU A CB  1 
ATOM   366  C CG  . GLU A 1 56 ? -9.370  33.526  5.636   1.00 28.00 ? 56  GLU A CG  1 
ATOM   367  C CD  . GLU A 1 56 ? -8.249  32.507  5.748   1.00 31.73 ? 56  GLU A CD  1 
ATOM   368  O OE1 . GLU A 1 56 ? -7.268  32.615  4.981   1.00 34.14 ? 56  GLU A OE1 1 
ATOM   369  O OE2 . GLU A 1 56 ? -8.341  31.608  6.612   1.00 34.84 ? 56  GLU A OE2 1 
ATOM   370  N N   . THR A 1 57 ? -12.454 32.704  3.366   1.00 18.51 ? 57  THR A N   1 
ATOM   371  C CA  . THR A 1 57 ? -13.747 32.158  3.777   1.00 18.81 ? 57  THR A CA  1 
ATOM   372  C C   . THR A 1 57 ? -13.969 30.740  3.270   1.00 16.89 ? 57  THR A C   1 
ATOM   373  O O   . THR A 1 57 ? -14.663 29.953  3.905   1.00 17.67 ? 57  THR A O   1 
ATOM   374  C CB  . THR A 1 57 ? -14.917 33.037  3.297   1.00 19.49 ? 57  THR A CB  1 
ATOM   375  O OG1 . THR A 1 57 ? -14.793 33.281  1.891   1.00 20.13 ? 57  THR A OG1 1 
ATOM   376  C CG2 . THR A 1 57 ? -14.928 34.358  4.051   1.00 20.05 ? 57  THR A CG2 1 
ATOM   377  N N   . TYR A 1 58 ? -13.385 30.418  2.122   1.00 16.41 ? 58  TYR A N   1 
ATOM   378  C CA  . TYR A 1 58 ? -13.522 29.078  1.574   1.00 16.47 ? 58  TYR A CA  1 
ATOM   379  C C   . TYR A 1 58 ? -12.532 28.131  2.245   1.00 17.40 ? 58  TYR A C   1 
ATOM   380  O O   . TYR A 1 58 ? -12.840 26.960  2.471   1.00 17.34 ? 58  TYR A O   1 
ATOM   381  C CB  . TYR A 1 58 ? -13.303 29.095  0.059   1.00 15.82 ? 58  TYR A CB  1 
ATOM   382  C CG  . TYR A 1 58 ? -14.521 29.547  -0.713  1.00 15.30 ? 58  TYR A CG  1 
ATOM   383  C CD1 . TYR A 1 58 ? -14.887 30.893  -0.765  1.00 17.05 ? 58  TYR A CD1 1 
ATOM   384  C CD2 . TYR A 1 58 ? -15.334 28.619  -1.356  1.00 14.08 ? 58  TYR A CD2 1 
ATOM   385  C CE1 . TYR A 1 58 ? -16.039 31.296  -1.443  1.00 17.86 ? 58  TYR A CE1 1 
ATOM   386  C CE2 . TYR A 1 58 ? -16.482 29.008  -2.031  1.00 17.54 ? 58  TYR A CE2 1 
ATOM   387  C CZ  . TYR A 1 58 ? -16.833 30.345  -2.072  1.00 18.31 ? 58  TYR A CZ  1 
ATOM   388  O OH  . TYR A 1 58 ? -17.980 30.720  -2.731  1.00 20.78 ? 58  TYR A OH  1 
ATOM   389  N N   . LYS A 1 59 ? -11.350 28.642  2.575   1.00 17.01 ? 59  LYS A N   1 
ATOM   390  C CA  . LYS A 1 59 ? -10.335 27.830  3.230   1.00 19.71 ? 59  LYS A CA  1 
ATOM   391  C C   . LYS A 1 59 ? -10.799 27.427  4.623   1.00 19.92 ? 59  LYS A C   1 
ATOM   392  O O   . LYS A 1 59 ? -10.422 26.371  5.125   1.00 22.33 ? 59  LYS A O   1 
ATOM   393  C CB  . LYS A 1 59 ? -9.019  28.600  3.356   1.00 18.87 ? 59  LYS A CB  1 
ATOM   394  C CG  . LYS A 1 59 ? -8.314  28.872  2.038   1.00 18.54 ? 59  LYS A CG  1 
ATOM   395  C CD  . LYS A 1 59 ? -6.982  29.559  2.282   1.00 19.78 ? 59  LYS A CD  1 
ATOM   396  C CE  . LYS A 1 59 ? -6.269  29.863  0.979   1.00 21.98 ? 59  LYS A CE  1 
ATOM   397  N NZ  . LYS A 1 59 ? -4.975  30.557  1.213   1.00 26.42 ? 59  LYS A NZ  1 
ATOM   398  N N   . THR A 1 60 ? -11.617 28.273  5.244   1.00 20.53 ? 60  THR A N   1 
ATOM   399  C CA  . THR A 1 60 ? -12.116 27.999  6.588   1.00 20.59 ? 60  THR A CA  1 
ATOM   400  C C   . THR A 1 60 ? -13.465 27.285  6.579   1.00 20.42 ? 60  THR A C   1 
ATOM   401  O O   . THR A 1 60 ? -13.994 26.926  7.633   1.00 22.14 ? 60  THR A O   1 
ATOM   402  C CB  . THR A 1 60 ? -12.243 29.298  7.411   1.00 20.56 ? 60  THR A CB  1 
ATOM   403  O OG1 . THR A 1 60 ? -13.199 30.167  6.793   1.00 22.16 ? 60  THR A OG1 1 
ATOM   404  C CG2 . THR A 1 60 ? -10.901 30.006  7.492   1.00 22.87 ? 60  THR A CG2 1 
ATOM   405  N N   . GLY A 1 61 ? -14.020 27.080  5.389   1.00 19.96 ? 61  GLY A N   1 
ATOM   406  C CA  . GLY A 1 61 ? -15.294 26.390  5.273   1.00 19.32 ? 61  GLY A CA  1 
ATOM   407  C C   . GLY A 1 61 ? -16.525 27.224  5.573   1.00 19.74 ? 61  GLY A C   1 
ATOM   408  O O   . GLY A 1 61 ? -17.629 26.686  5.652   1.00 20.76 ? 61  GLY A O   1 
ATOM   409  N N   . GLN A 1 62 ? -16.351 28.532  5.739   1.00 18.82 ? 62  GLN A N   1 
ATOM   410  C CA  . GLN A 1 62 ? -17.485 29.401  6.025   1.00 18.97 ? 62  GLN A CA  1 
ATOM   411  C C   . GLN A 1 62 ? -18.295 29.663  4.757   1.00 19.04 ? 62  GLN A C   1 
ATOM   412  O O   . GLN A 1 62 ? -19.495 29.917  4.816   1.00 21.50 ? 62  GLN A O   1 
ATOM   413  C CB  . GLN A 1 62 ? -17.000 30.719  6.629   1.00 19.74 ? 62  GLN A CB  1 
ATOM   414  C CG  . GLN A 1 62 ? -16.205 30.540  7.918   1.00 21.18 ? 62  GLN A CG  1 
ATOM   415  C CD  . GLN A 1 62 ? -15.716 31.853  8.484   1.00 22.17 ? 62  GLN A CD  1 
ATOM   416  O OE1 . GLN A 1 62 ? -15.597 32.843  7.763   1.00 22.71 ? 62  GLN A OE1 1 
ATOM   417  N NE2 . GLN A 1 62 ? -15.410 31.865  9.779   1.00 21.74 ? 62  GLN A NE2 1 
ATOM   418  N N   . ALA A 1 63 ? -17.624 29.602  3.612   1.00 16.59 ? 63  ALA A N   1 
ATOM   419  C CA  . ALA A 1 63 ? -18.277 29.806  2.326   1.00 17.17 ? 63  ALA A CA  1 
ATOM   420  C C   . ALA A 1 63 ? -18.061 28.559  1.478   1.00 17.07 ? 63  ALA A C   1 
ATOM   421  O O   . ALA A 1 63 ? -16.988 27.958  1.522   1.00 17.05 ? 63  ALA A O   1 
ATOM   422  C CB  . ALA A 1 63 ? -17.690 31.019  1.626   1.00 17.96 ? 63  ALA A CB  1 
ATOM   423  N N   . CYS A 1 64 ? -19.085 28.178  0.718   1.00 18.11 ? 64  CYS A N   1 
ATOM   424  C CA  . CYS A 1 64 ? -19.033 27.002  -0.151  1.00 18.57 ? 64  CYS A CA  1 
ATOM   425  C C   . CYS A 1 64 ? -19.769 27.271  -1.453  1.00 18.62 ? 64  CYS A C   1 
ATOM   426  O O   . CYS A 1 64 ? -20.724 28.046  -1.483  1.00 18.52 ? 64  CYS A O   1 
ATOM   427  C CB  . CYS A 1 64 ? -19.698 25.797  0.527   1.00 21.20 ? 64  CYS A CB  1 
ATOM   428  S SG  . CYS A 1 64 ? -19.029 25.372  2.131   1.00 26.51 ? 64  CYS A SG  1 
ATOM   429  N N   . GLY A 1 65 ? -19.326 26.627  -2.527  1.00 16.45 ? 65  GLY A N   1 
ATOM   430  C CA  . GLY A 1 65 ? -20.000 26.792  -3.802  1.00 16.86 ? 65  GLY A CA  1 
ATOM   431  C C   . GLY A 1 65 ? -19.321 27.723  -4.779  1.00 14.93 ? 65  GLY A C   1 
ATOM   432  O O   . GLY A 1 65 ? -18.447 28.504  -4.409  1.00 15.69 ? 65  GLY A O   1 
ATOM   433  N N   . GLY A 1 66 ? -19.726 27.633  -6.041  1.00 14.45 ? 66  GLY A N   1 
ATOM   434  C CA  . GLY A 1 66 ? -19.138 28.484  -7.054  1.00 14.85 ? 66  GLY A CA  1 
ATOM   435  C C   . GLY A 1 66 ? -18.115 27.756  -7.897  1.00 15.72 ? 66  GLY A C   1 
ATOM   436  O O   . GLY A 1 66 ? -17.557 26.747  -7.468  1.00 13.67 ? 66  GLY A O   1 
ATOM   437  N N   . PRO A 1 67 ? -17.843 28.259  -9.106  1.00 16.49 ? 67  PRO A N   1 
ATOM   438  C CA  . PRO A 1 67 ? -16.888 27.683  -10.058 1.00 16.49 ? 67  PRO A CA  1 
ATOM   439  C C   . PRO A 1 67 ? -15.491 27.421  -9.505  1.00 15.95 ? 67  PRO A C   1 
ATOM   440  O O   . PRO A 1 67 ? -14.939 26.337  -9.688  1.00 15.23 ? 67  PRO A O   1 
ATOM   441  C CB  . PRO A 1 67 ? -16.861 28.714  -11.181 1.00 19.48 ? 67  PRO A CB  1 
ATOM   442  C CG  . PRO A 1 67 ? -18.242 29.260  -11.163 1.00 21.16 ? 67  PRO A CG  1 
ATOM   443  C CD  . PRO A 1 67 ? -18.519 29.432  -9.690  1.00 17.59 ? 67  PRO A CD  1 
ATOM   444  N N   . GLN A 1 68 ? -14.913 28.414  -8.841  1.00 13.87 ? 68  GLN A N   1 
ATOM   445  C CA  . GLN A 1 68 ? -13.571 28.245  -8.306  1.00 13.07 ? 68  GLN A CA  1 
ATOM   446  C C   . GLN A 1 68 ? -13.517 27.120  -7.283  1.00 13.19 ? 68  GLN A C   1 
ATOM   447  O O   . GLN A 1 68 ? -12.602 26.295  -7.305  1.00 12.34 ? 68  GLN A O   1 
ATOM   448  C CB  . GLN A 1 68 ? -13.066 29.542  -7.671  1.00 13.32 ? 68  GLN A CB  1 
ATOM   449  C CG  . GLN A 1 68 ? -11.675 29.392  -7.078  1.00 13.58 ? 68  GLN A CG  1 
ATOM   450  C CD  . GLN A 1 68 ? -11.135 30.674  -6.478  1.00 15.53 ? 68  GLN A CD  1 
ATOM   451  O OE1 . GLN A 1 68 ? -11.875 31.629  -6.249  1.00 17.75 ? 68  GLN A OE1 1 
ATOM   452  N NE2 . GLN A 1 68 ? -9.839  30.694  -6.208  1.00 15.61 ? 68  GLN A NE2 1 
ATOM   453  N N   . HIS A 1 69 ? -14.499 27.087  -6.391  1.00 13.28 ? 69  HIS A N   1 
ATOM   454  C CA  . HIS A 1 69 ? -14.539 26.051  -5.362  1.00 12.67 ? 69  HIS A CA  1 
ATOM   455  C C   . HIS A 1 69 ? -14.701 24.678  -6.003  1.00 12.54 ? 69  HIS A C   1 
ATOM   456  O O   . HIS A 1 69 ? -14.036 23.719  -5.610  1.00 11.99 ? 69  HIS A O   1 
ATOM   457  C CB  . HIS A 1 69 ? -15.692 26.306  -4.387  1.00 14.11 ? 69  HIS A CB  1 
ATOM   458  C CG  . HIS A 1 69 ? -15.605 25.495  -3.131  1.00 15.96 ? 69  HIS A CG  1 
ATOM   459  N ND1 . HIS A 1 69 ? -16.665 25.356  -2.260  1.00 16.32 ? 69  HIS A ND1 1 
ATOM   460  C CD2 . HIS A 1 69 ? -14.580 24.798  -2.589  1.00 15.85 ? 69  HIS A CD2 1 
ATOM   461  C CE1 . HIS A 1 69 ? -16.296 24.607  -1.236  1.00 15.43 ? 69  HIS A CE1 1 
ATOM   462  N NE2 . HIS A 1 69 ? -15.036 24.254  -1.411  1.00 13.36 ? 69  HIS A NE2 1 
ATOM   463  N N   . ILE A 1 70 ? -15.586 24.593  -6.991  1.00 12.13 ? 70  ILE A N   1 
ATOM   464  C CA  . ILE A 1 70 ? -15.826 23.339  -7.689  1.00 12.33 ? 70  ILE A CA  1 
ATOM   465  C C   . ILE A 1 70 ? -14.525 22.815  -8.288  1.00 13.19 ? 70  ILE A C   1 
ATOM   466  O O   . ILE A 1 70 ? -14.215 21.631  -8.170  1.00 12.58 ? 70  ILE A O   1 
ATOM   467  C CB  . ILE A 1 70 ? -16.876 23.516  -8.814  1.00 13.77 ? 70  ILE A CB  1 
ATOM   468  C CG1 . ILE A 1 70 ? -18.266 23.690  -8.195  1.00 16.07 ? 70  ILE A CG1 1 
ATOM   469  C CG2 . ILE A 1 70 ? -16.832 22.323  -9.774  1.00 13.51 ? 70  ILE A CG2 1 
ATOM   470  C CD1 . ILE A 1 70 ? -19.369 23.946  -9.206  1.00 17.47 ? 70  ILE A CD1 1 
ATOM   471  N N   . ARG A 1 71 ? -13.758 23.694  -8.924  1.00 13.88 ? 71  ARG A N   1 
ATOM   472  C CA  . ARG A 1 71 ? -12.504 23.268  -9.531  1.00 14.47 ? 71  ARG A CA  1 
ATOM   473  C C   . ARG A 1 71 ? -11.517 22.728  -8.504  1.00 13.87 ? 71  ARG A C   1 
ATOM   474  O O   . ARG A 1 71 ? -10.824 21.745  -8.763  1.00 14.15 ? 71  ARG A O   1 
ATOM   475  C CB  . ARG A 1 71 ? -11.860 24.413  -10.311 1.00 17.64 ? 71  ARG A CB  1 
ATOM   476  C CG  . ARG A 1 71 ? -12.439 24.629  -11.688 1.00 23.11 ? 71  ARG A CG  1 
ATOM   477  C CD  . ARG A 1 71 ? -11.519 25.532  -12.486 1.00 27.78 ? 71  ARG A CD  1 
ATOM   478  N NE  . ARG A 1 71 ? -10.169 24.977  -12.579 1.00 30.83 ? 71  ARG A NE  1 
ATOM   479  C CZ  . ARG A 1 71 ? -9.098  25.677  -12.940 1.00 30.82 ? 71  ARG A CZ  1 
ATOM   480  N NH1 . ARG A 1 71 ? -9.220  26.963  -13.242 1.00 34.51 ? 71  ARG A NH1 1 
ATOM   481  N NH2 . ARG A 1 71 ? -7.906  25.101  -12.991 1.00 31.04 ? 71  ARG A NH2 1 
ATOM   482  N N   . TYR A 1 72 ? -11.444 23.375  -7.344  1.00 12.70 ? 72  TYR A N   1 
ATOM   483  C CA  . TYR A 1 72 ? -10.552 22.912  -6.289  1.00 11.30 ? 72  TYR A CA  1 
ATOM   484  C C   . TYR A 1 72 ? -11.007 21.535  -5.809  1.00 11.41 ? 72  TYR A C   1 
ATOM   485  O O   . TYR A 1 72 ? -10.199 20.621  -5.645  1.00 12.60 ? 72  TYR A O   1 
ATOM   486  C CB  . TYR A 1 72 ? -10.566 23.868  -5.097  1.00 12.98 ? 72  TYR A CB  1 
ATOM   487  C CG  . TYR A 1 72 ? -10.049 23.210  -3.836  1.00 13.72 ? 72  TYR A CG  1 
ATOM   488  C CD1 . TYR A 1 72 ? -8.711  22.829  -3.726  1.00 14.03 ? 72  TYR A CD1 1 
ATOM   489  C CD2 . TYR A 1 72 ? -10.915 22.892  -2.788  1.00 13.60 ? 72  TYR A CD2 1 
ATOM   490  C CE1 . TYR A 1 72 ? -8.244  22.137  -2.604  1.00 16.12 ? 72  TYR A CE1 1 
ATOM   491  C CE2 . TYR A 1 72 ? -10.459 22.197  -1.661  1.00 14.09 ? 72  TYR A CE2 1 
ATOM   492  C CZ  . TYR A 1 72 ? -9.127  21.823  -1.579  1.00 16.43 ? 72  TYR A CZ  1 
ATOM   493  O OH  . TYR A 1 72 ? -8.681  21.117  -0.482  1.00 19.11 ? 72  TYR A OH  1 
ATOM   494  N N   . ILE A 1 73 ? -12.307 21.399  -5.576  1.00 12.33 ? 73  ILE A N   1 
ATOM   495  C CA  . ILE A 1 73 ? -12.853 20.132  -5.105  1.00 11.24 ? 73  ILE A CA  1 
ATOM   496  C C   . ILE A 1 73 ? -12.552 19.009  -6.085  1.00 12.32 ? 73  ILE A C   1 
ATOM   497  O O   . ILE A 1 73 ? -12.138 17.926  -5.679  1.00 11.93 ? 73  ILE A O   1 
ATOM   498  C CB  . ILE A 1 73 ? -14.379 20.229  -4.881  1.00 11.75 ? 73  ILE A CB  1 
ATOM   499  C CG1 . ILE A 1 73 ? -14.666 21.160  -3.702  1.00 10.39 ? 73  ILE A CG1 1 
ATOM   500  C CG2 . ILE A 1 73 ? -14.963 18.836  -4.604  1.00 13.04 ? 73  ILE A CG2 1 
ATOM   501  C CD1 . ILE A 1 73 ? -16.130 21.514  -3.518  1.00 10.93 ? 73  ILE A CD1 1 
ATOM   502  N N   . GLU A 1 74 ? -12.745 19.263  -7.375  1.00 12.88 ? 74  GLU A N   1 
ATOM   503  C CA  . GLU A 1 74 ? -12.480 18.226  -8.365  1.00 12.24 ? 74  GLU A CA  1 
ATOM   504  C C   . GLU A 1 74 ? -11.010 17.841  -8.364  1.00 13.19 ? 74  GLU A C   1 
ATOM   505  O O   . GLU A 1 74 ? -10.677 16.663  -8.479  1.00 12.18 ? 74  GLU A O   1 
ATOM   506  C CB  . GLU A 1 74 ? -12.923 18.684  -9.756  1.00 14.67 ? 74  GLU A CB  1 
ATOM   507  C CG  . GLU A 1 74 ? -14.431 18.840  -9.870  1.00 16.04 ? 74  GLU A CG  1 
ATOM   508  C CD  . GLU A 1 74 ? -14.872 19.261  -11.253 1.00 20.88 ? 74  GLU A CD  1 
ATOM   509  O OE1 . GLU A 1 74 ? -14.249 20.185  -11.816 1.00 22.77 ? 74  GLU A OE1 1 
ATOM   510  O OE2 . GLU A 1 74 ? -15.843 18.676  -11.773 1.00 24.59 ? 74  GLU A OE2 1 
ATOM   511  N N   . ALA A 1 75 ? -10.124 18.821  -8.220  1.00 13.31 ? 75  ALA A N   1 
ATOM   512  C CA  . ALA A 1 75 ? -8.699  18.512  -8.190  1.00 13.16 ? 75  ALA A CA  1 
ATOM   513  C C   . ALA A 1 75 ? -8.369  17.695  -6.944  1.00 13.89 ? 75  ALA A C   1 
ATOM   514  O O   . ALA A 1 75 ? -7.559  16.772  -6.999  1.00 13.25 ? 75  ALA A O   1 
ATOM   515  C CB  . ALA A 1 75 ? -7.870  19.802  -8.219  1.00 12.37 ? 75  ALA A CB  1 
ATOM   516  N N   . SER A 1 76 ? -9.002  18.029  -5.820  1.00 13.01 ? 76  SER A N   1 
ATOM   517  C CA  . SER A 1 76 ? -8.764  17.311  -4.572  1.00 11.87 ? 76  SER A CA  1 
ATOM   518  C C   . SER A 1 76 ? -9.323  15.893  -4.661  1.00 11.98 ? 76  SER A C   1 
ATOM   519  O O   . SER A 1 76 ? -8.725  14.949  -4.147  1.00 11.88 ? 76  SER A O   1 
ATOM   520  C CB  . SER A 1 76 ? -9.409  18.055  -3.399  1.00 13.94 ? 76  SER A CB  1 
ATOM   521  O OG  . SER A 1 76 ? -9.042  17.451  -2.170  1.00 16.99 ? 76  SER A OG  1 
ATOM   522  N N   . ILE A 1 77 ? -10.475 15.748  -5.307  1.00 11.23 ? 77  ILE A N   1 
ATOM   523  C CA  . ILE A 1 77 ? -11.087 14.433  -5.466  1.00 12.19 ? 77  ILE A CA  1 
ATOM   524  C C   . ILE A 1 77 ? -10.149 13.523  -6.251  1.00 13.33 ? 77  ILE A C   1 
ATOM   525  O O   . ILE A 1 77 ? -9.905  12.382  -5.851  1.00 12.14 ? 77  ILE A O   1 
ATOM   526  C CB  . ILE A 1 77 ? -12.447 14.522  -6.201  1.00 12.23 ? 77  ILE A CB  1 
ATOM   527  C CG1 . ILE A 1 77 ? -13.508 15.080  -5.251  1.00 11.83 ? 77  ILE A CG1 1 
ATOM   528  C CG2 . ILE A 1 77 ? -12.878 13.134  -6.689  1.00 13.12 ? 77  ILE A CG2 1 
ATOM   529  C CD1 . ILE A 1 77 ? -14.841 15.347  -5.916  1.00 13.69 ? 77  ILE A CD1 1 
ATOM   530  N N   . GLU A 1 78 ? -9.618  14.022  -7.365  1.00 12.86 ? 78  GLU A N   1 
ATOM   531  C CA  . GLU A 1 78 ? -8.713  13.207  -8.166  1.00 13.33 ? 78  GLU A CA  1 
ATOM   532  C C   . GLU A 1 78 ? -7.479  12.837  -7.351  1.00 12.37 ? 78  GLU A C   1 
ATOM   533  O O   . GLU A 1 78 ? -6.993  11.707  -7.423  1.00 13.07 ? 78  GLU A O   1 
ATOM   534  C CB  . GLU A 1 78 ? -8.305  13.936  -9.448  1.00 14.50 ? 78  GLU A CB  1 
ATOM   535  C CG  . GLU A 1 78 ? -7.348  13.111  -10.311 1.00 19.42 ? 78  GLU A CG  1 
ATOM   536  C CD  . GLU A 1 78 ? -7.162  13.665  -11.710 1.00 20.46 ? 78  GLU A CD  1 
ATOM   537  O OE1 . GLU A 1 78 ? -7.297  14.892  -11.902 1.00 22.39 ? 78  GLU A OE1 1 
ATOM   538  O OE2 . GLU A 1 78 ? -6.859  12.862  -12.618 1.00 25.36 ? 78  GLU A OE2 1 
ATOM   539  N N   . MET A 1 79 ? -6.981  13.781  -6.560  1.00 13.06 ? 79  MET A N   1 
ATOM   540  C CA  . MET A 1 79 ? -5.809  13.526  -5.729  1.00 11.67 ? 79  MET A CA  1 
ATOM   541  C C   . MET A 1 79 ? -6.099  12.407  -4.721  1.00 13.72 ? 79  MET A C   1 
ATOM   542  O O   . MET A 1 79 ? -5.353  11.432  -4.632  1.00 12.33 ? 79  MET A O   1 
ATOM   543  C CB  . MET A 1 79 ? -5.399  14.820  -5.009  1.00 13.04 ? 79  MET A CB  1 
ATOM   544  C CG  . MET A 1 79 ? -4.090  14.745  -4.231  1.00 14.78 ? 79  MET A CG  1 
ATOM   545  S SD  . MET A 1 79 ? -4.203  13.830  -2.679  1.00 20.86 ? 79  MET A SD  1 
ATOM   546  C CE  . MET A 1 79 ? -5.198  14.974  -1.671  1.00 19.65 ? 79  MET A CE  1 
ATOM   547  N N   . HIS A 1 80 ? -7.193  12.536  -3.978  1.00 12.25 ? 80  HIS A N   1 
ATOM   548  C CA  . HIS A 1 80 ? -7.549  11.524  -2.987  1.00 11.97 ? 80  HIS A CA  1 
ATOM   549  C C   . HIS A 1 80 ? -7.785  10.149  -3.593  1.00 11.65 ? 80  HIS A C   1 
ATOM   550  O O   . HIS A 1 80 ? -7.336  9.138   -3.049  1.00 12.34 ? 80  HIS A O   1 
ATOM   551  C CB  . HIS A 1 80 ? -8.784  11.962  -2.200  1.00 13.59 ? 80  HIS A CB  1 
ATOM   552  C CG  . HIS A 1 80 ? -8.473  12.922  -1.099  1.00 14.07 ? 80  HIS A CG  1 
ATOM   553  N ND1 . HIS A 1 80 ? -8.853  14.247  -1.131  1.00 16.66 ? 80  HIS A ND1 1 
ATOM   554  C CD2 . HIS A 1 80 ? -7.782  12.756  0.053   1.00 14.15 ? 80  HIS A CD2 1 
ATOM   555  C CE1 . HIS A 1 80 ? -8.409  14.854  -0.045  1.00 14.46 ? 80  HIS A CE1 1 
ATOM   556  N NE2 . HIS A 1 80 ? -7.754  13.972  0.687   1.00 17.82 ? 80  HIS A NE2 1 
ATOM   557  N N   . ALA A 1 81 ? -8.493  10.110  -4.714  1.00 11.83 ? 81  ALA A N   1 
ATOM   558  C CA  . ALA A 1 81 ? -8.769  8.844   -5.385  1.00 11.79 ? 81  ALA A CA  1 
ATOM   559  C C   . ALA A 1 81 ? -7.470  8.151   -5.799  1.00 10.99 ? 81  ALA A C   1 
ATOM   560  O O   . ALA A 1 81 ? -7.267  6.968   -5.517  1.00 11.01 ? 81  ALA A O   1 
ATOM   561  C CB  . ALA A 1 81 ? -9.637  9.083   -6.611  1.00 12.62 ? 81  ALA A CB  1 
ATOM   562  N N   . GLN A 1 82 ? -6.590  8.892   -6.463  1.00 11.73 ? 82  GLN A N   1 
ATOM   563  C CA  . GLN A 1 82 ? -5.326  8.326   -6.928  1.00 11.58 ? 82  GLN A CA  1 
ATOM   564  C C   . GLN A 1 82 ? -4.440  7.937   -5.757  1.00 12.19 ? 82  GLN A C   1 
ATOM   565  O O   . GLN A 1 82 ? -3.695  6.962   -5.830  1.00 11.40 ? 82  GLN A O   1 
ATOM   566  C CB  . GLN A 1 82 ? -4.613  9.337   -7.829  1.00 11.25 ? 82  GLN A CB  1 
ATOM   567  C CG  . GLN A 1 82 ? -3.457  8.776   -8.648  1.00 12.13 ? 82  GLN A CG  1 
ATOM   568  C CD  . GLN A 1 82 ? -2.152  8.765   -7.891  1.00 12.37 ? 82  GLN A CD  1 
ATOM   569  O OE1 . GLN A 1 82 ? -1.933  9.583   -7.002  1.00 13.37 ? 82  GLN A OE1 1 
ATOM   570  N NE2 . GLN A 1 82 ? -1.260  7.847   -8.256  1.00 13.23 ? 82  GLN A NE2 1 
ATOM   571  N N   . MET A 1 83 ? -4.527  8.696   -4.670  1.00 11.86 ? 83  MET A N   1 
ATOM   572  C CA  . MET A 1 83 ? -3.729  8.392   -3.494  1.00 12.79 ? 83  MET A CA  1 
ATOM   573  C C   . MET A 1 83 ? -4.147  7.043   -2.911  1.00 12.85 ? 83  MET A C   1 
ATOM   574  O O   . MET A 1 83 ? -3.306  6.288   -2.422  1.00 12.66 ? 83  MET A O   1 
ATOM   575  C CB  . MET A 1 83 ? -3.886  9.490   -2.439  1.00 16.65 ? 83  MET A CB  1 
ATOM   576  C CG  . MET A 1 83 ? -3.028  9.265   -1.207  1.00 20.22 ? 83  MET A CG  1 
ATOM   577  S SD  . MET A 1 83 ? -1.265  9.226   -1.599  1.00 29.57 ? 83  MET A SD  1 
ATOM   578  C CE  . MET A 1 83 ? -0.900  7.507   -1.480  1.00 29.93 ? 83  MET A CE  1 
ATOM   579  N N   . SER A 1 84 ? -5.438  6.727   -2.965  1.00 12.31 ? 84  SER A N   1 
ATOM   580  C CA  . SER A 1 84 ? -5.890  5.445   -2.432  1.00 12.58 ? 84  SER A CA  1 
ATOM   581  C C   . SER A 1 84 ? -5.260  4.325   -3.259  1.00 11.94 ? 84  SER A C   1 
ATOM   582  O O   . SER A 1 84 ? -4.923  3.266   -2.730  1.00 12.97 ? 84  SER A O   1 
ATOM   583  C CB  . SER A 1 84 ? -7.426  5.341   -2.450  1.00 14.64 ? 84  SER A CB  1 
ATOM   584  O OG  . SER A 1 84 ? -7.948  5.217   -3.764  1.00 18.46 ? 84  SER A OG  1 
ATOM   585  N N   . ALA A 1 85 ? -5.090  4.570   -4.557  1.00 12.58 ? 85  ALA A N   1 
ATOM   586  C CA  . ALA A 1 85 ? -4.484  3.590   -5.450  1.00 11.81 ? 85  ALA A CA  1 
ATOM   587  C C   . ALA A 1 85 ? -2.998  3.454   -5.134  1.00 10.25 ? 85  ALA A C   1 
ATOM   588  O O   . ALA A 1 85 ? -2.480  2.346   -5.041  1.00 11.77 ? 85  ALA A O   1 
ATOM   589  C CB  . ALA A 1 85 ? -4.672  4.014   -6.912  1.00 11.67 ? 85  ALA A CB  1 
ATOM   590  N N   . LEU A 1 86 ? -2.317  4.587   -4.955  1.00 10.84 ? 86  LEU A N   1 
ATOM   591  C CA  . LEU A 1 86 ? -0.886  4.564   -4.654  1.00 11.95 ? 86  LEU A CA  1 
ATOM   592  C C   . LEU A 1 86 ? -0.599  3.856   -3.338  1.00 12.41 ? 86  LEU A C   1 
ATOM   593  O O   . LEU A 1 86 ? 0.322   3.036   -3.255  1.00 12.34 ? 86  LEU A O   1 
ATOM   594  C CB  . LEU A 1 86 ? -0.316  5.987   -4.621  1.00 11.53 ? 86  LEU A CB  1 
ATOM   595  C CG  . LEU A 1 86 ? 1.134   6.127   -4.139  1.00 11.94 ? 86  LEU A CG  1 
ATOM   596  C CD1 . LEU A 1 86 ? 2.065   5.215   -4.951  1.00 13.55 ? 86  LEU A CD1 1 
ATOM   597  C CD2 . LEU A 1 86 ? 1.565   7.581   -4.268  1.00 14.24 ? 86  LEU A CD2 1 
ATOM   598  N N   . ASN A 1 87 ? -1.382  4.164   -2.308  1.00 12.94 ? 87  ASN A N   1 
ATOM   599  C CA  . ASN A 1 87 ? -1.187  3.515   -1.014  1.00 13.98 ? 87  ASN A CA  1 
ATOM   600  C C   . ASN A 1 87 ? -1.368  2.010   -1.155  1.00 13.09 ? 87  ASN A C   1 
ATOM   601  O O   . ASN A 1 87 ? -0.652  1.225   -0.530  1.00 13.70 ? 87  ASN A O   1 
ATOM   602  C CB  . ASN A 1 87 ? -2.183  4.043   0.022   1.00 15.77 ? 87  ASN A CB  1 
ATOM   603  C CG  . ASN A 1 87 ? -1.752  5.366   0.618   1.00 19.43 ? 87  ASN A CG  1 
ATOM   604  O OD1 . ASN A 1 87 ? -0.561  5.668   0.679   1.00 23.34 ? 87  ASN A OD1 1 
ATOM   605  N ND2 . ASN A 1 87 ? -2.717  6.156   1.074   1.00 18.72 ? 87  ASN A ND2 1 
ATOM   606  N N   . THR A 1 88 ? -2.328  1.613   -1.981  1.00 12.11 ? 88  THR A N   1 
ATOM   607  C CA  . THR A 1 88 ? -2.588  0.197   -2.193  1.00 12.95 ? 88  THR A CA  1 
ATOM   608  C C   . THR A 1 88 ? -1.416  -0.468  -2.903  1.00 12.34 ? 88  THR A C   1 
ATOM   609  O O   . THR A 1 88 ? -1.012  -1.570  -2.532  1.00 11.97 ? 88  THR A O   1 
ATOM   610  C CB  . THR A 1 88 ? -3.861  -0.014  -3.015  1.00 11.34 ? 88  THR A CB  1 
ATOM   611  O OG1 . THR A 1 88 ? -4.961  0.611   -2.343  1.00 12.00 ? 88  THR A OG1 1 
ATOM   612  C CG2 . THR A 1 88 ? -4.152  -1.503  -3.178  1.00 11.49 ? 88  THR A CG2 1 
ATOM   613  N N   . LEU A 1 89 ? -0.874  0.195   -3.923  1.00 12.17 ? 89  LEU A N   1 
ATOM   614  C CA  . LEU A 1 89 ? 0.265   -0.355  -4.657  1.00 11.40 ? 89  LEU A CA  1 
ATOM   615  C C   . LEU A 1 89 ? 1.464   -0.523  -3.728  1.00 12.63 ? 89  LEU A C   1 
ATOM   616  O O   . LEU A 1 89 ? 2.170   -1.526  -3.789  1.00 12.16 ? 89  LEU A O   1 
ATOM   617  C CB  . LEU A 1 89 ? 0.647   0.556   -5.832  1.00 12.45 ? 89  LEU A CB  1 
ATOM   618  C CG  . LEU A 1 89 ? -0.353  0.628   -6.987  1.00 11.61 ? 89  LEU A CG  1 
ATOM   619  C CD1 . LEU A 1 89 ? 0.050   1.747   -7.943  1.00 10.78 ? 89  LEU A CD1 1 
ATOM   620  C CD2 . LEU A 1 89 ? -0.415  -0.707  -7.711  1.00 13.87 ? 89  LEU A CD2 1 
ATOM   621  N N   . ILE A 1 90 ? 1.694   0.466   -2.869  1.00 12.02 ? 90  ILE A N   1 
ATOM   622  C CA  . ILE A 1 90 ? 2.800   0.406   -1.921  1.00 13.33 ? 90  ILE A CA  1 
ATOM   623  C C   . ILE A 1 90 ? 2.577   -0.743  -0.936  1.00 13.13 ? 90  ILE A C   1 
ATOM   624  O O   . ILE A 1 90 ? 3.520   -1.447  -0.570  1.00 15.54 ? 90  ILE A O   1 
ATOM   625  C CB  . ILE A 1 90 ? 2.935   1.738   -1.142  1.00 13.30 ? 90  ILE A CB  1 
ATOM   626  C CG1 . ILE A 1 90 ? 3.384   2.845   -2.102  1.00 14.27 ? 90  ILE A CG1 1 
ATOM   627  C CG2 . ILE A 1 90 ? 3.942   1.583   0.008   1.00 13.92 ? 90  ILE A CG2 1 
ATOM   628  C CD1 . ILE A 1 90 ? 3.371   4.238   -1.498  1.00 16.07 ? 90  ILE A CD1 1 
ATOM   629  N N   . SER A 1 91 ? 1.326   -0.935  -0.527  1.00 13.21 ? 91  SER A N   1 
ATOM   630  C CA  . SER A 1 91 ? 0.977   -1.995  0.410   1.00 12.55 ? 91  SER A CA  1 
ATOM   631  C C   . SER A 1 91 ? 1.285   -3.361  -0.196  1.00 14.36 ? 91  SER A C   1 
ATOM   632  O O   . SER A 1 91 ? 1.827   -4.243  0.474   1.00 13.43 ? 91  SER A O   1 
ATOM   633  C CB  . SER A 1 91 ? -0.508  -1.906  0.773   1.00 15.00 ? 91  SER A CB  1 
ATOM   634  O OG  . SER A 1 91 ? -0.831  -2.809  1.816   1.00 18.57 ? 91  SER A OG  1 
ATOM   635  N N   . ILE A 1 92 ? 0.945   -3.525  -1.469  1.00 12.38 ? 92  ILE A N   1 
ATOM   636  C CA  . ILE A 1 92 ? 1.183   -4.779  -2.172  1.00 13.04 ? 92  ILE A CA  1 
ATOM   637  C C   . ILE A 1 92 ? 2.678   -5.035  -2.346  1.00 14.06 ? 92  ILE A C   1 
ATOM   638  O O   . ILE A 1 92 ? 3.165   -6.128  -2.067  1.00 13.81 ? 92  ILE A O   1 
ATOM   639  C CB  . ILE A 1 92 ? 0.509   -4.761  -3.559  1.00 13.65 ? 92  ILE A CB  1 
ATOM   640  C CG1 . ILE A 1 92 ? -1.010  -4.719  -3.387  1.00 13.86 ? 92  ILE A CG1 1 
ATOM   641  C CG2 . ILE A 1 92 ? 0.929   -5.991  -4.367  1.00 13.25 ? 92  ILE A CG2 1 
ATOM   642  C CD1 . ILE A 1 92 ? -1.768  -4.416  -4.667  1.00 15.00 ? 92  ILE A CD1 1 
ATOM   643  N N   . LEU A 1 93 ? 3.397   -4.015  -2.797  1.00 14.75 ? 93  LEU A N   1 
ATOM   644  C CA  . LEU A 1 93 ? 4.832   -4.117  -3.024  1.00 17.15 ? 93  LEU A CA  1 
ATOM   645  C C   . LEU A 1 93 ? 5.577   -4.375  -1.715  1.00 18.08 ? 93  LEU A C   1 
ATOM   646  O O   . LEU A 1 93 ? 6.523   -5.166  -1.675  1.00 18.87 ? 93  LEU A O   1 
ATOM   647  C CB  . LEU A 1 93 ? 5.330   -2.829  -3.689  1.00 19.22 ? 93  LEU A CB  1 
ATOM   648  C CG  . LEU A 1 93 ? 6.656   -2.827  -4.452  1.00 22.86 ? 93  LEU A CG  1 
ATOM   649  C CD1 . LEU A 1 93 ? 6.665   -3.923  -5.508  1.00 19.26 ? 93  LEU A CD1 1 
ATOM   650  C CD2 . LEU A 1 93 ? 6.847   -1.463  -5.102  1.00 22.92 ? 93  LEU A CD2 1 
ATOM   651  N N   . GLY A 1 94 ? 5.140   -3.718  -0.643  1.00 18.01 ? 94  GLY A N   1 
ATOM   652  C CA  . GLY A 1 94 ? 5.782   -3.898  0.648   1.00 19.82 ? 94  GLY A CA  1 
ATOM   653  C C   . GLY A 1 94 ? 6.822   -2.835  0.950   1.00 21.54 ? 94  GLY A C   1 
ATOM   654  O O   . GLY A 1 94 ? 7.498   -2.892  1.982   1.00 22.07 ? 94  GLY A O   1 
ATOM   655  N N   . PHE A 1 95 ? 6.956   -1.861  0.054   1.00 18.89 ? 95  PHE A N   1 
ATOM   656  C CA  . PHE A 1 95 ? 7.918   -0.779  0.240   1.00 19.63 ? 95  PHE A CA  1 
ATOM   657  C C   . PHE A 1 95 ? 7.651   0.349   -0.752  1.00 19.24 ? 95  PHE A C   1 
ATOM   658  O O   . PHE A 1 95 ? 6.887   0.184   -1.701  1.00 16.74 ? 95  PHE A O   1 
ATOM   659  C CB  . PHE A 1 95 ? 9.346   -1.311  0.057   1.00 19.71 ? 95  PHE A CB  1 
ATOM   660  C CG  . PHE A 1 95 ? 9.633   -1.821  -1.329  1.00 20.52 ? 95  PHE A CG  1 
ATOM   661  C CD1 . PHE A 1 95 ? 10.079  -0.958  -2.327  1.00 20.95 ? 95  PHE A CD1 1 
ATOM   662  C CD2 . PHE A 1 95 ? 9.450   -3.164  -1.639  1.00 21.04 ? 95  PHE A CD2 1 
ATOM   663  C CE1 . PHE A 1 95 ? 10.342  -1.428  -3.615  1.00 22.41 ? 95  PHE A CE1 1 
ATOM   664  C CE2 . PHE A 1 95 ? 9.707   -3.643  -2.921  1.00 20.50 ? 95  PHE A CE2 1 
ATOM   665  C CZ  . PHE A 1 95 ? 10.155  -2.774  -3.912  1.00 21.30 ? 95  PHE A CZ  1 
ATOM   666  N N   . ILE A 1 96 ? 8.271   1.500   -0.517  1.00 20.57 ? 96  ILE A N   1 
ATOM   667  C CA  . ILE A 1 96 ? 8.114   2.643   -1.404  1.00 22.90 ? 96  ILE A CA  1 
ATOM   668  C C   . ILE A 1 96 ? 9.343   2.701   -2.305  1.00 24.33 ? 96  ILE A C   1 
ATOM   669  O O   . ILE A 1 96 ? 10.439  3.039   -1.853  1.00 25.52 ? 96  ILE A O   1 
ATOM   670  C CB  . ILE A 1 96 ? 8.007   3.962   -0.612  1.00 23.49 ? 96  ILE A CB  1 
ATOM   671  C CG1 . ILE A 1 96 ? 6.826   3.891   0.360   1.00 25.48 ? 96  ILE A CG1 1 
ATOM   672  C CG2 . ILE A 1 96 ? 7.836   5.128   -1.575  1.00 25.50 ? 96  ILE A CG2 1 
ATOM   673  C CD1 . ILE A 1 96 ? 6.662   5.127   1.238   1.00 27.59 ? 96  ILE A CD1 1 
ATOM   674  N N   . PRO A 1 97 ? 9.178   2.369   -3.593  1.00 26.08 ? 97  PRO A N   1 
ATOM   675  C CA  . PRO A 1 97 ? 10.299  2.389   -4.537  1.00 28.67 ? 97  PRO A CA  1 
ATOM   676  C C   . PRO A 1 97 ? 10.898  3.778   -4.743  1.00 30.91 ? 97  PRO A C   1 
ATOM   677  O O   . PRO A 1 97 ? 10.227  4.792   -4.549  1.00 31.41 ? 97  PRO A O   1 
ATOM   678  C CB  . PRO A 1 97 ? 9.684   1.818   -5.811  1.00 28.62 ? 97  PRO A CB  1 
ATOM   679  C CG  . PRO A 1 97 ? 8.270   2.285   -5.730  1.00 28.31 ? 97  PRO A CG  1 
ATOM   680  C CD  . PRO A 1 97 ? 7.919   2.034   -4.284  1.00 26.86 ? 97  PRO A CD  1 
ATOM   681  N N   . LYS A 1 98 ? 12.169  3.813   -5.131  1.00 33.89 ? 98  LYS A N   1 
ATOM   682  C CA  . LYS A 1 98 ? 12.869  5.070   -5.368  1.00 35.76 ? 98  LYS A CA  1 
ATOM   683  C C   . LYS A 1 98 ? 12.441  5.679   -6.698  1.00 36.72 ? 98  LYS A C   1 
ATOM   684  O O   . LYS A 1 98 ? 12.069  6.872   -6.711  1.00 38.32 ? 98  LYS A O   1 
ATOM   685  C CB  . LYS A 1 98 ? 14.374  4.836   -5.358  1.00 35.61 ? 98  LYS A CB  1 
ATOM   686  N N   . VAL B 1 12 ? 13.497  -2.897  13.517  1.00 39.31 ? 12  VAL B N   1 
ATOM   687  C CA  . VAL B 1 12 ? 12.567  -1.863  14.054  1.00 38.47 ? 12  VAL B CA  1 
ATOM   688  C C   . VAL B 1 12 ? 11.391  -2.520  14.767  1.00 36.79 ? 12  VAL B C   1 
ATOM   689  O O   . VAL B 1 12 ? 11.180  -2.308  15.963  1.00 36.85 ? 12  VAL B O   1 
ATOM   690  C CB  . VAL B 1 12 ? 12.024  -0.964  12.924  1.00 39.94 ? 12  VAL B CB  1 
ATOM   691  C CG1 . VAL B 1 12 ? 11.182  0.163   13.511  1.00 41.08 ? 12  VAL B CG1 1 
ATOM   692  C CG2 . VAL B 1 12 ? 13.176  -0.405  12.109  1.00 40.34 ? 12  VAL B CG2 1 
ATOM   693  N N   . GLU B 1 13 ? 10.628  -3.321  14.030  1.00 33.96 ? 13  GLU B N   1 
ATOM   694  C CA  . GLU B 1 13 ? 9.473   -4.009  14.594  1.00 32.04 ? 13  GLU B CA  1 
ATOM   695  C C   . GLU B 1 13 ? 9.845   -5.306  15.305  1.00 29.49 ? 13  GLU B C   1 
ATOM   696  O O   . GLU B 1 13 ? 9.373   -5.572  16.412  1.00 31.51 ? 13  GLU B O   1 
ATOM   697  C CB  . GLU B 1 13 ? 8.452   -4.301  13.494  1.00 33.86 ? 13  GLU B CB  1 
ATOM   698  C CG  . GLU B 1 13 ? 7.710   -3.072  13.004  1.00 37.27 ? 13  GLU B CG  1 
ATOM   699  C CD  . GLU B 1 13 ? 6.779   -3.384  11.853  1.00 38.72 ? 13  GLU B CD  1 
ATOM   700  O OE1 . GLU B 1 13 ? 7.280   -3.637  10.738  1.00 41.59 ? 13  GLU B OE1 1 
ATOM   701  O OE2 . GLU B 1 13 ? 5.549   -3.387  12.065  1.00 42.04 ? 13  GLU B OE2 1 
ATOM   702  N N   . LEU B 1 14 ? 10.683  -6.116  14.666  1.00 24.97 ? 14  LEU B N   1 
ATOM   703  C CA  . LEU B 1 14 ? 11.112  -7.385  15.252  1.00 22.11 ? 14  LEU B CA  1 
ATOM   704  C C   . LEU B 1 14 ? 12.598  -7.315  15.578  1.00 20.52 ? 14  LEU B C   1 
ATOM   705  O O   . LEU B 1 14 ? 13.426  -7.840  14.838  1.00 19.05 ? 14  LEU B O   1 
ATOM   706  C CB  . LEU B 1 14 ? 10.854  -8.534  14.272  1.00 21.21 ? 14  LEU B CB  1 
ATOM   707  C CG  . LEU B 1 14 ? 9.397   -8.833  13.913  1.00 21.97 ? 14  LEU B CG  1 
ATOM   708  C CD1 . LEU B 1 14 ? 9.351   -9.900  12.831  1.00 21.44 ? 14  LEU B CD1 1 
ATOM   709  C CD2 . LEU B 1 14 ? 8.641   -9.294  15.154  1.00 20.16 ? 14  LEU B CD2 1 
ATOM   710  N N   . ARG B 1 15 ? 12.924  -6.669  16.694  1.00 19.48 ? 15  ARG B N   1 
ATOM   711  C CA  . ARG B 1 15 ? 14.310  -6.495  17.126  1.00 19.70 ? 15  ARG B CA  1 
ATOM   712  C C   . ARG B 1 15 ? 15.191  -7.746  17.089  1.00 19.31 ? 15  ARG B C   1 
ATOM   713  O O   . ARG B 1 15 ? 16.368  -7.668  16.742  1.00 19.05 ? 15  ARG B O   1 
ATOM   714  C CB  . ARG B 1 15 ? 14.342  -5.882  18.529  1.00 19.43 ? 15  ARG B CB  1 
ATOM   715  N N   . PRO B 1 16 ? 14.643  -8.917  17.451  1.00 19.68 ? 16  PRO B N   1 
ATOM   716  C CA  . PRO B 1 16 ? 15.475  -10.124 17.420  1.00 18.18 ? 16  PRO B CA  1 
ATOM   717  C C   . PRO B 1 16 ? 16.110  -10.403 16.056  1.00 17.87 ? 16  PRO B C   1 
ATOM   718  O O   . PRO B 1 16 ? 17.138  -11.072 15.968  1.00 17.00 ? 16  PRO B O   1 
ATOM   719  C CB  . PRO B 1 16 ? 14.503  -11.222 17.839  1.00 19.53 ? 16  PRO B CB  1 
ATOM   720  C CG  . PRO B 1 16 ? 13.603  -10.506 18.796  1.00 20.22 ? 16  PRO B CG  1 
ATOM   721  C CD  . PRO B 1 16 ? 13.343  -9.193  18.087  1.00 20.55 ? 16  PRO B CD  1 
ATOM   722  N N   . LEU B 1 17 ? 15.501  -9.889  14.993  1.00 16.74 ? 17  LEU B N   1 
ATOM   723  C CA  . LEU B 1 17 ? 16.047  -10.115 13.661  1.00 17.03 ? 17  LEU B CA  1 
ATOM   724  C C   . LEU B 1 17 ? 17.413  -9.459  13.486  1.00 16.64 ? 17  LEU B C   1 
ATOM   725  O O   . LEU B 1 17 ? 18.234  -9.925  12.696  1.00 16.83 ? 17  LEU B O   1 
ATOM   726  C CB  . LEU B 1 17 ? 15.093  -9.588  12.584  1.00 18.55 ? 17  LEU B CB  1 
ATOM   727  C CG  . LEU B 1 17 ? 13.651  -10.106 12.582  1.00 23.10 ? 17  LEU B CG  1 
ATOM   728  C CD1 . LEU B 1 17 ? 13.074  -9.900  11.187  1.00 20.89 ? 17  LEU B CD1 1 
ATOM   729  C CD2 . LEU B 1 17 ? 13.590  -11.575 12.969  1.00 20.29 ? 17  LEU B CD2 1 
ATOM   730  N N   . ILE B 1 18 ? 17.660  -8.379  14.219  1.00 17.80 ? 18  ILE B N   1 
ATOM   731  C CA  . ILE B 1 18 ? 18.939  -7.689  14.109  1.00 18.73 ? 18  ILE B CA  1 
ATOM   732  C C   . ILE B 1 18 ? 20.078  -8.577  14.601  1.00 18.65 ? 18  ILE B C   1 
ATOM   733  O O   . ILE B 1 18 ? 21.082  -8.748  13.915  1.00 18.59 ? 18  ILE B O   1 
ATOM   734  C CB  . ILE B 1 18 ? 18.941  -6.378  14.912  1.00 19.93 ? 18  ILE B CB  1 
ATOM   735  C CG1 . ILE B 1 18 ? 17.781  -5.486  14.457  1.00 20.90 ? 18  ILE B CG1 1 
ATOM   736  C CG2 . ILE B 1 18 ? 20.268  -5.656  14.707  1.00 21.38 ? 18  ILE B CG2 1 
ATOM   737  C CD1 . ILE B 1 18 ? 17.575  -4.257  15.329  1.00 21.69 ? 18  ILE B CD1 1 
ATOM   738  N N   . GLY B 1 19 ? 19.921  -9.145  15.793  1.00 19.13 ? 19  GLY B N   1 
ATOM   739  C CA  . GLY B 1 19 ? 20.963  -10.009 16.316  1.00 21.14 ? 19  GLY B CA  1 
ATOM   740  C C   . GLY B 1 19 ? 21.095  -11.266 15.478  1.00 20.86 ? 19  GLY B C   1 
ATOM   741  O O   . GLY B 1 19 ? 22.192  -11.777 15.258  1.00 21.96 ? 19  GLY B O   1 
ATOM   742  N N   . LEU B 1 20 ? 19.960  -11.758 14.992  1.00 20.22 ? 20  LEU B N   1 
ATOM   743  C CA  . LEU B 1 20 ? 19.916  -12.966 14.179  1.00 20.16 ? 20  LEU B CA  1 
ATOM   744  C C   . LEU B 1 20 ? 20.716  -12.855 12.877  1.00 19.58 ? 20  LEU B C   1 
ATOM   745  O O   . LEU B 1 20 ? 21.383  -13.809 12.465  1.00 20.45 ? 20  LEU B O   1 
ATOM   746  C CB  . LEU B 1 20 ? 18.454  -13.296 13.862  1.00 20.97 ? 20  LEU B CB  1 
ATOM   747  C CG  . LEU B 1 20 ? 18.137  -14.616 13.167  1.00 23.00 ? 20  LEU B CG  1 
ATOM   748  C CD1 . LEU B 1 20 ? 18.459  -15.783 14.093  1.00 20.38 ? 20  LEU B CD1 1 
ATOM   749  C CD2 . LEU B 1 20 ? 16.660  -14.633 12.795  1.00 20.12 ? 20  LEU B CD2 1 
ATOM   750  N N   . THR B 1 21 ? 20.658  -11.687 12.244  1.00 18.51 ? 21  THR B N   1 
ATOM   751  C CA  . THR B 1 21 ? 21.344  -11.449 10.976  1.00 18.43 ? 21  THR B CA  1 
ATOM   752  C C   . THR B 1 21 ? 22.738  -10.843 11.129  1.00 17.48 ? 21  THR B C   1 
ATOM   753  O O   . THR B 1 21 ? 23.422  -10.578 10.138  1.00 18.89 ? 21  THR B O   1 
ATOM   754  C CB  . THR B 1 21 ? 20.507  -10.520 10.080  1.00 18.49 ? 21  THR B CB  1 
ATOM   755  O OG1 . THR B 1 21 ? 20.189  -9.325  10.801  1.00 18.22 ? 21  THR B OG1 1 
ATOM   756  C CG2 . THR B 1 21 ? 19.210  -11.206 9.662   1.00 18.73 ? 21  THR B CG2 1 
ATOM   757  N N   . ARG B 1 22 ? 23.148  -10.624 12.372  1.00 17.47 ? 22  ARG B N   1 
ATOM   758  C CA  . ARG B 1 22 ? 24.459  -10.056 12.662  1.00 20.12 ? 22  ARG B CA  1 
ATOM   759  C C   . ARG B 1 22 ? 25.578  -10.902 12.056  1.00 19.38 ? 22  ARG B C   1 
ATOM   760  O O   . ARG B 1 22 ? 25.659  -12.104 12.300  1.00 20.79 ? 22  ARG B O   1 
ATOM   761  C CB  . ARG B 1 22 ? 24.644  -9.954  14.181  1.00 22.51 ? 22  ARG B CB  1 
ATOM   762  C CG  . ARG B 1 22 ? 25.982  -9.397  14.632  1.00 28.52 ? 22  ARG B CG  1 
ATOM   763  C CD  . ARG B 1 22 ? 25.942  -9.045  16.115  1.00 32.36 ? 22  ARG B CD  1 
ATOM   764  N NE  . ARG B 1 22 ? 25.764  -10.211 16.975  1.00 36.84 ? 22  ARG B NE  1 
ATOM   765  C CZ  . ARG B 1 22 ? 26.746  -11.022 17.354  1.00 38.67 ? 22  ARG B CZ  1 
ATOM   766  N NH1 . ARG B 1 22 ? 27.990  -10.798 16.952  1.00 40.50 ? 22  ARG B NH1 1 
ATOM   767  N NH2 . ARG B 1 22 ? 26.486  -12.059 18.141  1.00 39.68 ? 22  ARG B NH2 1 
ATOM   768  N N   . GLY B 1 23 ? 26.433  -10.270 11.259  1.00 20.14 ? 23  GLY B N   1 
ATOM   769  C CA  . GLY B 1 23 ? 27.545  -10.989 10.660  1.00 19.08 ? 23  GLY B CA  1 
ATOM   770  C C   . GLY B 1 23 ? 27.246  -11.621 9.315   1.00 19.89 ? 23  GLY B C   1 
ATOM   771  O O   . GLY B 1 23 ? 28.151  -12.126 8.648   1.00 20.11 ? 23  GLY B O   1 
ATOM   772  N N   . LEU B 1 24 ? 25.982  -11.602 8.911   1.00 20.50 ? 24  LEU B N   1 
ATOM   773  C CA  . LEU B 1 24 ? 25.603  -12.175 7.624   1.00 20.13 ? 24  LEU B CA  1 
ATOM   774  C C   . LEU B 1 24 ? 26.247  -11.418 6.477   1.00 19.98 ? 24  LEU B C   1 
ATOM   775  O O   . LEU B 1 24 ? 26.249  -10.187 6.464   1.00 22.43 ? 24  LEU B O   1 
ATOM   776  C CB  . LEU B 1 24 ? 24.087  -12.113 7.417   1.00 19.96 ? 24  LEU B CB  1 
ATOM   777  C CG  . LEU B 1 24 ? 23.210  -13.338 7.644   1.00 21.92 ? 24  LEU B CG  1 
ATOM   778  C CD1 . LEU B 1 24 ? 21.854  -13.069 6.999   1.00 19.11 ? 24  LEU B CD1 1 
ATOM   779  C CD2 . LEU B 1 24 ? 23.844  -14.578 7.028   1.00 18.31 ? 24  LEU B CD2 1 
ATOM   780  N N   . PRO B 1 25 ? 26.817  -12.142 5.503   1.00 19.59 ? 25  PRO B N   1 
ATOM   781  C CA  . PRO B 1 25 ? 27.432  -11.448 4.370   1.00 19.88 ? 25  PRO B CA  1 
ATOM   782  C C   . PRO B 1 25 ? 26.329  -10.605 3.728   1.00 21.19 ? 25  PRO B C   1 
ATOM   783  O O   . PRO B 1 25 ? 25.205  -11.078 3.573   1.00 19.51 ? 25  PRO B O   1 
ATOM   784  C CB  . PRO B 1 25 ? 27.878  -12.594 3.471   1.00 20.54 ? 25  PRO B CB  1 
ATOM   785  C CG  . PRO B 1 25 ? 28.252  -13.650 4.458   1.00 20.28 ? 25  PRO B CG  1 
ATOM   786  C CD  . PRO B 1 25 ? 27.115  -13.585 5.460   1.00 19.58 ? 25  PRO B CD  1 
ATOM   787  N N   . PRO B 1 26 ? 26.628  -9.351  3.365   1.00 21.22 ? 26  PRO B N   1 
ATOM   788  C CA  . PRO B 1 26 ? 25.639  -8.461  2.745   1.00 20.93 ? 26  PRO B CA  1 
ATOM   789  C C   . PRO B 1 26 ? 24.813  -9.122  1.642   1.00 20.13 ? 26  PRO B C   1 
ATOM   790  O O   . PRO B 1 26 ? 23.597  -8.940  1.572   1.00 19.89 ? 26  PRO B O   1 
ATOM   791  C CB  . PRO B 1 26 ? 26.497  -7.315  2.220   1.00 22.74 ? 26  PRO B CB  1 
ATOM   792  C CG  . PRO B 1 26 ? 27.570  -7.226  3.255   1.00 24.56 ? 26  PRO B CG  1 
ATOM   793  C CD  . PRO B 1 26 ? 27.936  -8.679  3.476   1.00 23.03 ? 26  PRO B CD  1 
ATOM   794  N N   . THR B 1 27 ? 25.478  -9.889  0.786   1.00 19.34 ? 27  THR B N   1 
ATOM   795  C CA  . THR B 1 27 ? 24.805  -10.571 -0.309  1.00 19.54 ? 27  THR B CA  1 
ATOM   796  C C   . THR B 1 27 ? 23.712  -11.505 0.195   1.00 17.74 ? 27  THR B C   1 
ATOM   797  O O   . THR B 1 27 ? 22.636  -11.584 -0.400  1.00 17.20 ? 27  THR B O   1 
ATOM   798  C CB  . THR B 1 27 ? 25.805  -11.392 -1.148  1.00 22.08 ? 27  THR B CB  1 
ATOM   799  O OG1 . THR B 1 27 ? 26.738  -10.504 -1.775  1.00 27.51 ? 27  THR B OG1 1 
ATOM   800  C CG2 . THR B 1 27 ? 25.078  -12.199 -2.213  1.00 23.40 ? 27  THR B CG2 1 
ATOM   801  N N   . ASP B 1 28 ? 23.990  -12.208 1.291   1.00 15.77 ? 28  ASP B N   1 
ATOM   802  C CA  . ASP B 1 28 ? 23.021  -13.138 1.855   1.00 15.96 ? 28  ASP B CA  1 
ATOM   803  C C   . ASP B 1 28 ? 21.834  -12.416 2.478   1.00 15.54 ? 28  ASP B C   1 
ATOM   804  O O   . ASP B 1 28 ? 20.699  -12.876 2.357   1.00 15.77 ? 28  ASP B O   1 
ATOM   805  C CB  . ASP B 1 28 ? 23.683  -14.058 2.889   1.00 15.58 ? 28  ASP B CB  1 
ATOM   806  C CG  . ASP B 1 28 ? 24.635  -15.063 2.257   1.00 16.25 ? 28  ASP B CG  1 
ATOM   807  O OD1 . ASP B 1 28 ? 24.497  -15.350 1.048   1.00 18.14 ? 28  ASP B OD1 1 
ATOM   808  O OD2 . ASP B 1 28 ? 25.518  -15.579 2.972   1.00 18.99 ? 28  ASP B OD2 1 
ATOM   809  N N   . LEU B 1 29 ? 22.083  -11.296 3.149   1.00 14.56 ? 29  LEU B N   1 
ATOM   810  C CA  . LEU B 1 29 ? 20.984  -10.545 3.744   1.00 16.16 ? 29  LEU B CA  1 
ATOM   811  C C   . LEU B 1 29 ? 20.104  -10.024 2.613   1.00 17.01 ? 29  LEU B C   1 
ATOM   812  O O   . LEU B 1 29 ? 18.876  -10.018 2.718   1.00 15.96 ? 29  LEU B O   1 
ATOM   813  C CB  . LEU B 1 29 ? 21.507  -9.373  4.578   1.00 17.31 ? 29  LEU B CB  1 
ATOM   814  C CG  . LEU B 1 29 ? 20.410  -8.477  5.167   1.00 19.28 ? 29  LEU B CG  1 
ATOM   815  C CD1 . LEU B 1 29 ? 19.483  -9.305  6.047   1.00 19.73 ? 29  LEU B CD1 1 
ATOM   816  C CD2 . LEU B 1 29 ? 21.037  -7.351  5.967   1.00 20.34 ? 29  LEU B CD2 1 
ATOM   817  N N   . GLU B 1 30 ? 20.743  -9.592  1.527   1.00 17.06 ? 30  GLU B N   1 
ATOM   818  C CA  . GLU B 1 30 ? 20.021  -9.085  0.362   1.00 17.90 ? 30  GLU B CA  1 
ATOM   819  C C   . GLU B 1 30 ? 19.129  -10.181 -0.208  1.00 17.27 ? 30  GLU B C   1 
ATOM   820  O O   . GLU B 1 30 ? 17.965  -9.942  -0.520  1.00 16.85 ? 30  GLU B O   1 
ATOM   821  C CB  . GLU B 1 30 ? 21.000  -8.618  -0.717  1.00 21.12 ? 30  GLU B CB  1 
ATOM   822  C CG  . GLU B 1 30 ? 21.699  -7.312  -0.408  1.00 27.08 ? 30  GLU B CG  1 
ATOM   823  C CD  . GLU B 1 30 ? 22.633  -6.888  -1.524  1.00 31.51 ? 30  GLU B CD  1 
ATOM   824  O OE1 . GLU B 1 30 ? 22.196  -6.902  -2.695  1.00 33.28 ? 30  GLU B OE1 1 
ATOM   825  O OE2 . GLU B 1 30 ? 23.798  -6.539  -1.230  1.00 33.73 ? 30  GLU B OE2 1 
ATOM   826  N N   . THR B 1 31 ? 19.690  -11.377 -0.344  1.00 15.18 ? 31  THR B N   1 
ATOM   827  C CA  . THR B 1 31 ? 18.957  -12.525 -0.862  1.00 15.16 ? 31  THR B CA  1 
ATOM   828  C C   . THR B 1 31 ? 17.742  -12.816 0.016   1.00 15.95 ? 31  THR B C   1 
ATOM   829  O O   . THR B 1 31 ? 16.642  -13.042 -0.485  1.00 16.59 ? 31  THR B O   1 
ATOM   830  C CB  . THR B 1 31 ? 19.873  -13.764 -0.921  1.00 16.72 ? 31  THR B CB  1 
ATOM   831  O OG1 . THR B 1 31 ? 20.876  -13.558 -1.925  1.00 16.51 ? 31  THR B OG1 1 
ATOM   832  C CG2 . THR B 1 31 ? 19.080  -15.016 -1.250  1.00 17.32 ? 31  THR B CG2 1 
ATOM   833  N N   . ILE B 1 32 ? 17.945  -12.798 1.328   1.00 15.31 ? 32  ILE B N   1 
ATOM   834  C CA  . ILE B 1 32 ? 16.856  -13.049 2.260   1.00 13.45 ? 32  ILE B CA  1 
ATOM   835  C C   . ILE B 1 32 ? 15.785  -11.973 2.123   1.00 13.16 ? 32  ILE B C   1 
ATOM   836  O O   . ILE B 1 32 ? 14.591  -12.266 2.172   1.00 14.49 ? 32  ILE B O   1 
ATOM   837  C CB  . ILE B 1 32 ? 17.376  -13.074 3.720   1.00 13.19 ? 32  ILE B CB  1 
ATOM   838  C CG1 . ILE B 1 32 ? 18.186  -14.351 3.952   1.00 13.70 ? 32  ILE B CG1 1 
ATOM   839  C CG2 . ILE B 1 32 ? 16.217  -12.972 4.706   1.00 14.88 ? 32  ILE B CG2 1 
ATOM   840  C CD1 . ILE B 1 32 ? 18.830  -14.416 5.318   1.00 14.65 ? 32  ILE B CD1 1 
ATOM   841  N N   . THR B 1 33 ? 16.220  -10.731 1.937   1.00 13.69 ? 33  THR B N   1 
ATOM   842  C CA  . THR B 1 33 ? 15.292  -9.614  1.814   1.00 13.80 ? 33  THR B CA  1 
ATOM   843  C C   . THR B 1 33 ? 14.497  -9.692  0.514   1.00 14.14 ? 33  THR B C   1 
ATOM   844  O O   . THR B 1 33 ? 13.294  -9.419  0.496   1.00 14.96 ? 33  THR B O   1 
ATOM   845  C CB  . THR B 1 33 ? 16.040  -8.270  1.896   1.00 14.74 ? 33  THR B CB  1 
ATOM   846  O OG1 . THR B 1 33 ? 16.743  -8.195  3.145   1.00 16.24 ? 33  THR B OG1 1 
ATOM   847  C CG2 . THR B 1 33 ? 15.063  -7.108  1.820   1.00 14.66 ? 33  THR B CG2 1 
ATOM   848  N N   . ILE B 1 34 ? 15.166  -10.070 -0.570  1.00 15.39 ? 34  ILE B N   1 
ATOM   849  C CA  . ILE B 1 34 ? 14.504  -10.207 -1.865  1.00 15.40 ? 34  ILE B CA  1 
ATOM   850  C C   . ILE B 1 34 ? 13.419  -11.275 -1.761  1.00 16.23 ? 34  ILE B C   1 
ATOM   851  O O   . ILE B 1 34 ? 12.308  -11.100 -2.260  1.00 16.50 ? 34  ILE B O   1 
ATOM   852  C CB  . ILE B 1 34 ? 15.512  -10.606 -2.966  1.00 17.72 ? 34  ILE B CB  1 
ATOM   853  C CG1 . ILE B 1 34 ? 16.465  -9.439  -3.232  1.00 18.57 ? 34  ILE B CG1 1 
ATOM   854  C CG2 . ILE B 1 34 ? 14.776  -11.004 -4.245  1.00 18.95 ? 34  ILE B CG2 1 
ATOM   855  C CD1 . ILE B 1 34 ? 17.614  -9.782  -4.164  1.00 20.93 ? 34  ILE B CD1 1 
ATOM   856  N N   . ASP B 1 35 ? 13.735  -12.377 -1.094  1.00 15.95 ? 35  ASP B N   1 
ATOM   857  C CA  . ASP B 1 35 ? 12.760  -13.447 -0.944  1.00 15.20 ? 35  ASP B CA  1 
ATOM   858  C C   . ASP B 1 35 ? 11.625  -13.045 -0.011  1.00 12.58 ? 35  ASP B C   1 
ATOM   859  O O   . ASP B 1 35 ? 10.508  -13.538 -0.145  1.00 13.40 ? 35  ASP B O   1 
ATOM   860  C CB  . ASP B 1 35 ? 13.446  -14.724 -0.459  1.00 16.81 ? 35  ASP B CB  1 
ATOM   861  C CG  . ASP B 1 35 ? 14.329  -15.342 -1.533  1.00 21.63 ? 35  ASP B CG  1 
ATOM   862  O OD1 . ASP B 1 35 ? 14.241  -14.888 -2.694  1.00 24.41 ? 35  ASP B OD1 1 
ATOM   863  O OD2 . ASP B 1 35 ? 15.102  -16.275 -1.232  1.00 21.26 ? 35  ASP B OD2 1 
ATOM   864  N N   . ALA B 1 36 ? 11.909  -12.151 0.933   1.00 12.48 ? 36  ALA B N   1 
ATOM   865  C CA  . ALA B 1 36 ? 10.877  -11.692 1.858   1.00 12.90 ? 36  ALA B CA  1 
ATOM   866  C C   . ALA B 1 36 ? 9.873   -10.824 1.099   1.00 13.41 ? 36  ALA B C   1 
ATOM   867  O O   . ALA B 1 36 ? 8.681   -10.815 1.414   1.00 13.68 ? 36  ALA B O   1 
ATOM   868  C CB  . ALA B 1 36 ? 11.501  -10.899 3.006   1.00 13.21 ? 36  ALA B CB  1 
ATOM   869  N N   . ILE B 1 37 ? 10.359  -10.084 0.105   1.00 13.54 ? 37  ILE B N   1 
ATOM   870  C CA  . ILE B 1 37 ? 9.479   -9.243  -0.699  1.00 14.10 ? 37  ILE B CA  1 
ATOM   871  C C   . ILE B 1 37 ? 8.564   -10.166 -1.492  1.00 13.90 ? 37  ILE B C   1 
ATOM   872  O O   . ILE B 1 37 ? 7.353   -9.935  -1.590  1.00 14.36 ? 37  ILE B O   1 
ATOM   873  C CB  . ILE B 1 37 ? 10.287  -8.351  -1.669  1.00 14.21 ? 37  ILE B CB  1 
ATOM   874  C CG1 . ILE B 1 37 ? 11.069  -7.308  -0.868  1.00 14.95 ? 37  ILE B CG1 1 
ATOM   875  C CG2 . ILE B 1 37 ? 9.343   -7.660  -2.659  1.00 14.41 ? 37  ILE B CG2 1 
ATOM   876  C CD1 . ILE B 1 37 ? 12.049  -6.497  -1.690  1.00 16.15 ? 37  ILE B CD1 1 
ATOM   877  N N   . ARG B 1 38 ? 9.147   -11.225 -2.042  1.00 13.83 ? 38  ARG B N   1 
ATOM   878  C CA  . ARG B 1 38 ? 8.386   -12.195 -2.814  1.00 14.59 ? 38  ARG B CA  1 
ATOM   879  C C   . ARG B 1 38 ? 7.336   -12.882 -1.940  1.00 14.20 ? 38  ARG B C   1 
ATOM   880  O O   . ARG B 1 38 ? 6.188   -13.059 -2.351  1.00 14.14 ? 38  ARG B O   1 
ATOM   881  C CB  . ARG B 1 38 ? 9.330   -13.238 -3.418  1.00 15.92 ? 38  ARG B CB  1 
ATOM   882  C CG  . ARG B 1 38 ? 8.632   -14.270 -4.284  1.00 21.04 ? 38  ARG B CG  1 
ATOM   883  C CD  . ARG B 1 38 ? 9.635   -15.241 -4.875  1.00 25.33 ? 38  ARG B CD  1 
ATOM   884  N NE  . ARG B 1 38 ? 10.396  -15.920 -3.832  1.00 30.95 ? 38  ARG B NE  1 
ATOM   885  C CZ  . ARG B 1 38 ? 11.355  -16.808 -4.068  1.00 33.51 ? 38  ARG B CZ  1 
ATOM   886  N NH1 . ARG B 1 38 ? 11.671  -17.128 -5.316  1.00 36.08 ? 38  ARG B NH1 1 
ATOM   887  N NH2 . ARG B 1 38 ? 11.997  -17.375 -3.057  1.00 36.07 ? 38  ARG B NH2 1 
ATOM   888  N N   . THR B 1 39 ? 7.732   -13.262 -0.728  1.00 12.84 ? 39  THR B N   1 
ATOM   889  C CA  . THR B 1 39 ? 6.825   -13.921 0.200   1.00 12.46 ? 39  THR B CA  1 
ATOM   890  C C   . THR B 1 39 ? 5.669   -12.990 0.558   1.00 11.77 ? 39  THR B C   1 
ATOM   891  O O   . THR B 1 39 ? 4.513   -13.414 0.624   1.00 12.97 ? 39  THR B O   1 
ATOM   892  C CB  . THR B 1 39 ? 7.568   -14.344 1.488   1.00 12.39 ? 39  THR B CB  1 
ATOM   893  O OG1 . THR B 1 39 ? 8.548   -15.342 1.163   1.00 15.58 ? 39  THR B OG1 1 
ATOM   894  C CG2 . THR B 1 39 ? 6.592   -14.909 2.515   1.00 14.03 ? 39  THR B CG2 1 
ATOM   895  N N   . HIS B 1 40 ? 5.982   -11.719 0.782   1.00 12.09 ? 40  HIS B N   1 
ATOM   896  C CA  . HIS B 1 40 ? 4.954   -10.745 1.119   1.00 13.01 ? 40  HIS B CA  1 
ATOM   897  C C   . HIS B 1 40 ? 3.879   -10.694 0.040   1.00 13.95 ? 40  HIS B C   1 
ATOM   898  O O   . HIS B 1 40 ? 2.688   -10.741 0.341   1.00 15.20 ? 40  HIS B O   1 
ATOM   899  C CB  . HIS B 1 40 ? 5.560   -9.352  1.290   1.00 12.24 ? 40  HIS B CB  1 
ATOM   900  C CG  . HIS B 1 40 ? 4.539   -8.255  1.316   1.00 12.59 ? 40  HIS B CG  1 
ATOM   901  N ND1 . HIS B 1 40 ? 3.573   -8.160  2.296   1.00 11.92 ? 40  HIS B ND1 1 
ATOM   902  C CD2 . HIS B 1 40 ? 4.318   -7.224  0.467   1.00 12.39 ? 40  HIS B CD2 1 
ATOM   903  C CE1 . HIS B 1 40 ? 2.800   -7.117  2.048   1.00 11.44 ? 40  HIS B CE1 1 
ATOM   904  N NE2 . HIS B 1 40 ? 3.230   -6.532  0.945   1.00 12.03 ? 40  HIS B NE2 1 
ATOM   905  N N   . ARG B 1 41 ? 4.293   -10.599 -1.216  1.00 13.74 ? 41  ARG B N   1 
ATOM   906  C CA  . ARG B 1 41 ? 3.316   -10.539 -2.291  1.00 13.88 ? 41  ARG B CA  1 
ATOM   907  C C   . ARG B 1 41 ? 2.506   -11.820 -2.413  1.00 13.37 ? 41  ARG B C   1 
ATOM   908  O O   . ARG B 1 41 ? 1.322   -11.774 -2.732  1.00 14.31 ? 41  ARG B O   1 
ATOM   909  C CB  . ARG B 1 41 ? 4.005   -10.185 -3.605  1.00 15.98 ? 41  ARG B CB  1 
ATOM   910  C CG  . ARG B 1 41 ? 4.516   -8.752  -3.582  1.00 17.70 ? 41  ARG B CG  1 
ATOM   911  C CD  . ARG B 1 41 ? 4.991   -8.326  -4.931  1.00 16.74 ? 41  ARG B CD  1 
ATOM   912  N NE  . ARG B 1 41 ? 3.953   -8.537  -5.930  1.00 15.40 ? 41  ARG B NE  1 
ATOM   913  C CZ  . ARG B 1 41 ? 4.184   -8.527  -7.234  1.00 15.08 ? 41  ARG B CZ  1 
ATOM   914  N NH1 . ARG B 1 41 ? 5.415   -8.311  -7.677  1.00 15.06 ? 41  ARG B NH1 1 
ATOM   915  N NH2 . ARG B 1 41 ? 3.195   -8.746  -8.088  1.00 16.04 ? 41  ARG B NH2 1 
ATOM   916  N N   . ARG B 1 42 ? 3.128   -12.966 -2.147  1.00 12.37 ? 42  ARG B N   1 
ATOM   917  C CA  . ARG B 1 42 ? 2.394   -14.226 -2.208  1.00 12.32 ? 42  ARG B CA  1 
ATOM   918  C C   . ARG B 1 42 ? 1.336   -14.247 -1.100  1.00 13.04 ? 42  ARG B C   1 
ATOM   919  O O   . ARG B 1 42 ? 0.215   -14.714 -1.312  1.00 13.70 ? 42  ARG B O   1 
ATOM   920  C CB  . ARG B 1 42 ? 3.353   -15.415 -2.051  1.00 14.01 ? 42  ARG B CB  1 
ATOM   921  N N   . LEU B 1 43 ? 1.689   -13.725 0.074   1.00 12.81 ? 43  LEU B N   1 
ATOM   922  C CA  . LEU B 1 43 ? 0.767   -13.696 1.205   1.00 10.15 ? 43  LEU B CA  1 
ATOM   923  C C   . LEU B 1 43 ? -0.376  -12.713 0.985   1.00 11.09 ? 43  LEU B C   1 
ATOM   924  O O   . LEU B 1 43 ? -1.511  -12.959 1.409   1.00 11.00 ? 43  LEU B O   1 
ATOM   925  C CB  . LEU B 1 43 ? 1.520   -13.350 2.495   1.00 10.04 ? 43  LEU B CB  1 
ATOM   926  C CG  . LEU B 1 43 ? 2.509   -14.427 2.962   1.00 10.27 ? 43  LEU B CG  1 
ATOM   927  C CD1 . LEU B 1 43 ? 3.335   -13.891 4.117   1.00 10.77 ? 43  LEU B CD1 1 
ATOM   928  C CD2 . LEU B 1 43 ? 1.755   -15.677 3.385   1.00 11.80 ? 43  LEU B CD2 1 
ATOM   929  N N   . VAL B 1 44 ? -0.074  -11.599 0.329   1.00 10.95 ? 44  VAL B N   1 
ATOM   930  C CA  . VAL B 1 44 ? -1.091  -10.596 0.029   1.00 11.58 ? 44  VAL B CA  1 
ATOM   931  C C   . VAL B 1 44 ? -2.073  -11.205 -0.964  1.00 12.30 ? 44  VAL B C   1 
ATOM   932  O O   . VAL B 1 44 ? -3.289  -11.087 -0.813  1.00 13.51 ? 44  VAL B O   1 
ATOM   933  C CB  . VAL B 1 44 ? -0.455  -9.335  -0.600  1.00 11.05 ? 44  VAL B CB  1 
ATOM   934  C CG1 . VAL B 1 44 ? -1.535  -8.398  -1.134  1.00 12.09 ? 44  VAL B CG1 1 
ATOM   935  C CG2 . VAL B 1 44 ? 0.373   -8.612  0.435   1.00 11.83 ? 44  VAL B CG2 1 
ATOM   936  N N   . GLU B 1 45 ? -1.533  -11.865 -1.980  1.00 13.42 ? 45  GLU B N   1 
ATOM   937  C CA  . GLU B 1 45 ? -2.364  -12.497 -2.992  1.00 11.97 ? 45  GLU B CA  1 
ATOM   938  C C   . GLU B 1 45 ? -3.245  -13.577 -2.383  1.00 12.74 ? 45  GLU B C   1 
ATOM   939  O O   . GLU B 1 45 ? -4.435  -13.661 -2.694  1.00 13.93 ? 45  GLU B O   1 
ATOM   940  C CB  . GLU B 1 45 ? -1.487  -13.096 -4.092  1.00 12.38 ? 45  GLU B CB  1 
ATOM   941  C CG  . GLU B 1 45 ? -0.885  -12.059 -5.020  1.00 13.34 ? 45  GLU B CG  1 
ATOM   942  C CD  . GLU B 1 45 ? 0.186   -12.633 -5.927  1.00 16.34 ? 45  GLU B CD  1 
ATOM   943  O OE1 . GLU B 1 45 ? 0.293   -13.875 -6.021  1.00 20.43 ? 45  GLU B OE1 1 
ATOM   944  O OE2 . GLU B 1 45 ? 0.920   -11.843 -6.552  1.00 15.73 ? 45  GLU B OE2 1 
ATOM   945  N N   . LYS B 1 46 ? -2.665  -14.394 -1.508  1.00 11.84 ? 46  LYS B N   1 
ATOM   946  C CA  . LYS B 1 46 ? -3.407  -15.480 -0.872  1.00 12.34 ? 46  LYS B CA  1 
ATOM   947  C C   . LYS B 1 46 ? -4.572  -14.962 -0.030  1.00 12.72 ? 46  LYS B C   1 
ATOM   948  O O   . LYS B 1 46 ? -5.698  -15.450 -0.144  1.00 14.51 ? 46  LYS B O   1 
ATOM   949  C CB  . LYS B 1 46 ? -2.471  -16.320 -0.008  1.00 14.93 ? 46  LYS B CB  1 
ATOM   950  N N   . ALA B 1 47 ? -4.304  -13.965 0.809   1.00 10.98 ? 47  ALA B N   1 
ATOM   951  C CA  . ALA B 1 47 ? -5.340  -13.412 1.663   1.00 11.26 ? 47  ALA B CA  1 
ATOM   952  C C   . ALA B 1 47 ? -6.477  -12.834 0.828   1.00 11.65 ? 47  ALA B C   1 
ATOM   953  O O   . ALA B 1 47 ? -7.652  -13.034 1.146   1.00 12.47 ? 47  ALA B O   1 
ATOM   954  C CB  . ALA B 1 47 ? -4.752  -12.341 2.580   1.00 12.22 ? 47  ALA B CB  1 
ATOM   955  N N   . ASP B 1 48 ? -6.136  -12.117 -0.240  1.00 11.77 ? 48  ASP B N   1 
ATOM   956  C CA  . ASP B 1 48 ? -7.166  -11.535 -1.086  1.00 12.27 ? 48  ASP B CA  1 
ATOM   957  C C   . ASP B 1 48 ? -7.986  -12.618 -1.776  1.00 13.05 ? 48  ASP B C   1 
ATOM   958  O O   . ASP B 1 48 ? -9.201  -12.497 -1.897  1.00 12.47 ? 48  ASP B O   1 
ATOM   959  C CB  . ASP B 1 48 ? -6.557  -10.610 -2.138  1.00 13.11 ? 48  ASP B CB  1 
ATOM   960  C CG  . ASP B 1 48 ? -7.617  -9.925  -2.983  1.00 14.95 ? 48  ASP B CG  1 
ATOM   961  O OD1 . ASP B 1 48 ? -8.520  -9.295  -2.394  1.00 15.96 ? 48  ASP B OD1 1 
ATOM   962  O OD2 . ASP B 1 48 ? -7.546  -10.021 -4.226  1.00 15.73 ? 48  ASP B OD2 1 
ATOM   963  N N   . GLU B 1 49 ? -7.326  -13.671 -2.242  1.00 13.42 ? 49  GLU B N   1 
ATOM   964  C CA  . GLU B 1 49 ? -8.056  -14.748 -2.897  1.00 15.18 ? 49  GLU B CA  1 
ATOM   965  C C   . GLU B 1 49 ? -9.102  -15.315 -1.945  1.00 14.91 ? 49  GLU B C   1 
ATOM   966  O O   . GLU B 1 49 ? -10.230 -15.590 -2.349  1.00 15.01 ? 49  GLU B O   1 
ATOM   967  C CB  . GLU B 1 49 ? -7.101  -15.853 -3.356  1.00 19.16 ? 49  GLU B CB  1 
ATOM   968  C CG  . GLU B 1 49 ? -6.398  -15.539 -4.666  1.00 27.46 ? 49  GLU B CG  1 
ATOM   969  C CD  . GLU B 1 49 ? -7.369  -15.377 -5.826  1.00 33.37 ? 49  GLU B CD  1 
ATOM   970  O OE1 . GLU B 1 49 ? -8.096  -16.347 -6.143  1.00 36.69 ? 49  GLU B OE1 1 
ATOM   971  O OE2 . GLU B 1 49 ? -7.411  -14.279 -6.421  1.00 36.45 ? 49  GLU B OE2 1 
ATOM   972  N N   . LEU B 1 50 ? -8.739  -15.476 -0.677  1.00 14.25 ? 50  LEU B N   1 
ATOM   973  C CA  . LEU B 1 50 ? -9.686  -16.000 0.298   1.00 14.05 ? 50  LEU B CA  1 
ATOM   974  C C   . LEU B 1 50 ? -10.825 -15.005 0.517   1.00 12.70 ? 50  LEU B C   1 
ATOM   975  O O   . LEU B 1 50 ? -11.990 -15.395 0.626   1.00 14.84 ? 50  LEU B O   1 
ATOM   976  C CB  . LEU B 1 50 ? -8.969  -16.310 1.619   1.00 15.84 ? 50  LEU B CB  1 
ATOM   977  C CG  . LEU B 1 50 ? -8.670  -17.789 1.904   1.00 21.72 ? 50  LEU B CG  1 
ATOM   978  C CD1 . LEU B 1 50 ? -8.352  -18.546 0.623   1.00 18.71 ? 50  LEU B CD1 1 
ATOM   979  C CD2 . LEU B 1 50 ? -7.532  -17.886 2.903   1.00 15.09 ? 50  LEU B CD2 1 
ATOM   980  N N   . PHE B 1 51 ? -10.493 -13.719 0.567   1.00 12.88 ? 51  PHE B N   1 
ATOM   981  C CA  . PHE B 1 51 ? -11.504 -12.685 0.755   1.00 12.52 ? 51  PHE B CA  1 
ATOM   982  C C   . PHE B 1 51 ? -12.509 -12.698 -0.399  1.00 13.33 ? 51  PHE B C   1 
ATOM   983  O O   . PHE B 1 51 ? -13.721 -12.647 -0.185  1.00 14.43 ? 51  PHE B O   1 
ATOM   984  C CB  . PHE B 1 51 ? -10.855 -11.298 0.816   1.00 12.95 ? 51  PHE B CB  1 
ATOM   985  C CG  . PHE B 1 51 ? -11.840 -10.175 1.019   1.00 15.63 ? 51  PHE B CG  1 
ATOM   986  C CD1 . PHE B 1 51 ? -12.232 -9.799  2.298   1.00 16.99 ? 51  PHE B CD1 1 
ATOM   987  C CD2 . PHE B 1 51 ? -12.390 -9.509  -0.075  1.00 17.23 ? 51  PHE B CD2 1 
ATOM   988  C CE1 . PHE B 1 51 ? -13.162 -8.769  2.489   1.00 18.77 ? 51  PHE B CE1 1 
ATOM   989  C CE2 . PHE B 1 51 ? -13.320 -8.480  0.103   1.00 17.78 ? 51  PHE B CE2 1 
ATOM   990  C CZ  . PHE B 1 51 ? -13.705 -8.111  1.389   1.00 18.45 ? 51  PHE B CZ  1 
ATOM   991  N N   . GLN B 1 52 ? -11.995 -12.756 -1.621  1.00 13.73 ? 52  GLN B N   1 
ATOM   992  C CA  . GLN B 1 52 ? -12.847 -12.743 -2.805  1.00 15.33 ? 52  GLN B CA  1 
ATOM   993  C C   . GLN B 1 52 ? -13.864 -13.876 -2.821  1.00 15.80 ? 52  GLN B C   1 
ATOM   994  O O   . GLN B 1 52 ? -14.957 -13.727 -3.368  1.00 16.74 ? 52  GLN B O   1 
ATOM   995  C CB  . GLN B 1 52 ? -11.988 -12.804 -4.072  1.00 14.39 ? 52  GLN B CB  1 
ATOM   996  C CG  . GLN B 1 52 ? -11.001 -11.657 -4.200  1.00 16.77 ? 52  GLN B CG  1 
ATOM   997  C CD  . GLN B 1 52 ? -11.682 -10.309 -4.349  1.00 17.18 ? 52  GLN B CD  1 
ATOM   998  O OE1 . GLN B 1 52 ? -11.121 -9.275  -3.986  1.00 20.54 ? 52  GLN B OE1 1 
ATOM   999  N NE2 . GLN B 1 52 ? -12.893 -10.311 -4.899  1.00 17.86 ? 52  GLN B NE2 1 
ATOM   1000 N N   . ALA B 1 53 ? -13.509 -15.003 -2.210  1.00 14.85 ? 53  ALA B N   1 
ATOM   1001 C CA  . ALA B 1 53 ? -14.382 -16.169 -2.179  1.00 15.87 ? 53  ALA B CA  1 
ATOM   1002 C C   . ALA B 1 53 ? -15.371 -16.173 -1.016  1.00 15.11 ? 53  ALA B C   1 
ATOM   1003 O O   . ALA B 1 53 ? -16.209 -17.067 -0.916  1.00 17.71 ? 53  ALA B O   1 
ATOM   1004 C CB  . ALA B 1 53 ? -13.540 -17.446 -2.151  1.00 14.89 ? 53  ALA B CB  1 
ATOM   1005 N N   . LEU B 1 54 ? -15.271 -15.180 -0.138  1.00 15.59 ? 54  LEU B N   1 
ATOM   1006 C CA  . LEU B 1 54 ? -16.178 -15.090 1.000   1.00 16.44 ? 54  LEU B CA  1 
ATOM   1007 C C   . LEU B 1 54 ? -17.570 -14.687 0.532   1.00 17.56 ? 54  LEU B C   1 
ATOM   1008 O O   . LEU B 1 54 ? -17.717 -13.990 -0.471  1.00 20.64 ? 54  LEU B O   1 
ATOM   1009 C CB  . LEU B 1 54 ? -15.685 -14.039 1.996   1.00 14.97 ? 54  LEU B CB  1 
ATOM   1010 C CG  . LEU B 1 54 ? -14.422 -14.333 2.801   1.00 15.38 ? 54  LEU B CG  1 
ATOM   1011 C CD1 . LEU B 1 54 ? -14.016 -13.080 3.567   1.00 15.24 ? 54  LEU B CD1 1 
ATOM   1012 C CD2 . LEU B 1 54 ? -14.681 -15.490 3.755   1.00 16.44 ? 54  LEU B CD2 1 
ATOM   1013 N N   . PRO B 1 55 ? -18.615 -15.140 1.244   1.00 19.71 ? 55  PRO B N   1 
ATOM   1014 C CA  . PRO B 1 55 ? -19.965 -14.757 0.830   1.00 21.14 ? 55  PRO B CA  1 
ATOM   1015 C C   . PRO B 1 55 ? -20.036 -13.234 0.931   1.00 21.20 ? 55  PRO B C   1 
ATOM   1016 O O   . PRO B 1 55 ? -19.331 -12.638 1.745   1.00 19.95 ? 55  PRO B O   1 
ATOM   1017 C CB  . PRO B 1 55 ? -20.848 -15.453 1.860   1.00 20.57 ? 55  PRO B CB  1 
ATOM   1018 C CG  . PRO B 1 55 ? -20.071 -16.695 2.175   1.00 21.42 ? 55  PRO B CG  1 
ATOM   1019 C CD  . PRO B 1 55 ? -18.658 -16.161 2.305   1.00 18.93 ? 55  PRO B CD  1 
ATOM   1020 N N   . GLU B 1 56 ? -20.873 -12.606 0.113   1.00 23.56 ? 56  GLU B N   1 
ATOM   1021 C CA  . GLU B 1 56 ? -20.995 -11.151 0.125   1.00 25.09 ? 56  GLU B CA  1 
ATOM   1022 C C   . GLU B 1 56 ? -21.234 -10.555 1.512   1.00 24.92 ? 56  GLU B C   1 
ATOM   1023 O O   . GLU B 1 56 ? -20.750 -9.466  1.816   1.00 24.46 ? 56  GLU B O   1 
ATOM   1024 C CB  . GLU B 1 56 ? -22.111 -10.709 -0.823  1.00 28.20 ? 56  GLU B CB  1 
ATOM   1025 C CG  . GLU B 1 56 ? -21.801 -10.952 -2.291  1.00 31.67 ? 56  GLU B CG  1 
ATOM   1026 C CD  . GLU B 1 56 ? -20.505 -10.285 -2.728  1.00 33.05 ? 56  GLU B CD  1 
ATOM   1027 O OE1 . GLU B 1 56 ? -20.359 -9.062  -2.509  1.00 34.34 ? 56  GLU B OE1 1 
ATOM   1028 O OE2 . GLU B 1 56 ? -19.634 -10.984 -3.291  1.00 34.61 ? 56  GLU B OE2 1 
ATOM   1029 N N   . THR B 1 57 ? -21.973 -11.276 2.349   1.00 23.91 ? 57  THR B N   1 
ATOM   1030 C CA  . THR B 1 57 ? -22.270 -10.814 3.700   1.00 23.75 ? 57  THR B CA  1 
ATOM   1031 C C   . THR B 1 57 ? -21.018 -10.611 4.552   1.00 23.64 ? 57  THR B C   1 
ATOM   1032 O O   . THR B 1 57 ? -20.970 -9.712  5.389   1.00 23.42 ? 57  THR B O   1 
ATOM   1033 C CB  . THR B 1 57 ? -23.201 -11.798 4.427   1.00 25.38 ? 57  THR B CB  1 
ATOM   1034 O OG1 . THR B 1 57 ? -22.658 -13.119 4.342   1.00 24.63 ? 57  THR B OG1 1 
ATOM   1035 C CG2 . THR B 1 57 ? -24.586 -11.785 3.797   1.00 26.10 ? 57  THR B CG2 1 
ATOM   1036 N N   . TYR B 1 58 ? -20.009 -11.453 4.344   1.00 22.06 ? 58  TYR B N   1 
ATOM   1037 C CA  . TYR B 1 58 ? -18.773 -11.335 5.107   1.00 22.57 ? 58  TYR B CA  1 
ATOM   1038 C C   . TYR B 1 58 ? -17.914 -10.175 4.613   1.00 22.63 ? 58  TYR B C   1 
ATOM   1039 O O   . TYR B 1 58 ? -17.243 -9.509  5.402   1.00 23.21 ? 58  TYR B O   1 
ATOM   1040 C CB  . TYR B 1 58 ? -17.973 -12.641 5.040   1.00 21.33 ? 58  TYR B CB  1 
ATOM   1041 C CG  . TYR B 1 58 ? -18.551 -13.755 5.882   1.00 20.21 ? 58  TYR B CG  1 
ATOM   1042 C CD1 . TYR B 1 58 ? -19.643 -14.503 5.441   1.00 21.78 ? 58  TYR B CD1 1 
ATOM   1043 C CD2 . TYR B 1 58 ? -18.032 -14.035 7.143   1.00 19.82 ? 58  TYR B CD2 1 
ATOM   1044 C CE1 . TYR B 1 58 ? -20.203 -15.502 6.241   1.00 23.37 ? 58  TYR B CE1 1 
ATOM   1045 C CE2 . TYR B 1 58 ? -18.584 -15.027 7.948   1.00 20.91 ? 58  TYR B CE2 1 
ATOM   1046 C CZ  . TYR B 1 58 ? -19.666 -15.755 7.494   1.00 21.19 ? 58  TYR B CZ  1 
ATOM   1047 O OH  . TYR B 1 58 ? -20.215 -16.725 8.303   1.00 27.00 ? 58  TYR B OH  1 
ATOM   1048 N N   . LYS B 1 59 ? -17.937 -9.938  3.306   1.00 22.97 ? 59  LYS B N   1 
ATOM   1049 C CA  . LYS B 1 59 ? -17.158 -8.860  2.707   1.00 24.48 ? 59  LYS B CA  1 
ATOM   1050 C C   . LYS B 1 59 ? -17.595 -7.490  3.218   1.00 26.49 ? 59  LYS B C   1 
ATOM   1051 O O   . LYS B 1 59 ? -16.802 -6.549  3.255   1.00 27.12 ? 59  LYS B O   1 
ATOM   1052 C CB  . LYS B 1 59 ? -17.301 -8.891  1.184   1.00 24.24 ? 59  LYS B CB  1 
ATOM   1053 C CG  . LYS B 1 59 ? -16.742 -10.140 0.527   1.00 24.03 ? 59  LYS B CG  1 
ATOM   1054 C CD  . LYS B 1 59 ? -16.906 -10.073 -0.980  1.00 24.30 ? 59  LYS B CD  1 
ATOM   1055 C CE  . LYS B 1 59 ? -16.304 -11.287 -1.656  1.00 23.74 ? 59  LYS B CE  1 
ATOM   1056 N NZ  . LYS B 1 59 ? -16.510 -11.241 -3.131  1.00 24.54 ? 59  LYS B NZ  1 
ATOM   1057 N N   . THR B 1 60 ? -18.860 -7.389  3.617   1.00 26.16 ? 60  THR B N   1 
ATOM   1058 C CA  . THR B 1 60 ? -19.422 -6.132  4.097   1.00 26.97 ? 60  THR B CA  1 
ATOM   1059 C C   . THR B 1 60 ? -19.503 -6.023  5.618   1.00 27.97 ? 60  THR B C   1 
ATOM   1060 O O   . THR B 1 60 ? -20.025 -5.039  6.147   1.00 28.82 ? 60  THR B O   1 
ATOM   1061 C CB  . THR B 1 60 ? -20.834 -5.921  3.524   1.00 27.39 ? 60  THR B CB  1 
ATOM   1062 O OG1 . THR B 1 60 ? -21.673 -7.013  3.918   1.00 27.78 ? 60  THR B OG1 1 
ATOM   1063 C CG2 . THR B 1 60 ? -20.789 -5.852  2.004   1.00 28.23 ? 60  THR B CG2 1 
ATOM   1064 N N   . GLY B 1 61 ? -18.993 -7.030  6.318   1.00 26.64 ? 61  GLY B N   1 
ATOM   1065 C CA  . GLY B 1 61 ? -19.028 -7.005  7.769   1.00 28.02 ? 61  GLY B CA  1 
ATOM   1066 C C   . GLY B 1 61 ? -20.395 -7.351  8.330   1.00 28.36 ? 61  GLY B C   1 
ATOM   1067 O O   . GLY B 1 61 ? -20.650 -7.158  9.521   1.00 29.71 ? 61  GLY B O   1 
ATOM   1068 N N   . GLN B 1 62 ? -21.272 -7.863  7.472   1.00 27.06 ? 62  GLN B N   1 
ATOM   1069 C CA  . GLN B 1 62 ? -22.623 -8.248  7.871   1.00 26.80 ? 62  GLN B CA  1 
ATOM   1070 C C   . GLN B 1 62 ? -22.643 -9.634  8.502   1.00 25.14 ? 62  GLN B C   1 
ATOM   1071 O O   . GLN B 1 62 ? -23.675 -10.095 8.984   1.00 24.29 ? 62  GLN B O   1 
ATOM   1072 C CB  . GLN B 1 62 ? -23.554 -8.222  6.662   1.00 28.57 ? 62  GLN B CB  1 
ATOM   1073 C CG  . GLN B 1 62 ? -23.881 -6.823  6.166   1.00 32.54 ? 62  GLN B CG  1 
ATOM   1074 C CD  . GLN B 1 62 ? -24.642 -6.836  4.860   1.00 32.71 ? 62  GLN B CD  1 
ATOM   1075 O OE1 . GLN B 1 62 ? -25.600 -7.591  4.694   1.00 35.89 ? 62  GLN B OE1 1 
ATOM   1076 N NE2 . GLN B 1 62 ? -24.227 -5.992  3.925   1.00 36.58 ? 62  GLN B NE2 1 
ATOM   1077 N N   . ALA B 1 63 ? -21.494 -10.296 8.485   1.00 24.66 ? 63  ALA B N   1 
ATOM   1078 C CA  . ALA B 1 63 ? -21.364 -11.626 9.062   1.00 24.35 ? 63  ALA B CA  1 
ATOM   1079 C C   . ALA B 1 63 ? -19.913 -11.844 9.449   1.00 23.64 ? 63  ALA B C   1 
ATOM   1080 O O   . ALA B 1 63 ? -19.004 -11.393 8.752   1.00 24.39 ? 63  ALA B O   1 
ATOM   1081 C CB  . ALA B 1 63 ? -21.803 -12.684 8.061   1.00 23.77 ? 63  ALA B CB  1 
ATOM   1082 N N   . CYS B 1 64 ? -19.709 -12.524 10.571  1.00 24.03 ? 64  CYS B N   1 
ATOM   1083 C CA  . CYS B 1 64 ? -18.376 -12.826 11.078  1.00 24.25 ? 64  CYS B CA  1 
ATOM   1084 C C   . CYS B 1 64 ? -18.372 -14.233 11.645  1.00 23.36 ? 64  CYS B C   1 
ATOM   1085 O O   . CYS B 1 64 ? -19.410 -14.744 12.065  1.00 24.47 ? 64  CYS B O   1 
ATOM   1086 C CB  . CYS B 1 64 ? -17.981 -11.862 12.201  1.00 25.93 ? 64  CYS B CB  1 
ATOM   1087 S SG  . CYS B 1 64 ? -17.747 -10.153 11.712  1.00 30.70 ? 64  CYS B SG  1 
ATOM   1088 N N   . GLY B 1 65 ? -17.198 -14.855 11.660  1.00 21.59 ? 65  GLY B N   1 
ATOM   1089 C CA  . GLY B 1 65 ? -17.083 -16.188 12.215  1.00 19.84 ? 65  GLY B CA  1 
ATOM   1090 C C   . GLY B 1 65 ? -17.273 -17.311 11.220  1.00 17.64 ? 65  GLY B C   1 
ATOM   1091 O O   . GLY B 1 65 ? -17.625 -17.084 10.066  1.00 17.58 ? 65  GLY B O   1 
ATOM   1092 N N   . GLY B 1 66 ? -17.045 -18.534 11.684  1.00 17.31 ? 66  GLY B N   1 
ATOM   1093 C CA  . GLY B 1 66 ? -17.186 -19.685 10.816  1.00 16.90 ? 66  GLY B CA  1 
ATOM   1094 C C   . GLY B 1 66 ? -15.835 -20.091 10.267  1.00 16.19 ? 66  GLY B C   1 
ATOM   1095 O O   . GLY B 1 66 ? -14.946 -19.255 10.141  1.00 14.82 ? 66  GLY B O   1 
ATOM   1096 N N   . PRO B 1 67 ? -15.654 -21.372 9.916   1.00 15.38 ? 67  PRO B N   1 
ATOM   1097 C CA  . PRO B 1 67 ? -14.382 -21.863 9.381   1.00 14.81 ? 67  PRO B CA  1 
ATOM   1098 C C   . PRO B 1 67 ? -13.802 -21.100 8.191   1.00 14.90 ? 67  PRO B C   1 
ATOM   1099 O O   . PRO B 1 67 ? -12.600 -20.812 8.165   1.00 14.74 ? 67  PRO B O   1 
ATOM   1100 C CB  . PRO B 1 67 ? -14.696 -23.313 9.032   1.00 16.47 ? 67  PRO B CB  1 
ATOM   1101 C CG  . PRO B 1 67 ? -15.707 -23.683 10.079  1.00 17.54 ? 67  PRO B CG  1 
ATOM   1102 C CD  . PRO B 1 67 ? -16.615 -22.478 10.076  1.00 15.80 ? 67  PRO B CD  1 
ATOM   1103 N N   . GLN B 1 68 ? -14.632 -20.778 7.204   1.00 14.47 ? 68  GLN B N   1 
ATOM   1104 C CA  . GLN B 1 68 ? -14.130 -20.074 6.029   1.00 14.11 ? 68  GLN B CA  1 
ATOM   1105 C C   . GLN B 1 68 ? -13.579 -18.697 6.380   1.00 14.41 ? 68  GLN B C   1 
ATOM   1106 O O   . GLN B 1 68 ? -12.492 -18.324 5.933   1.00 12.99 ? 68  GLN B O   1 
ATOM   1107 C CB  . GLN B 1 68 ? -15.221 -19.934 4.959   1.00 14.05 ? 68  GLN B CB  1 
ATOM   1108 C CG  . GLN B 1 68 ? -14.677 -19.403 3.636   1.00 13.87 ? 68  GLN B CG  1 
ATOM   1109 C CD  . GLN B 1 68 ? -15.747 -19.178 2.588   1.00 16.96 ? 68  GLN B CD  1 
ATOM   1110 O OE1 . GLN B 1 68 ? -15.450 -18.759 1.469   1.00 20.33 ? 68  GLN B OE1 1 
ATOM   1111 N NE2 . GLN B 1 68 ? -16.993 -19.451 2.943   1.00 18.60 ? 68  GLN B NE2 1 
ATOM   1112 N N   . HIS B 1 69 ? -14.325 -17.945 7.183   1.00 13.88 ? 69  HIS B N   1 
ATOM   1113 C CA  . HIS B 1 69 ? -13.894 -16.612 7.586   1.00 14.63 ? 69  HIS B CA  1 
ATOM   1114 C C   . HIS B 1 69 ? -12.623 -16.713 8.431   1.00 13.94 ? 69  HIS B C   1 
ATOM   1115 O O   . HIS B 1 69 ? -11.704 -15.909 8.279   1.00 13.99 ? 69  HIS B O   1 
ATOM   1116 C CB  . HIS B 1 69 ? -15.017 -15.918 8.362   1.00 15.47 ? 69  HIS B CB  1 
ATOM   1117 C CG  . HIS B 1 69 ? -14.756 -14.472 8.651   1.00 17.13 ? 69  HIS B CG  1 
ATOM   1118 N ND1 . HIS B 1 69 ? -14.266 -13.598 7.705   1.00 19.00 ? 69  HIS B ND1 1 
ATOM   1119 C CD2 . HIS B 1 69 ? -14.963 -13.738 9.770   1.00 17.77 ? 69  HIS B CD2 1 
ATOM   1120 C CE1 . HIS B 1 69 ? -14.183 -12.386 8.229   1.00 16.46 ? 69  HIS B CE1 1 
ATOM   1121 N NE2 . HIS B 1 69 ? -14.599 -12.445 9.480   1.00 20.94 ? 69  HIS B NE2 1 
ATOM   1122 N N   . ILE B 1 70 ? -12.571 -17.706 9.313   1.00 12.84 ? 70  ILE B N   1 
ATOM   1123 C CA  . ILE B 1 70 ? -11.399 -17.911 10.156  1.00 12.95 ? 70  ILE B CA  1 
ATOM   1124 C C   . ILE B 1 70 ? -10.154 -18.112 9.288   1.00 12.48 ? 70  ILE B C   1 
ATOM   1125 O O   . ILE B 1 70 ? -9.098  -17.555 9.578   1.00 12.28 ? 70  ILE B O   1 
ATOM   1126 C CB  . ILE B 1 70 ? -11.585 -19.142 11.073  1.00 12.64 ? 70  ILE B CB  1 
ATOM   1127 C CG1 . ILE B 1 70 ? -12.577 -18.807 12.189  1.00 14.26 ? 70  ILE B CG1 1 
ATOM   1128 C CG2 . ILE B 1 70 ? -10.239 -19.589 11.637  1.00 15.12 ? 70  ILE B CG2 1 
ATOM   1129 C CD1 . ILE B 1 70 ? -12.968 -20.003 13.045  1.00 14.87 ? 70  ILE B CD1 1 
ATOM   1130 N N   . ARG B 1 71 ? -10.275 -18.905 8.226   1.00 12.30 ? 71  ARG B N   1 
ATOM   1131 C CA  . ARG B 1 71 ? -9.130  -19.139 7.352   1.00 11.87 ? 71  ARG B CA  1 
ATOM   1132 C C   . ARG B 1 71 ? -8.679  -17.852 6.658   1.00 12.27 ? 71  ARG B C   1 
ATOM   1133 O O   . ARG B 1 71 ? -7.480  -17.641 6.459   1.00 12.68 ? 71  ARG B O   1 
ATOM   1134 C CB  . ARG B 1 71 ? -9.446  -20.241 6.331   1.00 13.24 ? 71  ARG B CB  1 
ATOM   1135 C CG  . ARG B 1 71 ? -9.556  -21.624 6.972   1.00 15.24 ? 71  ARG B CG  1 
ATOM   1136 C CD  . ARG B 1 71 ? -9.604  -22.740 5.932   1.00 17.99 ? 71  ARG B CD  1 
ATOM   1137 N NE  . ARG B 1 71 ? -10.848 -22.757 5.163   1.00 21.88 ? 71  ARG B NE  1 
ATOM   1138 C CZ  . ARG B 1 71 ? -12.009 -23.224 5.617   1.00 21.35 ? 71  ARG B CZ  1 
ATOM   1139 N NH1 . ARG B 1 71 ? -12.096 -23.722 6.841   1.00 23.51 ? 71  ARG B NH1 1 
ATOM   1140 N NH2 . ARG B 1 71 ? -13.082 -23.200 4.841   1.00 21.92 ? 71  ARG B NH2 1 
ATOM   1141 N N   . TYR B 1 72 ? -9.625  -16.985 6.302   1.00 12.00 ? 72  TYR B N   1 
ATOM   1142 C CA  . TYR B 1 72 ? -9.267  -15.714 5.673   1.00 10.96 ? 72  TYR B CA  1 
ATOM   1143 C C   . TYR B 1 72 ? -8.506  -14.868 6.696   1.00 12.12 ? 72  TYR B C   1 
ATOM   1144 O O   . TYR B 1 72 ? -7.473  -14.272 6.388   1.00 11.73 ? 72  TYR B O   1 
ATOM   1145 C CB  . TYR B 1 72 ? -10.514 -14.940 5.223   1.00 10.43 ? 72  TYR B CB  1 
ATOM   1146 C CG  . TYR B 1 72 ? -10.237 -13.462 5.039   1.00 11.31 ? 72  TYR B CG  1 
ATOM   1147 C CD1 . TYR B 1 72 ? -9.409  -13.005 4.014   1.00 11.95 ? 72  TYR B CD1 1 
ATOM   1148 C CD2 . TYR B 1 72 ? -10.751 -12.527 5.935   1.00 11.59 ? 72  TYR B CD2 1 
ATOM   1149 C CE1 . TYR B 1 72 ? -9.097  -11.655 3.889   1.00 13.51 ? 72  TYR B CE1 1 
ATOM   1150 C CE2 . TYR B 1 72 ? -10.445 -11.173 5.821   1.00 14.25 ? 72  TYR B CE2 1 
ATOM   1151 C CZ  . TYR B 1 72 ? -9.617  -10.745 4.795   1.00 14.62 ? 72  TYR B CZ  1 
ATOM   1152 O OH  . TYR B 1 72 ? -9.314  -9.405  4.671   1.00 17.92 ? 72  TYR B OH  1 
ATOM   1153 N N   . ILE B 1 73 ? -9.032  -14.820 7.915   1.00 12.17 ? 73  ILE B N   1 
ATOM   1154 C CA  . ILE B 1 73 ? -8.407  -14.053 8.980   1.00 11.51 ? 73  ILE B CA  1 
ATOM   1155 C C   . ILE B 1 73 ? -6.990  -14.565 9.240   1.00 12.20 ? 73  ILE B C   1 
ATOM   1156 O O   . ILE B 1 73 ? -6.057  -13.773 9.377   1.00 11.49 ? 73  ILE B O   1 
ATOM   1157 C CB  . ILE B 1 73 ? -9.263  -14.118 10.274  1.00 10.87 ? 73  ILE B CB  1 
ATOM   1158 C CG1 . ILE B 1 73 ? -10.546 -13.307 10.073  1.00 14.08 ? 73  ILE B CG1 1 
ATOM   1159 C CG2 . ILE B 1 73 ? -8.481  -13.569 11.467  1.00 11.80 ? 73  ILE B CG2 1 
ATOM   1160 C CD1 . ILE B 1 73 ? -11.518 -13.389 11.224  1.00 17.53 ? 73  ILE B CD1 1 
ATOM   1161 N N   . GLU B 1 74 ? -6.821  -15.884 9.286   1.00 11.89 ? 74  GLU B N   1 
ATOM   1162 C CA  . GLU B 1 74 ? -5.496  -16.454 9.526   1.00 11.77 ? 74  GLU B CA  1 
ATOM   1163 C C   . GLU B 1 74 ? -4.526  -16.120 8.388   1.00 12.41 ? 74  GLU B C   1 
ATOM   1164 O O   . GLU B 1 74 ? -3.339  -15.888 8.624   1.00 12.86 ? 74  GLU B O   1 
ATOM   1165 C CB  . GLU B 1 74 ? -5.597  -17.972 9.723   1.00 12.10 ? 74  GLU B CB  1 
ATOM   1166 C CG  . GLU B 1 74 ? -6.349  -18.364 10.999  1.00 14.65 ? 74  GLU B CG  1 
ATOM   1167 C CD  . GLU B 1 74 ? -6.423  -19.862 11.202  1.00 14.90 ? 74  GLU B CD  1 
ATOM   1168 O OE1 . GLU B 1 74 ? -6.718  -20.575 10.220  1.00 17.09 ? 74  GLU B OE1 1 
ATOM   1169 O OE2 . GLU B 1 74 ? -6.197  -20.328 12.344  1.00 17.64 ? 74  GLU B OE2 1 
ATOM   1170 N N   . ALA B 1 75 ? -5.025  -16.092 7.157   1.00 13.08 ? 75  ALA B N   1 
ATOM   1171 C CA  . ALA B 1 75 ? -4.177  -15.753 6.020   1.00 11.66 ? 75  ALA B CA  1 
ATOM   1172 C C   . ALA B 1 75 ? -3.753  -14.289 6.140   1.00 11.28 ? 75  ALA B C   1 
ATOM   1173 O O   . ALA B 1 75 ? -2.615  -13.929 5.843   1.00 11.11 ? 75  ALA B O   1 
ATOM   1174 C CB  . ALA B 1 75 ? -4.935  -15.985 4.709   1.00 10.79 ? 75  ALA B CB  1 
ATOM   1175 N N   . SER B 1 76 ? -4.679  -13.441 6.583   1.00 11.31 ? 76  SER B N   1 
ATOM   1176 C CA  . SER B 1 76 ? -4.388  -12.027 6.750   1.00 11.32 ? 76  SER B CA  1 
ATOM   1177 C C   . SER B 1 76 ? -3.391  -11.833 7.890   1.00 11.68 ? 76  SER B C   1 
ATOM   1178 O O   . SER B 1 76 ? -2.500  -10.990 7.804   1.00 12.26 ? 76  SER B O   1 
ATOM   1179 C CB  . SER B 1 76 ? -5.677  -11.254 7.047   1.00 14.67 ? 76  SER B CB  1 
ATOM   1180 O OG  . SER B 1 76 ? -5.415  -9.861  7.141   1.00 22.07 ? 76  SER B OG  1 
ATOM   1181 N N   . ILE B 1 77 ? -3.545  -12.614 8.956   1.00 11.73 ? 77  ILE B N   1 
ATOM   1182 C CA  . ILE B 1 77 ? -2.636  -12.521 10.095  1.00 12.14 ? 77  ILE B CA  1 
ATOM   1183 C C   . ILE B 1 77 ? -1.220  -12.872 9.663   1.00 11.58 ? 77  ILE B C   1 
ATOM   1184 O O   . ILE B 1 77 ? -0.267  -12.188 10.034  1.00 12.66 ? 77  ILE B O   1 
ATOM   1185 C CB  . ILE B 1 77 ? -3.066  -13.467 11.245  1.00 11.40 ? 77  ILE B CB  1 
ATOM   1186 C CG1 . ILE B 1 77 ? -4.338  -12.936 11.905  1.00 12.40 ? 77  ILE B CG1 1 
ATOM   1187 C CG2 . ILE B 1 77 ? -1.958  -13.559 12.296  1.00 11.91 ? 77  ILE B CG2 1 
ATOM   1188 C CD1 . ILE B 1 77 ? -4.979  -13.910 12.878  1.00 14.04 ? 77  ILE B CD1 1 
ATOM   1189 N N   . GLU B 1 78 ? -1.074  -13.936 8.878   1.00 12.12 ? 78  GLU B N   1 
ATOM   1190 C CA  . GLU B 1 78 ? 0.258   -14.328 8.425   1.00 11.83 ? 78  GLU B CA  1 
ATOM   1191 C C   . GLU B 1 78 ? 0.848   -13.223 7.552   1.00 12.50 ? 78  GLU B C   1 
ATOM   1192 O O   . GLU B 1 78 ? 2.042   -12.933 7.622   1.00 13.01 ? 78  GLU B O   1 
ATOM   1193 C CB  . GLU B 1 78 ? 0.204   -15.643 7.645   1.00 15.02 ? 78  GLU B CB  1 
ATOM   1194 C CG  . GLU B 1 78 ? 1.571   -16.082 7.145   1.00 18.83 ? 78  GLU B CG  1 
ATOM   1195 C CD  . GLU B 1 78 ? 1.568   -17.475 6.550   1.00 21.03 ? 78  GLU B CD  1 
ATOM   1196 O OE1 . GLU B 1 78 ? 0.478   -17.989 6.230   1.00 22.64 ? 78  GLU B OE1 1 
ATOM   1197 O OE2 . GLU B 1 78 ? 2.666   -18.046 6.389   1.00 25.81 ? 78  GLU B OE2 1 
ATOM   1198 N N   . MET B 1 79 ? 0.004   -12.593 6.743   1.00 11.25 ? 79  MET B N   1 
ATOM   1199 C CA  . MET B 1 79 ? 0.469   -11.507 5.886   1.00 12.39 ? 79  MET B CA  1 
ATOM   1200 C C   . MET B 1 79 ? 0.988   -10.348 6.745   1.00 12.63 ? 79  MET B C   1 
ATOM   1201 O O   . MET B 1 79 ? 2.110   -9.879  6.557   1.00 12.45 ? 79  MET B O   1 
ATOM   1202 C CB  . MET B 1 79 ? -0.674  -11.034 4.977   1.00 12.41 ? 79  MET B CB  1 
ATOM   1203 C CG  . MET B 1 79 ? -0.269  -10.069 3.866   1.00 13.91 ? 79  MET B CG  1 
ATOM   1204 S SD  . MET B 1 79 ? 0.102   -8.389  4.419   1.00 17.16 ? 79  MET B SD  1 
ATOM   1205 C CE  . MET B 1 79 ? -1.547  -7.788  4.835   1.00 18.44 ? 79  MET B CE  1 
ATOM   1206 N N   . HIS B 1 80 ? 0.189   -9.889  7.700   1.00 12.60 ? 80  HIS B N   1 
ATOM   1207 C CA  . HIS B 1 80 ? 0.626   -8.784  8.549   1.00 11.97 ? 80  HIS B CA  1 
ATOM   1208 C C   . HIS B 1 80 ? 1.885   -9.106  9.353   1.00 11.26 ? 80  HIS B C   1 
ATOM   1209 O O   . HIS B 1 80 ? 2.769   -8.259  9.503   1.00 11.42 ? 80  HIS B O   1 
ATOM   1210 C CB  . HIS B 1 80 ? -0.499  -8.360  9.494   1.00 13.01 ? 80  HIS B CB  1 
ATOM   1211 C CG  . HIS B 1 80 ? -1.569  -7.556  8.828   1.00 13.56 ? 80  HIS B CG  1 
ATOM   1212 N ND1 . HIS B 1 80 ? -2.840  -8.038  8.605   1.00 15.42 ? 80  HIS B ND1 1 
ATOM   1213 C CD2 . HIS B 1 80 ? -1.546  -6.304  8.312   1.00 13.43 ? 80  HIS B CD2 1 
ATOM   1214 C CE1 . HIS B 1 80 ? -3.555  -7.117  7.981   1.00 13.05 ? 80  HIS B CE1 1 
ATOM   1215 N NE2 . HIS B 1 80 ? -2.792  -6.056  7.791   1.00 16.46 ? 80  HIS B NE2 1 
ATOM   1216 N N   . ALA B 1 81 ? 1.971   -10.330 9.862   1.00 12.08 ? 81  ALA B N   1 
ATOM   1217 C CA  . ALA B 1 81 ? 3.130   -10.735 10.648  1.00 12.90 ? 81  ALA B CA  1 
ATOM   1218 C C   . ALA B 1 81 ? 4.407   -10.709 9.812   1.00 11.32 ? 81  ALA B C   1 
ATOM   1219 O O   . ALA B 1 81 ? 5.434   -10.172 10.240  1.00 13.39 ? 81  ALA B O   1 
ATOM   1220 C CB  . ALA B 1 81 ? 2.907   -12.128 11.214  1.00 12.78 ? 81  ALA B CB  1 
ATOM   1221 N N   . GLN B 1 82 ? 4.340   -11.291 8.622   1.00 11.19 ? 82  GLN B N   1 
ATOM   1222 C CA  . GLN B 1 82 ? 5.501   -11.337 7.741   1.00 9.64  ? 82  GLN B CA  1 
ATOM   1223 C C   . GLN B 1 82 ? 5.880   -9.955  7.226   1.00 11.21 ? 82  GLN B C   1 
ATOM   1224 O O   . GLN B 1 82 ? 7.047   -9.689  6.959   1.00 11.68 ? 82  GLN B O   1 
ATOM   1225 C CB  . GLN B 1 82 ? 5.227   -12.293 6.575   1.00 10.27 ? 82  GLN B CB  1 
ATOM   1226 C CG  . GLN B 1 82 ? 6.444   -12.642 5.723   1.00 11.76 ? 82  GLN B CG  1 
ATOM   1227 C CD  . GLN B 1 82 ? 6.722   -11.624 4.638   1.00 12.45 ? 82  GLN B CD  1 
ATOM   1228 O OE1 . GLN B 1 82 ? 5.820   -10.916 4.195   1.00 12.75 ? 82  GLN B OE1 1 
ATOM   1229 N NE2 . GLN B 1 82 ? 7.968   -11.568 4.181   1.00 11.00 ? 82  GLN B NE2 1 
ATOM   1230 N N   . MET B 1 83 ? 4.897   -9.067  7.096   1.00 12.93 ? 83  MET B N   1 
ATOM   1231 C CA  . MET B 1 83 ? 5.187   -7.714  6.626   1.00 13.48 ? 83  MET B CA  1 
ATOM   1232 C C   . MET B 1 83 ? 6.073   -7.009  7.653   1.00 13.07 ? 83  MET B C   1 
ATOM   1233 O O   . MET B 1 83 ? 6.947   -6.219  7.302   1.00 12.43 ? 83  MET B O   1 
ATOM   1234 C CB  . MET B 1 83 ? 3.889   -6.926  6.417   1.00 14.59 ? 83  MET B CB  1 
ATOM   1235 C CG  . MET B 1 83 ? 4.091   -5.522  5.850   1.00 15.76 ? 83  MET B CG  1 
ATOM   1236 S SD  . MET B 1 83 ? 4.908   -5.504  4.245   1.00 17.68 ? 83  MET B SD  1 
ATOM   1237 C CE  . MET B 1 83 ? 6.240   -4.344  4.541   1.00 15.40 ? 83  MET B CE  1 
ATOM   1238 N N   . SER B 1 84 ? 5.839   -7.298  8.930   1.00 14.38 ? 84  SER B N   1 
ATOM   1239 C CA  . SER B 1 84 ? 6.638   -6.707  9.993   1.00 15.21 ? 84  SER B CA  1 
ATOM   1240 C C   . SER B 1 84 ? 8.085   -7.181  9.820   1.00 15.06 ? 84  SER B C   1 
ATOM   1241 O O   . SER B 1 84 ? 9.030   -6.410  9.999   1.00 14.48 ? 84  SER B O   1 
ATOM   1242 C CB  . SER B 1 84 ? 6.084   -7.138  11.357  1.00 18.30 ? 84  SER B CB  1 
ATOM   1243 O OG  . SER B 1 84 ? 6.809   -6.557  12.423  1.00 24.40 ? 84  SER B OG  1 
ATOM   1244 N N   . ALA B 1 85 ? 8.254   -8.449  9.451   1.00 12.79 ? 85  ALA B N   1 
ATOM   1245 C CA  . ALA B 1 85 ? 9.588   -9.003  9.242   1.00 11.97 ? 85  ALA B CA  1 
ATOM   1246 C C   . ALA B 1 85 ? 10.247  -8.323  8.046   1.00 11.77 ? 85  ALA B C   1 
ATOM   1247 O O   . ALA B 1 85 ? 11.432  -7.989  8.083   1.00 12.42 ? 85  ALA B O   1 
ATOM   1248 C CB  . ALA B 1 85 ? 9.504   -10.521 9.008   1.00 11.51 ? 85  ALA B CB  1 
ATOM   1249 N N   . LEU B 1 86 ? 9.478   -8.124  6.979   1.00 10.83 ? 86  LEU B N   1 
ATOM   1250 C CA  . LEU B 1 86 ? 10.003  -7.483  5.779   1.00 12.13 ? 86  LEU B CA  1 
ATOM   1251 C C   . LEU B 1 86 ? 10.469  -6.068  6.104   1.00 13.08 ? 86  LEU B C   1 
ATOM   1252 O O   . LEU B 1 86 ? 11.545  -5.647  5.679   1.00 13.35 ? 86  LEU B O   1 
ATOM   1253 C CB  . LEU B 1 86 ? 8.934   -7.440  4.677   1.00 13.55 ? 86  LEU B CB  1 
ATOM   1254 C CG  . LEU B 1 86 ? 9.331   -6.705  3.387   1.00 12.32 ? 86  LEU B CG  1 
ATOM   1255 C CD1 . LEU B 1 86 ? 10.626  -7.267  2.805   1.00 13.94 ? 86  LEU B CD1 1 
ATOM   1256 C CD2 . LEU B 1 86 ? 8.199   -6.829  2.373   1.00 14.44 ? 86  LEU B CD2 1 
ATOM   1257 N N   . ASN B 1 87 ? 9.652   -5.338  6.856   1.00 14.24 ? 87  ASN B N   1 
ATOM   1258 C CA  . ASN B 1 87 ? 9.995   -3.973  7.249   1.00 14.18 ? 87  ASN B CA  1 
ATOM   1259 C C   . ASN B 1 87 ? 11.329  -3.964  7.981   1.00 15.01 ? 87  ASN B C   1 
ATOM   1260 O O   . ASN B 1 87 ? 12.193  -3.129  7.708   1.00 15.73 ? 87  ASN B O   1 
ATOM   1261 C CB  . ASN B 1 87 ? 8.914   -3.393  8.165   1.00 18.31 ? 87  ASN B CB  1 
ATOM   1262 C CG  . ASN B 1 87 ? 7.780   -2.747  7.397   1.00 20.49 ? 87  ASN B CG  1 
ATOM   1263 O OD1 . ASN B 1 87 ? 6.688   -2.550  7.933   1.00 25.79 ? 87  ASN B OD1 1 
ATOM   1264 N ND2 . ASN B 1 87 ? 8.037   -2.396  6.143   1.00 22.95 ? 87  ASN B ND2 1 
ATOM   1265 N N   . THR B 1 88 ? 11.488  -4.903  8.908   1.00 14.67 ? 88  THR B N   1 
ATOM   1266 C CA  . THR B 1 88 ? 12.704  -5.012  9.703   1.00 15.02 ? 88  THR B CA  1 
ATOM   1267 C C   . THR B 1 88 ? 13.920  -5.373  8.857   1.00 15.17 ? 88  THR B C   1 
ATOM   1268 O O   . THR B 1 88 ? 14.997  -4.807  9.039   1.00 15.42 ? 88  THR B O   1 
ATOM   1269 C CB  . THR B 1 88 ? 12.532  -6.060  10.820  1.00 15.64 ? 88  THR B CB  1 
ATOM   1270 O OG1 . THR B 1 88 ? 11.447  -5.672  11.674  1.00 17.35 ? 88  THR B OG1 1 
ATOM   1271 C CG2 . THR B 1 88 ? 13.801  -6.168  11.649  1.00 13.81 ? 88  THR B CG2 1 
ATOM   1272 N N   . LEU B 1 89 ? 13.749  -6.316  7.935   1.00 14.94 ? 89  LEU B N   1 
ATOM   1273 C CA  . LEU B 1 89 ? 14.848  -6.727  7.068   1.00 13.57 ? 89  LEU B CA  1 
ATOM   1274 C C   . LEU B 1 89 ? 15.330  -5.559  6.215   1.00 15.69 ? 89  LEU B C   1 
ATOM   1275 O O   . LEU B 1 89 ? 16.535  -5.364  6.043   1.00 15.20 ? 89  LEU B O   1 
ATOM   1276 C CB  . LEU B 1 89 ? 14.407  -7.890  6.172   1.00 12.91 ? 89  LEU B CB  1 
ATOM   1277 C CG  . LEU B 1 89 ? 14.211  -9.222  6.899   1.00 12.05 ? 89  LEU B CG  1 
ATOM   1278 C CD1 . LEU B 1 89 ? 13.511  -10.212 5.978   1.00 12.05 ? 89  LEU B CD1 1 
ATOM   1279 C CD2 . LEU B 1 89 ? 15.571  -9.764  7.347   1.00 14.03 ? 89  LEU B CD2 1 
ATOM   1280 N N   . ILE B 1 90 ? 14.391  -4.778  5.688   1.00 16.33 ? 90  ILE B N   1 
ATOM   1281 C CA  . ILE B 1 90 ? 14.751  -3.634  4.862   1.00 17.46 ? 90  ILE B CA  1 
ATOM   1282 C C   . ILE B 1 90 ? 15.492  -2.605  5.708   1.00 17.82 ? 90  ILE B C   1 
ATOM   1283 O O   . ILE B 1 90 ? 16.434  -1.971  5.237   1.00 18.77 ? 90  ILE B O   1 
ATOM   1284 C CB  . ILE B 1 90 ? 13.501  -2.990  4.221   1.00 17.04 ? 90  ILE B CB  1 
ATOM   1285 C CG1 . ILE B 1 90 ? 12.929  -3.932  3.159   1.00 19.75 ? 90  ILE B CG1 1 
ATOM   1286 C CG2 . ILE B 1 90 ? 13.866  -1.645  3.600   1.00 18.87 ? 90  ILE B CG2 1 
ATOM   1287 C CD1 . ILE B 1 90 ? 11.589  -3.492  2.592   1.00 19.49 ? 90  ILE B CD1 1 
ATOM   1288 N N   . SER B 1 91 ? 15.076  -2.456  6.960   1.00 18.80 ? 91  SER B N   1 
ATOM   1289 C CA  . SER B 1 91 ? 15.724  -1.512  7.866   1.00 20.52 ? 91  SER B CA  1 
ATOM   1290 C C   . SER B 1 91 ? 17.160  -1.949  8.134   1.00 20.15 ? 91  SER B C   1 
ATOM   1291 O O   . SER B 1 91 ? 18.078  -1.129  8.157   1.00 21.07 ? 91  SER B O   1 
ATOM   1292 C CB  . SER B 1 91 ? 14.960  -1.428  9.191   1.00 21.80 ? 91  SER B CB  1 
ATOM   1293 O OG  . SER B 1 91 ? 13.687  -0.828  9.017   1.00 27.50 ? 91  SER B OG  1 
ATOM   1294 N N   . ILE B 1 92 ? 17.350  -3.249  8.331   1.00 18.73 ? 92  ILE B N   1 
ATOM   1295 C CA  . ILE B 1 92 ? 18.676  -3.796  8.602   1.00 18.27 ? 92  ILE B CA  1 
ATOM   1296 C C   . ILE B 1 92 ? 19.584  -3.667  7.383   1.00 19.30 ? 92  ILE B C   1 
ATOM   1297 O O   . ILE B 1 92 ? 20.726  -3.215  7.493   1.00 19.81 ? 92  ILE B O   1 
ATOM   1298 C CB  . ILE B 1 92 ? 18.583  -5.284  9.007   1.00 17.21 ? 92  ILE B CB  1 
ATOM   1299 C CG1 . ILE B 1 92 ? 17.790  -5.407  10.307  1.00 17.58 ? 92  ILE B CG1 1 
ATOM   1300 C CG2 . ILE B 1 92 ? 19.982  -5.876  9.181   1.00 19.59 ? 92  ILE B CG2 1 
ATOM   1301 C CD1 . ILE B 1 92 ? 17.476  -6.838  10.706  1.00 15.63 ? 92  ILE B CD1 1 
ATOM   1302 N N   . LEU B 1 93 ? 19.070  -4.057  6.221   1.00 19.11 ? 93  LEU B N   1 
ATOM   1303 C CA  . LEU B 1 93 ? 19.841  -3.994  4.985   1.00 20.84 ? 93  LEU B CA  1 
ATOM   1304 C C   . LEU B 1 93 ? 20.263  -2.560  4.673   1.00 22.32 ? 93  LEU B C   1 
ATOM   1305 O O   . LEU B 1 93 ? 21.404  -2.312  4.285   1.00 23.06 ? 93  LEU B O   1 
ATOM   1306 C CB  . LEU B 1 93 ? 19.021  -4.569  3.825   1.00 19.69 ? 93  LEU B CB  1 
ATOM   1307 C CG  . LEU B 1 93 ? 19.729  -4.703  2.474   1.00 19.82 ? 93  LEU B CG  1 
ATOM   1308 C CD1 . LEU B 1 93 ? 20.978  -5.562  2.630   1.00 20.88 ? 93  LEU B CD1 1 
ATOM   1309 C CD2 . LEU B 1 93 ? 18.775  -5.321  1.460   1.00 21.07 ? 93  LEU B CD2 1 
ATOM   1310 N N   . GLY B 1 94 ? 19.340  -1.618  4.842   1.00 23.71 ? 94  GLY B N   1 
ATOM   1311 C CA  . GLY B 1 94 ? 19.656  -0.224  4.581   1.00 25.19 ? 94  GLY B CA  1 
ATOM   1312 C C   . GLY B 1 94 ? 19.206  0.284   3.225   1.00 25.90 ? 94  GLY B C   1 
ATOM   1313 O O   . GLY B 1 94 ? 19.352  1.471   2.923   1.00 27.58 ? 94  GLY B O   1 
ATOM   1314 N N   . PHE B 1 95 ? 18.670  -0.608  2.400   1.00 26.21 ? 95  PHE B N   1 
ATOM   1315 C CA  . PHE B 1 95 ? 18.189  -0.233  1.076   1.00 26.45 ? 95  PHE B CA  1 
ATOM   1316 C C   . PHE B 1 95 ? 17.286  -1.323  0.517   1.00 27.74 ? 95  PHE B C   1 
ATOM   1317 O O   . PHE B 1 95 ? 17.159  -2.399  1.104   1.00 25.55 ? 95  PHE B O   1 
ATOM   1318 C CB  . PHE B 1 95 ? 19.359  -0.013  0.110   1.00 25.80 ? 95  PHE B CB  1 
ATOM   1319 C CG  . PHE B 1 95 ? 20.203  -1.239  -0.114  1.00 25.18 ? 95  PHE B CG  1 
ATOM   1320 C CD1 . PHE B 1 95 ? 21.194  -1.593  0.793   1.00 25.53 ? 95  PHE B CD1 1 
ATOM   1321 C CD2 . PHE B 1 95 ? 19.992  -2.049  -1.225  1.00 23.37 ? 95  PHE B CD2 1 
ATOM   1322 C CE1 . PHE B 1 95 ? 21.966  -2.739  0.597   1.00 25.87 ? 95  PHE B CE1 1 
ATOM   1323 C CE2 . PHE B 1 95 ? 20.756  -3.196  -1.431  1.00 24.00 ? 95  PHE B CE2 1 
ATOM   1324 C CZ  . PHE B 1 95 ? 21.747  -3.542  -0.517  1.00 24.20 ? 95  PHE B CZ  1 
ATOM   1325 N N   . ILE B 1 96 ? 16.658  -1.032  -0.618  1.00 30.07 ? 96  ILE B N   1 
ATOM   1326 C CA  . ILE B 1 96 ? 15.779  -1.986  -1.280  1.00 33.39 ? 96  ILE B CA  1 
ATOM   1327 C C   . ILE B 1 96 ? 16.544  -2.612  -2.439  1.00 34.68 ? 96  ILE B C   1 
ATOM   1328 O O   . ILE B 1 96 ? 16.993  -1.911  -3.347  1.00 35.66 ? 96  ILE B O   1 
ATOM   1329 C CB  . ILE B 1 96 ? 14.517  -1.303  -1.850  1.00 35.03 ? 96  ILE B CB  1 
ATOM   1330 C CG1 . ILE B 1 96 ? 13.730  -0.630  -0.723  1.00 35.49 ? 96  ILE B CG1 1 
ATOM   1331 C CG2 . ILE B 1 96 ? 13.655  -2.330  -2.571  1.00 36.51 ? 96  ILE B CG2 1 
ATOM   1332 C CD1 . ILE B 1 96 ? 13.232  -1.589  0.334   1.00 36.39 ? 96  ILE B CD1 1 
ATOM   1333 N N   . PRO B 1 97 ? 16.711  -3.943  -2.419  1.00 36.36 ? 97  PRO B N   1 
ATOM   1334 C CA  . PRO B 1 97 ? 17.433  -4.636  -3.491  1.00 37.90 ? 97  PRO B CA  1 
ATOM   1335 C C   . PRO B 1 97 ? 16.666  -4.644  -4.813  1.00 39.46 ? 97  PRO B C   1 
ATOM   1336 O O   . PRO B 1 97 ? 15.683  -5.368  -4.968  1.00 41.25 ? 97  PRO B O   1 
ATOM   1337 C CB  . PRO B 1 97 ? 17.632  -6.037  -2.918  1.00 38.10 ? 97  PRO B CB  1 
ATOM   1338 C CG  . PRO B 1 97 ? 16.408  -6.219  -2.068  1.00 37.86 ? 97  PRO B CG  1 
ATOM   1339 C CD  . PRO B 1 97 ? 16.296  -4.886  -1.367  1.00 36.06 ? 97  PRO B CD  1 
ATOM   1340 N N   . LYS B 1 98 ? 17.118  -3.828  -5.760  1.00 40.04 ? 98  LYS B N   1 
ATOM   1341 C CA  . LYS B 1 98 ? 16.480  -3.744  -7.069  1.00 40.50 ? 98  LYS B CA  1 
ATOM   1342 C C   . LYS B 1 98 ? 17.165  -4.699  -8.042  1.00 40.25 ? 98  LYS B C   1 
ATOM   1343 O O   . LYS B 1 98 ? 18.280  -4.443  -8.495  1.00 40.78 ? 98  LYS B O   1 
ATOM   1344 C CB  . LYS B 1 98 ? 16.552  -2.314  -7.598  1.00 40.95 ? 98  LYS B CB  1 
ATOM   1345 N N   . VAL B 1 99 ? 16.493  -5.803  -8.354  1.00 40.31 ? 99  VAL B N   1 
ATOM   1346 C CA  . VAL B 1 99 ? 17.036  -6.801  -9.265  1.00 39.10 ? 99  VAL B CA  1 
ATOM   1347 C C   . VAL B 1 99 ? 16.533  -6.573  -10.688 1.00 39.57 ? 99  VAL B C   1 
ATOM   1348 O O   . VAL B 1 99 ? 17.377  -6.410  -11.598 1.00 40.00 ? 99  VAL B O   1 
ATOM   1349 C CB  . VAL B 1 99 ? 16.654  -8.200  -8.792  1.00 38.62 ? 99  VAL B CB  1 
HETATM 1350 O O   . HOH C 2 .  ? -1.273  -8.091  -6.142  1.00 15.43 ? 103 HOH A O   1 
HETATM 1351 O O   . HOH C 2 .  ? -2.784  11.594  -5.564  1.00 14.54 ? 104 HOH A O   1 
HETATM 1352 O O   . HOH C 2 .  ? -12.126 14.896  -9.992  1.00 15.41 ? 105 HOH A O   1 
HETATM 1353 O O   . HOH C 2 .  ? -5.286  17.308  -8.428  1.00 13.59 ? 106 HOH A O   1 
HETATM 1354 O O   . HOH C 2 .  ? -16.146 29.452  -5.755  1.00 14.32 ? 107 HOH A O   1 
HETATM 1355 O O   . HOH C 2 .  ? 1.114   3.917   -12.701 1.00 19.29 ? 108 HOH A O   1 
HETATM 1356 O O   . HOH C 2 .  ? -8.442  28.286  -6.654  1.00 15.77 ? 109 HOH A O   1 
HETATM 1357 O O   . HOH C 2 .  ? -6.867  -9.261  2.296   1.00 18.30 ? 110 HOH A O   1 
HETATM 1358 O O   . HOH C 2 .  ? -10.005 26.546  -8.249  1.00 15.62 ? 111 HOH A O   1 
HETATM 1359 O O   . HOH C 2 .  ? -15.330 25.863  1.958   1.00 20.85 ? 112 HOH A O   1 
HETATM 1360 O O   . HOH C 2 .  ? -1.422  -9.405  -12.994 1.00 17.07 ? 113 HOH A O   1 
HETATM 1361 O O   . HOH C 2 .  ? 5.461   -11.688 -8.840  1.00 19.93 ? 114 HOH A O   1 
HETATM 1362 O O   . HOH C 2 .  ? -11.119 34.204  -5.592  1.00 17.76 ? 115 HOH A O   1 
HETATM 1363 O O   . HOH C 2 .  ? 11.052  -8.530  -12.342 1.00 20.82 ? 116 HOH A O   1 
HETATM 1364 O O   . HOH C 2 .  ? -1.741  6.188   -10.624 1.00 17.00 ? 117 HOH A O   1 
HETATM 1365 O O   . HOH C 2 .  ? -9.246  -7.104  -9.737  1.00 22.32 ? 118 HOH A O   1 
HETATM 1366 O O   . HOH C 2 .  ? -13.799 22.122  0.008   1.00 18.34 ? 119 HOH A O   1 
HETATM 1367 O O   . HOH C 2 .  ? 7.394   -4.869  -18.954 1.00 22.22 ? 120 HOH A O   1 
HETATM 1368 O O   . HOH C 2 .  ? -7.291  9.164   -0.308  1.00 28.08 ? 121 HOH A O   1 
HETATM 1369 O O   . HOH C 2 .  ? -9.871  20.758  -11.184 1.00 22.15 ? 122 HOH A O   1 
HETATM 1370 O O   . HOH C 2 .  ? 2.470   -3.589  3.137   1.00 27.71 ? 123 HOH A O   1 
HETATM 1371 O O   . HOH C 2 .  ? -6.153  17.542  -10.957 1.00 23.93 ? 124 HOH A O   1 
HETATM 1372 O O   . HOH C 2 .  ? 0.372   6.750   -12.661 1.00 27.53 ? 125 HOH A O   1 
HETATM 1373 O O   . HOH C 2 .  ? 8.561   -2.613  -16.125 1.00 21.62 ? 126 HOH A O   1 
HETATM 1374 O O   . HOH C 2 .  ? -12.460 35.720  2.299   1.00 24.42 ? 127 HOH A O   1 
HETATM 1375 O O   . HOH C 2 .  ? -5.087  -18.274 -3.897  1.00 26.78 ? 128 HOH A O   1 
HETATM 1376 O O   . HOH C 2 .  ? 7.898   -8.354  -17.525 1.00 25.43 ? 129 HOH A O   1 
HETATM 1377 O O   . HOH C 2 .  ? -11.351 -1.590  -1.380  1.00 29.49 ? 130 HOH A O   1 
HETATM 1378 O O   . HOH C 2 .  ? -9.425  36.008  1.175   1.00 30.17 ? 131 HOH A O   1 
HETATM 1379 O O   . HOH C 2 .  ? -14.980 22.526  -13.067 1.00 30.27 ? 132 HOH A O   1 
HETATM 1380 O O   . HOH C 2 .  ? -0.879  -5.428  2.438   1.00 26.19 ? 133 HOH A O   1 
HETATM 1381 O O   . HOH C 2 .  ? 13.501  -5.843  -7.916  1.00 33.86 ? 134 HOH A O   1 
HETATM 1382 O O   . HOH C 2 .  ? -16.596 34.785  0.751   1.00 29.45 ? 135 HOH A O   1 
HETATM 1383 O O   . HOH C 2 .  ? -12.869 33.066  7.086   1.00 32.76 ? 136 HOH A O   1 
HETATM 1384 O O   . HOH C 2 .  ? 9.777   2.100   1.973   1.00 32.10 ? 137 HOH A O   1 
HETATM 1385 O O   . HOH C 2 .  ? -15.652 25.236  -12.154 1.00 27.49 ? 138 HOH A O   1 
HETATM 1386 O O   . HOH C 2 .  ? -3.714  -3.583  4.249   1.00 31.50 ? 139 HOH A O   1 
HETATM 1387 O O   . HOH C 2 .  ? -23.270 28.261  -0.304  1.00 26.21 ? 140 HOH A O   1 
HETATM 1388 O O   . HOH C 2 .  ? -11.513 -5.767  3.799   1.00 33.21 ? 141 HOH A O   1 
HETATM 1389 O O   . HOH C 2 .  ? -19.576 32.967  -3.857  1.00 32.67 ? 142 HOH A O   1 
HETATM 1390 O O   . HOH C 2 .  ? -2.509  3.400   3.465   1.00 30.07 ? 143 HOH A O   1 
HETATM 1391 O O   . HOH C 2 .  ? 12.409  -0.642  -10.543 1.00 33.10 ? 144 HOH A O   1 
HETATM 1392 O O   . HOH C 2 .  ? 3.294   9.144   -13.965 1.00 35.29 ? 145 HOH A O   1 
HETATM 1393 O O   . HOH C 2 .  ? 4.170   2.315   -15.559 1.00 28.30 ? 146 HOH A O   1 
HETATM 1394 O O   . HOH C 2 .  ? -10.002 20.787  1.877   1.00 30.34 ? 147 HOH A O   1 
HETATM 1395 O O   . HOH C 2 .  ? -11.695 20.319  -12.987 1.00 35.87 ? 148 HOH A O   1 
HETATM 1396 O O   . HOH C 2 .  ? 8.357   4.187   -13.736 1.00 34.87 ? 149 HOH A O   1 
HETATM 1397 O O   . HOH C 2 .  ? 5.429   14.474  -10.736 1.00 29.83 ? 150 HOH A O   1 
HETATM 1398 O O   . HOH C 2 .  ? 10.016  -6.522  -16.545 1.00 32.28 ? 151 HOH A O   1 
HETATM 1399 O O   . HOH C 2 .  ? -16.947 35.147  7.357   1.00 44.52 ? 152 HOH A O   1 
HETATM 1400 O O   . HOH C 2 .  ? -8.069  13.320  -15.026 1.00 37.62 ? 153 HOH A O   1 
HETATM 1401 O O   . HOH C 2 .  ? -3.174  25.552  -10.937 1.00 35.20 ? 154 HOH A O   1 
HETATM 1402 O O   . HOH C 2 .  ? 13.601  -4.247  -10.764 1.00 36.97 ? 155 HOH A O   1 
HETATM 1403 O O   . HOH C 2 .  ? -5.466  7.634   0.841   1.00 38.62 ? 156 HOH A O   1 
HETATM 1404 O O   . HOH C 2 .  ? -12.545 -4.847  0.964   1.00 39.27 ? 157 HOH A O   1 
HETATM 1405 O O   . HOH C 2 .  ? -6.844  18.643  -1.054  1.00 32.12 ? 158 HOH A O   1 
HETATM 1406 O O   . HOH C 2 .  ? -6.161  32.940  2.280   1.00 38.05 ? 159 HOH A O   1 
HETATM 1407 O O   . HOH C 2 .  ? -5.332  15.813  -13.733 1.00 41.35 ? 160 HOH A O   1 
HETATM 1408 O O   . HOH C 2 .  ? -8.327  6.791   1.086   1.00 46.26 ? 161 HOH A O   1 
HETATM 1409 O O   . HOH C 2 .  ? -0.615  10.587  -14.428 1.00 36.83 ? 162 HOH A O   1 
HETATM 1410 O O   . HOH C 2 .  ? 10.384  8.910   -7.945  1.00 47.56 ? 163 HOH A O   1 
HETATM 1411 O O   . HOH C 2 .  ? -12.541 1.277   -2.030  1.00 40.25 ? 164 HOH A O   1 
HETATM 1412 O O   . HOH C 2 .  ? 0.556   1.057   6.892   1.00 37.95 ? 165 HOH A O   1 
HETATM 1413 O O   . HOH C 2 .  ? 12.328  5.575   -12.609 1.00 48.11 ? 166 HOH A O   1 
HETATM 1414 O O   . HOH C 2 .  ? 6.652   11.238  -3.206  1.00 45.85 ? 167 HOH A O   1 
HETATM 1415 O O   . HOH C 2 .  ? 1.884   12.389  0.290   1.00 40.09 ? 168 HOH A O   1 
HETATM 1416 O O   . HOH C 2 .  ? -20.497 25.447  5.968   1.00 47.46 ? 169 HOH A O   1 
HETATM 1417 O O   . HOH C 2 .  ? 0.811   -4.994  4.563   1.00 36.02 ? 170 HOH A O   1 
HETATM 1418 O O   . HOH C 2 .  ? 6.099   7.502   4.537   1.00 57.72 ? 171 HOH A O   1 
HETATM 1419 O O   . HOH C 2 .  ? 7.019   4.363   -17.357 1.00 48.48 ? 172 HOH A O   1 
HETATM 1420 O O   . HOH C 2 .  ? -0.485  3.339   5.898   1.00 57.07 ? 173 HOH A O   1 
HETATM 1421 O O   . HOH C 2 .  ? -1.404  3.603   -11.564 1.00 17.73 ? 174 HOH A O   1 
HETATM 1422 O O   . HOH C 2 .  ? -16.088 31.276  -8.046  1.00 18.08 ? 175 HOH A O   1 
HETATM 1423 O O   . HOH C 2 .  ? 7.228   -12.022 -6.832  1.00 20.01 ? 176 HOH A O   1 
HETATM 1424 O O   . HOH C 2 .  ? -16.028 23.468  2.731   1.00 20.85 ? 177 HOH A O   1 
HETATM 1425 O O   . HOH C 2 .  ? -13.606 27.610  -12.831 1.00 26.67 ? 178 HOH A O   1 
HETATM 1426 O O   . HOH C 2 .  ? 0.771   -4.907  7.412   1.00 26.24 ? 179 HOH A O   1 
HETATM 1427 O O   . HOH C 2 .  ? -4.318  6.395   -11.613 1.00 23.03 ? 180 HOH A O   1 
HETATM 1428 O O   . HOH C 2 .  ? -6.327  7.752   -10.346 1.00 26.93 ? 181 HOH A O   1 
HETATM 1429 O O   . HOH C 2 .  ? -9.401  27.005  -10.683 1.00 25.59 ? 182 HOH A O   1 
HETATM 1430 O O   . HOH C 2 .  ? -3.015  -6.979  1.934   1.00 25.27 ? 183 HOH A O   1 
HETATM 1431 O O   . HOH C 2 .  ? -4.884  -5.902  3.715   1.00 31.71 ? 184 HOH A O   1 
HETATM 1432 O O   . HOH C 2 .  ? -14.952 30.521  -13.831 1.00 29.22 ? 185 HOH A O   1 
HETATM 1433 O O   . HOH C 2 .  ? -18.166 25.009  -12.783 1.00 31.62 ? 186 HOH A O   1 
HETATM 1434 O O   . HOH C 2 .  ? -21.810 29.297  1.714   1.00 24.93 ? 187 HOH A O   1 
HETATM 1435 O O   . HOH C 2 .  ? -20.119 31.645  -6.036  1.00 31.23 ? 188 HOH A O   1 
HETATM 1436 O O   . HOH C 2 .  ? 7.546   -2.178  -19.543 1.00 36.96 ? 189 HOH A O   1 
HETATM 1437 O O   . HOH C 2 .  ? 0.324   28.381  -4.868  1.00 39.93 ? 190 HOH A O   1 
HETATM 1438 O O   . HOH C 2 .  ? 5.172   1.663   -17.971 1.00 35.59 ? 191 HOH A O   1 
HETATM 1439 O O   . HOH C 2 .  ? -7.452  17.312  1.184   1.00 36.06 ? 192 HOH A O   1 
HETATM 1440 O O   . HOH C 2 .  ? -23.462 31.446  2.967   1.00 31.62 ? 193 HOH A O   1 
HETATM 1441 O O   . HOH C 2 .  ? 1.864   8.002   -15.933 1.00 49.61 ? 194 HOH A O   1 
HETATM 1442 O O   . HOH C 2 .  ? 9.264   -6.209  -20.556 1.00 31.56 ? 195 HOH A O   1 
HETATM 1443 O O   . HOH C 2 .  ? 13.971  2.918   -7.881  1.00 46.28 ? 196 HOH A O   1 
HETATM 1444 O O   . HOH C 2 .  ? -9.379  17.968  -11.595 1.00 35.12 ? 197 HOH A O   1 
HETATM 1445 O O   . HOH C 2 .  ? 5.398   -14.304 -9.793  1.00 45.86 ? 198 HOH A O   1 
HETATM 1446 O O   . HOH C 2 .  ? -10.763 13.443  -14.042 1.00 42.51 ? 199 HOH A O   1 
HETATM 1447 O O   . HOH C 2 .  ? -2.035  8.771   2.881   1.00 38.14 ? 200 HOH A O   1 
HETATM 1448 O O   . HOH C 2 .  ? 5.082   -13.753 -12.903 1.00 42.04 ? 201 HOH A O   1 
HETATM 1449 O O   . HOH C 2 .  ? 13.774  -4.859  -16.471 1.00 47.00 ? 202 HOH A O   1 
HETATM 1450 O O   . HOH C 2 .  ? -11.789 16.174  -12.453 1.00 47.72 ? 203 HOH A O   1 
HETATM 1451 O O   . HOH C 2 .  ? -1.069  -1.279  8.130   1.00 49.49 ? 204 HOH A O   1 
HETATM 1452 O O   . HOH C 2 .  ? -12.427 35.655  6.225   1.00 43.87 ? 205 HOH A O   1 
HETATM 1453 O O   . HOH C 2 .  ? 10.761  3.010   -13.782 1.00 47.40 ? 206 HOH A O   1 
HETATM 1454 O O   . HOH C 2 .  ? 8.093   -8.695  -20.133 1.00 39.13 ? 207 HOH A O   1 
HETATM 1455 O O   . HOH C 2 .  ? 4.395   13.938  -13.214 1.00 51.34 ? 208 HOH A O   1 
HETATM 1456 O O   . HOH C 2 .  ? -15.469 18.631  -14.596 1.00 39.90 ? 209 HOH A O   1 
HETATM 1457 O O   . HOH C 2 .  ? -10.771 -2.901  1.087   1.00 45.37 ? 210 HOH A O   1 
HETATM 1458 O O   . HOH C 2 .  ? 10.744  4.774   1.755   1.00 52.55 ? 211 HOH A O   1 
HETATM 1459 O O   . HOH C 2 .  ? -7.266  20.892  3.091   1.00 50.20 ? 212 HOH A O   1 
HETATM 1460 O O   . HOH C 2 .  ? -11.797 23.965  9.065   1.00 49.23 ? 213 HOH A O   1 
HETATM 1461 O O   . HOH C 2 .  ? 10.069  -5.840  -5.932  1.00 24.38 ? 214 HOH A O   1 
HETATM 1462 O O   . HOH C 2 .  ? -4.873  20.598  -1.269  1.00 44.50 ? 215 HOH A O   1 
HETATM 1463 O O   . HOH C 2 .  ? 8.004   -12.827 -12.293 1.00 37.04 ? 216 HOH A O   1 
HETATM 1464 O O   . HOH C 2 .  ? 4.330   -1.219  2.163   1.00 32.15 ? 217 HOH A O   1 
HETATM 1465 O O   . HOH C 2 .  ? -25.330 29.523  -1.240  1.00 37.41 ? 218 HOH A O   1 
HETATM 1466 O O   . HOH C 2 .  ? 9.830   7.415   -3.223  1.00 40.50 ? 219 HOH A O   1 
HETATM 1467 O O   . HOH C 2 .  ? 9.429   -5.182  -23.420 1.00 38.46 ? 220 HOH A O   1 
HETATM 1468 O O   . HOH C 2 .  ? -12.747 26.128  -15.264 1.00 43.28 ? 221 HOH A O   1 
HETATM 1469 O O   . HOH C 2 .  ? -6.833  19.090  5.925   1.00 48.90 ? 222 HOH A O   1 
HETATM 1470 O O   . HOH C 2 .  ? 2.273   12.358  -13.875 1.00 46.92 ? 223 HOH A O   1 
HETATM 1471 O O   . HOH C 2 .  ? 7.980   1.713   3.897   1.00 46.55 ? 224 HOH A O   1 
HETATM 1472 O O   . HOH C 2 .  ? -5.028  16.384  2.428   1.00 49.82 ? 225 HOH A O   1 
HETATM 1473 O O   . HOH D 2 .  ? 3.330   -10.182 4.175   1.00 11.33 ? 103 HOH B O   1 
HETATM 1474 O O   . HOH D 2 .  ? -1.783  -14.870 3.354   1.00 13.90 ? 104 HOH B O   1 
HETATM 1475 O O   . HOH D 2 .  ? -2.076  -17.077 10.684  1.00 13.13 ? 105 HOH B O   1 
HETATM 1476 O O   . HOH D 2 .  ? -8.427  -8.061  -5.735  1.00 14.27 ? 106 HOH B O   1 
HETATM 1477 O O   . HOH D 2 .  ? -11.160 -18.611 3.498   1.00 15.86 ? 107 HOH B O   1 
HETATM 1478 O O   . HOH D 2 .  ? -17.203 -18.529 7.682   1.00 14.71 ? 108 HOH B O   1 
HETATM 1479 O O   . HOH D 2 .  ? 13.458  -14.548 3.263   1.00 14.65 ? 109 HOH B O   1 
HETATM 1480 O O   . HOH D 2 .  ? -10.100 -21.130 2.700   1.00 20.32 ? 110 HOH B O   1 
HETATM 1481 O O   . HOH D 2 .  ? 10.696  -15.228 2.802   1.00 18.62 ? 111 HOH B O   1 
HETATM 1482 O O   . HOH D 2 .  ? -17.611 -21.514 6.904   1.00 19.95 ? 112 HOH B O   1 
HETATM 1483 O O   . HOH D 2 .  ? 1.205   -9.204  -5.921  1.00 16.20 ? 113 HOH B O   1 
HETATM 1484 O O   . HOH D 2 .  ? 22.187  -7.284  11.870  1.00 22.85 ? 114 HOH B O   1 
HETATM 1485 O O   . HOH D 2 .  ? -10.963 -16.487 -4.727  1.00 18.50 ? 115 HOH B O   1 
HETATM 1486 O O   . HOH D 2 .  ? -12.592 -17.968 1.265   1.00 17.04 ? 116 HOH B O   1 
HETATM 1487 O O   . HOH D 2 .  ? 11.221  -10.277 -4.706  1.00 18.59 ? 117 HOH B O   1 
HETATM 1488 O O   . HOH D 2 .  ? 7.718   -7.338  -6.005  1.00 20.78 ? 118 HOH B O   1 
HETATM 1489 O O   . HOH D 2 .  ? -4.440  -9.199  0.952   1.00 17.08 ? 119 HOH B O   1 
HETATM 1490 O O   . HOH D 2 .  ? 9.830   -13.674 5.065   1.00 16.87 ? 120 HOH B O   1 
HETATM 1491 O O   . HOH D 2 .  ? 2.570   -5.524  9.577   1.00 21.38 ? 121 HOH B O   1 
HETATM 1492 O O   . HOH D 2 .  ? -5.554  -19.535 5.973   1.00 16.19 ? 122 HOH B O   1 
HETATM 1493 O O   . HOH D 2 .  ? -8.135  -21.680 13.670  1.00 21.01 ? 123 HOH B O   1 
HETATM 1494 O O   . HOH D 2 .  ? -5.175  -21.320 8.019   1.00 27.55 ? 124 HOH B O   1 
HETATM 1495 O O   . HOH D 2 .  ? -12.790 -21.939 1.963   1.00 23.03 ? 125 HOH B O   1 
HETATM 1496 O O   . HOH D 2 .  ? -12.035 -6.401  -4.709  1.00 21.41 ? 126 HOH B O   1 
HETATM 1497 O O   . HOH D 2 .  ? 22.990  -15.158 -1.110  1.00 21.46 ? 127 HOH B O   1 
HETATM 1498 O O   . HOH D 2 .  ? 18.209  -12.665 18.018  1.00 26.44 ? 128 HOH B O   1 
HETATM 1499 O O   . HOH D 2 .  ? -16.999 -9.641  8.163   1.00 30.66 ? 129 HOH B O   1 
HETATM 1500 O O   . HOH D 2 .  ? 28.456  -10.281 0.560   1.00 27.22 ? 130 HOH B O   1 
HETATM 1501 O O   . HOH D 2 .  ? -5.500  -23.051 12.227  1.00 26.70 ? 131 HOH B O   1 
HETATM 1502 O O   . HOH D 2 .  ? 5.591   -13.403 -5.018  1.00 29.08 ? 132 HOH B O   1 
HETATM 1503 O O   . HOH D 2 .  ? -8.200  -22.944 10.250  1.00 29.23 ? 133 HOH B O   1 
HETATM 1504 O O   . HOH D 2 .  ? -14.993 -8.896  -3.908  1.00 30.65 ? 134 HOH B O   1 
HETATM 1505 O O   . HOH D 2 .  ? 3.743   -12.454 -6.782  1.00 26.68 ? 135 HOH B O   1 
HETATM 1506 O O   . HOH D 2 .  ? 26.053  -7.501  10.320  1.00 30.88 ? 136 HOH B O   1 
HETATM 1507 O O   . HOH D 2 .  ? 0.901   -15.179 -8.479  1.00 25.23 ? 137 HOH B O   1 
HETATM 1508 O O   . HOH D 2 .  ? 27.885  -16.190 1.856   1.00 28.39 ? 138 HOH B O   1 
HETATM 1509 O O   . HOH D 2 .  ? 24.121  -14.176 11.198  1.00 23.58 ? 139 HOH B O   1 
HETATM 1510 O O   . HOH D 2 .  ? -18.619 -21.224 4.347   1.00 39.30 ? 140 HOH B O   1 
HETATM 1511 O O   . HOH D 2 .  ? -11.076 -22.610 9.998   1.00 29.08 ? 141 HOH B O   1 
HETATM 1512 O O   . HOH D 2 .  ? 7.615   -17.904 2.021   1.00 32.10 ? 142 HOH B O   1 
HETATM 1513 O O   . HOH D 2 .  ? 0.217   -16.514 -4.886  1.00 34.81 ? 143 HOH B O   1 
HETATM 1514 O O   . HOH D 2 .  ? -10.706 -7.618  5.884   1.00 29.21 ? 144 HOH B O   1 
HETATM 1515 O O   . HOH D 2 .  ? 28.119  -8.293  18.849  1.00 32.27 ? 145 HOH B O   1 
HETATM 1516 O O   . HOH D 2 .  ? 22.569  -15.639 14.474  1.00 31.62 ? 146 HOH B O   1 
HETATM 1517 O O   . HOH D 2 .  ? 23.657  -11.858 17.903  1.00 41.03 ? 147 HOH B O   1 
HETATM 1518 O O   . HOH D 2 .  ? -18.030 -18.578 -2.069  1.00 31.49 ? 148 HOH B O   1 
HETATM 1519 O O   . HOH D 2 .  ? 11.790  -0.544  6.648   1.00 29.03 ? 149 HOH B O   1 
HETATM 1520 O O   . HOH D 2 .  ? -10.658 -24.756 8.817   1.00 32.87 ? 150 HOH B O   1 
HETATM 1521 O O   . HOH D 2 .  ? 6.863   -6.505  16.919  1.00 40.10 ? 151 HOH B O   1 
HETATM 1522 O O   . HOH D 2 .  ? -20.969 -8.332  12.447  1.00 36.69 ? 152 HOH B O   1 
HETATM 1523 O O   . HOH D 2 .  ? -20.557 -17.236 12.590  1.00 38.15 ? 153 HOH B O   1 
HETATM 1524 O O   . HOH D 2 .  ? 10.930  -6.252  18.883  1.00 30.41 ? 154 HOH B O   1 
HETATM 1525 O O   . HOH D 2 .  ? -14.159 -5.311  3.692   1.00 41.63 ? 155 HOH B O   1 
HETATM 1526 O O   . HOH D 2 .  ? -14.575 -8.028  5.922   1.00 40.13 ? 156 HOH B O   1 
HETATM 1527 O O   . HOH D 2 .  ? 16.594  1.746   -1.894  1.00 46.99 ? 157 HOH B O   1 
HETATM 1528 O O   . HOH D 2 .  ? 18.207  -8.342  -13.689 1.00 34.65 ? 158 HOH B O   1 
HETATM 1529 O O   . HOH D 2 .  ? -5.625  -18.187 -1.298  1.00 28.86 ? 159 HOH B O   1 
HETATM 1530 O O   . HOH D 2 .  ? 24.245  -8.370  6.735   1.00 38.89 ? 160 HOH B O   1 
HETATM 1531 O O   . HOH D 2 .  ? -27.218 -9.518  5.834   1.00 45.93 ? 161 HOH B O   1 
HETATM 1532 O O   . HOH D 2 .  ? 20.736  -5.329  -7.433  1.00 41.06 ? 162 HOH B O   1 
HETATM 1533 O O   . HOH D 2 .  ? 17.772  -5.323  -13.983 1.00 44.79 ? 163 HOH B O   1 
HETATM 1534 O O   . HOH D 2 .  ? 19.959  -4.141  -5.175  1.00 53.99 ? 164 HOH B O   1 
HETATM 1535 O O   . HOH D 2 .  ? 10.026  -16.320 -1.213  1.00 39.78 ? 165 HOH B O   1 
HETATM 1536 O O   . HOH D 2 .  ? 14.958  1.997   9.831   1.00 53.66 ? 166 HOH B O   1 
HETATM 1537 O O   . HOH D 2 .  ? 12.485  -14.047 5.780   1.00 15.38 ? 167 HOH B O   1 
HETATM 1538 O O   . HOH D 2 .  ? 8.581   -9.933  -5.341  1.00 18.20 ? 168 HOH B O   1 
HETATM 1539 O O   . HOH D 2 .  ? 2.730   -15.712 11.044  1.00 24.14 ? 169 HOH B O   1 
HETATM 1540 O O   . HOH D 2 .  ? -10.232 -8.563  -7.642  1.00 25.52 ? 170 HOH B O   1 
HETATM 1541 O O   . HOH D 2 .  ? -13.402 -16.032 -5.753  1.00 24.78 ? 171 HOH B O   1 
HETATM 1542 O O   . HOH D 2 .  ? -12.623 -7.484  -7.370  1.00 30.15 ? 172 HOH B O   1 
HETATM 1543 O O   . HOH D 2 .  ? -1.492  -17.566 3.822   1.00 24.80 ? 173 HOH B O   1 
HETATM 1544 O O   . HOH D 2 .  ? 11.909  -12.230 -6.400  1.00 26.46 ? 174 HOH B O   1 
HETATM 1545 O O   . HOH D 2 .  ? -10.139 -23.075 12.788  1.00 27.77 ? 175 HOH B O   1 
HETATM 1546 O O   . HOH D 2 .  ? -13.217 -9.743  7.405   1.00 33.62 ? 176 HOH B O   1 
HETATM 1547 O O   . HOH D 2 .  ? -7.407  -21.972 3.330   1.00 31.97 ? 177 HOH B O   1 
HETATM 1548 O O   . HOH D 2 .  ? 16.974  -13.774 -4.150  1.00 37.37 ? 178 HOH B O   1 
HETATM 1549 O O   . HOH D 2 .  ? -15.204 -6.637  -2.675  1.00 34.06 ? 179 HOH B O   1 
HETATM 1550 O O   . HOH D 2 .  ? 16.255  -13.697 20.365  1.00 46.69 ? 180 HOH B O   1 
HETATM 1551 O O   . HOH D 2 .  ? 15.847  0.873   -4.396  1.00 42.75 ? 181 HOH B O   1 
HETATM 1552 O O   . HOH D 2 .  ? 1.080   -20.222 9.773   1.00 38.96 ? 182 HOH B O   1 
HETATM 1553 O O   . HOH D 2 .  ? -6.047  -6.872  6.409   1.00 35.09 ? 183 HOH B O   1 
HETATM 1554 O O   . HOH D 2 .  ? 17.626  -11.152 21.803  1.00 44.87 ? 184 HOH B O   1 
HETATM 1555 O O   . HOH D 2 .  ? -19.693 -21.328 8.978   1.00 38.56 ? 185 HOH B O   1 
HETATM 1556 O O   . HOH D 2 .  ? 20.835  -13.350 18.098  1.00 47.88 ? 186 HOH B O   1 
HETATM 1557 O O   . HOH D 2 .  ? -3.042  -23.767 12.019  1.00 48.12 ? 187 HOH B O   1 
HETATM 1558 O O   . HOH D 2 .  ? -13.192 -14.195 -7.680  1.00 39.37 ? 188 HOH B O   1 
HETATM 1559 O O   . HOH D 2 .  ? 21.236  -15.643 16.681  1.00 33.93 ? 189 HOH B O   1 
HETATM 1560 O O   . HOH D 2 .  ? -13.379 -4.681  -3.245  1.00 41.53 ? 190 HOH B O   1 
HETATM 1561 O O   . HOH D 2 .  ? 0.396   -19.229 -2.452  1.00 46.98 ? 191 HOH B O   1 
HETATM 1562 O O   . HOH D 2 .  ? 22.394  -4.575  11.571  1.00 36.37 ? 192 HOH B O   1 
HETATM 1563 O O   . HOH D 2 .  ? -24.636 -5.722  0.799   1.00 45.54 ? 193 HOH B O   1 
HETATM 1564 O O   . HOH D 2 .  ? -0.787  -19.179 -6.705  1.00 46.97 ? 194 HOH B O   1 
HETATM 1565 O O   . HOH D 2 .  ? -28.818 -11.061 9.304   1.00 44.15 ? 195 HOH B O   1 
HETATM 1566 O O   . HOH D 2 .  ? 12.319  -7.020  21.248  1.00 39.20 ? 196 HOH B O   1 
HETATM 1567 O O   . HOH D 2 .  ? 10.266  -3.207  18.698  1.00 51.01 ? 197 HOH B O   1 
HETATM 1568 O O   . HOH D 2 .  ? 9.778   -12.959 -7.848  1.00 24.83 ? 198 HOH B O   1 
HETATM 1569 O O   . HOH D 2 .  ? 3.099   -18.910 10.753  1.00 32.58 ? 199 HOH B O   1 
HETATM 1570 O O   . HOH D 2 .  ? 23.625  -7.441  9.228   1.00 39.08 ? 200 HOH B O   1 
HETATM 1571 O O   . HOH D 2 .  ? -13.265 -5.748  -9.694  1.00 44.10 ? 201 HOH B O   1 
HETATM 1572 O O   . HOH D 2 .  ? -3.392  -19.281 4.361   1.00 35.19 ? 202 HOH B O   1 
HETATM 1573 O O   . HOH D 2 .  ? -8.950  -25.464 14.101  1.00 48.07 ? 203 HOH B O   1 
HETATM 1574 O O   . HOH D 2 .  ? -14.230 -15.532 -9.715  1.00 44.86 ? 204 HOH B O   1 
HETATM 1575 O O   . HOH D 2 .  ? -7.373  -16.912 -9.045  1.00 47.57 ? 205 HOH B O   1 
HETATM 1576 O O   . HOH D 2 .  ? 2.368   -19.725 -4.327  1.00 44.92 ? 206 HOH B O   1 
HETATM 1577 O O   . HOH D 2 .  ? -3.652  -19.620 1.808   1.00 44.03 ? 207 HOH B O   1 
HETATM 1578 O O   . HOH D 2 .  ? 7.608   -3.274  17.321  1.00 48.30 ? 208 HOH B O   1 
HETATM 1579 O O   . HOH D 2 .  ? -13.947 -2.567  -4.796  1.00 43.06 ? 209 HOH B O   1 
# 
